data_1S6D
#
_entry.id   1S6D
#
_entity_poly.entity_id   1
_entity_poly.type   'polypeptide(L)'
_entity_poly.pdbx_seq_one_letter_code
;PYGRGRTESGCYQQMEEAEMLNHCGMYLMKNLGERSQVSPRMREEDHKQLCCMQLKNLDEKCMCPAIMMMLNEPMWIRMR
DQVMSMAHNLPIECNLMSQPCQM
;
_entity_poly.pdbx_strand_id   A
#
# COMPACT_ATOMS: atom_id res chain seq x y z
N PRO A 1 16.09 -1.21 4.99
CA PRO A 1 14.88 -1.35 4.12
C PRO A 1 13.66 -0.67 4.71
N TYR A 2 13.57 -0.60 6.03
CA TYR A 2 12.47 0.00 6.76
C TYR A 2 12.97 0.71 8.02
N GLY A 3 12.02 1.12 8.84
CA GLY A 3 12.31 1.74 10.11
C GLY A 3 11.38 1.28 11.21
N ARG A 4 11.47 1.89 12.39
CA ARG A 4 10.63 1.54 13.51
C ARG A 4 9.96 2.80 14.07
N GLY A 5 8.65 2.87 13.95
CA GLY A 5 7.90 4.02 14.42
C GLY A 5 6.44 3.65 14.64
N ARG A 6 6.08 3.37 15.90
CA ARG A 6 4.71 3.05 16.26
C ARG A 6 3.94 4.28 16.66
N THR A 7 2.62 4.19 16.59
CA THR A 7 1.74 5.30 16.96
C THR A 7 0.28 4.87 16.84
N GLU A 8 -0.59 5.59 17.54
CA GLU A 8 -2.01 5.31 17.51
C GLU A 8 -2.57 5.48 16.09
N SER A 9 -3.83 5.10 15.93
CA SER A 9 -4.50 5.19 14.65
C SER A 9 -4.44 6.63 14.13
N GLY A 10 -4.05 6.79 12.87
CA GLY A 10 -3.95 8.10 12.28
C GLY A 10 -3.86 7.96 10.80
N CYS A 11 -2.66 8.00 10.22
CA CYS A 11 -2.44 7.92 8.78
C CYS A 11 -3.26 6.81 8.18
N TYR A 12 -3.23 5.61 8.78
CA TYR A 12 -4.08 4.50 8.42
C TYR A 12 -5.53 4.88 8.16
N GLN A 13 -6.13 5.57 9.13
CA GLN A 13 -7.48 6.06 8.99
C GLN A 13 -7.61 7.02 7.80
N GLN A 14 -6.61 7.86 7.57
CA GLN A 14 -6.57 8.71 6.39
C GLN A 14 -6.25 7.95 5.10
N MET A 15 -5.74 6.73 5.23
CA MET A 15 -5.35 5.89 4.14
C MET A 15 -6.57 5.31 3.52
N GLU A 16 -7.41 4.59 4.23
CA GLU A 16 -8.64 4.02 3.69
C GLU A 16 -9.46 5.05 2.92
N GLU A 17 -9.51 6.28 3.45
CA GLU A 17 -10.21 7.37 2.80
C GLU A 17 -9.52 7.79 1.50
N ALA A 18 -8.22 7.58 1.42
CA ALA A 18 -7.42 7.85 0.25
C ALA A 18 -6.58 6.67 -0.13
N GLU A 19 -7.17 5.49 -0.27
CA GLU A 19 -6.50 4.22 -0.55
C GLU A 19 -5.36 4.41 -1.55
N MET A 20 -4.16 4.64 -1.02
CA MET A 20 -3.04 5.08 -1.83
C MET A 20 -2.37 3.80 -2.29
N LEU A 21 -2.20 2.86 -1.36
CA LEU A 21 -1.53 1.62 -1.62
C LEU A 21 -2.58 0.56 -1.75
N ASN A 22 -3.56 0.83 -2.61
CA ASN A 22 -4.62 -0.12 -2.89
C ASN A 22 -4.53 -0.59 -4.33
N HIS A 23 -4.18 0.32 -5.22
CA HIS A 23 -4.09 0.02 -6.63
C HIS A 23 -2.76 -0.61 -6.94
N CYS A 24 -1.68 -0.04 -6.38
CA CYS A 24 -0.36 -0.63 -6.51
C CYS A 24 -0.34 -2.01 -5.88
N GLY A 25 -1.31 -2.33 -5.03
CA GLY A 25 -1.45 -3.64 -4.44
C GLY A 25 -1.97 -4.64 -5.44
N MET A 26 -2.96 -4.29 -6.27
CA MET A 26 -3.53 -5.19 -7.25
C MET A 26 -2.46 -5.71 -8.18
N TYR A 27 -1.54 -4.86 -8.61
CA TYR A 27 -0.43 -5.26 -9.47
C TYR A 27 0.43 -6.35 -8.82
N LEU A 28 0.54 -6.30 -7.50
CA LEU A 28 1.33 -7.26 -6.76
C LEU A 28 0.43 -8.42 -6.36
N MET A 29 -0.87 -8.20 -6.23
CA MET A 29 -1.88 -9.16 -5.89
C MET A 29 -2.50 -9.80 -7.13
N LYS A 30 -1.93 -9.51 -8.29
CA LYS A 30 -2.43 -10.02 -9.54
C LYS A 30 -1.78 -11.36 -9.79
N ASN A 31 -0.67 -11.68 -9.11
CA ASN A 31 -0.06 -12.99 -9.20
C ASN A 31 -0.22 -13.73 -7.89
N LEU A 32 -0.74 -13.06 -6.87
CA LEU A 32 -0.97 -13.67 -5.58
C LEU A 32 -2.26 -14.51 -5.60
N GLY A 33 -3.14 -14.25 -6.56
CA GLY A 33 -4.38 -14.97 -6.71
C GLY A 33 -5.09 -14.55 -7.98
N GLU A 34 -4.61 -15.07 -9.11
CA GLU A 34 -5.23 -14.78 -10.40
C GLU A 34 -4.96 -15.91 -11.37
N ARG A 35 -6.00 -16.37 -12.07
CA ARG A 35 -5.89 -17.43 -13.04
C ARG A 35 -4.86 -17.05 -14.10
N SER A 36 -3.61 -17.48 -13.90
CA SER A 36 -2.53 -17.15 -14.81
C SER A 36 -2.90 -17.60 -16.21
N GLN A 37 -3.63 -18.74 -16.30
CA GLN A 37 -4.14 -19.26 -17.55
C GLN A 37 -4.59 -18.13 -18.48
N VAL A 38 -3.97 -18.07 -19.64
CA VAL A 38 -4.25 -17.02 -20.61
C VAL A 38 -4.19 -17.63 -21.99
N SER A 39 -5.32 -17.59 -22.69
CA SER A 39 -5.38 -18.06 -24.06
C SER A 39 -4.66 -17.10 -25.02
N PRO A 40 -5.07 -15.80 -25.00
CA PRO A 40 -4.49 -14.78 -25.86
C PRO A 40 -3.11 -14.39 -25.37
N ARG A 41 -2.61 -13.26 -25.89
CA ARG A 41 -1.32 -12.74 -25.49
C ARG A 41 -1.25 -12.69 -23.97
N MET A 42 -1.78 -11.62 -23.39
CA MET A 42 -1.68 -11.36 -21.97
C MET A 42 -2.82 -10.46 -21.56
N ARG A 43 -2.71 -9.82 -20.41
CA ARG A 43 -3.68 -8.89 -19.85
C ARG A 43 -3.39 -8.59 -18.40
N GLU A 44 -3.33 -7.30 -18.08
CA GLU A 44 -2.99 -6.85 -16.74
C GLU A 44 -2.73 -5.35 -16.74
N GLU A 45 -3.59 -4.62 -16.04
CA GLU A 45 -3.42 -3.17 -15.90
C GLU A 45 -2.12 -2.81 -15.17
N ASP A 46 -1.94 -1.50 -14.91
CA ASP A 46 -0.76 -1.01 -14.23
C ASP A 46 -1.09 0.31 -13.55
N HIS A 47 -1.26 0.29 -12.24
CA HIS A 47 -1.56 1.49 -11.48
C HIS A 47 -0.39 1.80 -10.58
N LYS A 48 0.66 2.37 -11.15
CA LYS A 48 1.84 2.78 -10.40
C LYS A 48 1.87 4.29 -10.21
N GLN A 49 0.96 4.99 -10.89
CA GLN A 49 0.84 6.42 -10.77
C GLN A 49 -0.34 6.77 -9.89
N LEU A 50 -1.31 5.86 -9.71
CA LEU A 50 -2.44 6.08 -8.84
C LEU A 50 -2.00 5.88 -7.39
N CYS A 51 -1.00 5.04 -7.14
CA CYS A 51 -0.49 4.85 -5.81
C CYS A 51 0.46 5.98 -5.47
N CYS A 52 1.46 6.22 -6.33
CA CYS A 52 2.40 7.32 -6.14
C CYS A 52 1.66 8.66 -6.05
N MET A 53 0.40 8.69 -6.50
CA MET A 53 -0.44 9.84 -6.44
C MET A 53 -0.93 10.05 -5.03
N GLN A 54 -1.94 9.30 -4.59
CA GLN A 54 -2.55 9.49 -3.29
C GLN A 54 -1.49 9.45 -2.20
N LEU A 55 -0.45 8.65 -2.39
CA LEU A 55 0.67 8.61 -1.48
C LEU A 55 1.22 10.01 -1.18
N LYS A 56 1.19 10.91 -2.16
CA LYS A 56 1.52 12.30 -1.99
C LYS A 56 0.42 13.05 -1.26
N ASN A 57 -0.85 12.81 -1.57
CA ASN A 57 -1.96 13.37 -0.82
C ASN A 57 -1.80 13.19 0.69
N LEU A 58 -1.10 12.13 1.11
CA LEU A 58 -0.79 11.91 2.48
C LEU A 58 0.40 12.75 2.96
N ASP A 59 0.58 12.79 4.27
CA ASP A 59 1.67 13.55 4.84
C ASP A 59 2.96 12.76 4.68
N GLU A 60 4.11 13.43 4.62
CA GLU A 60 5.39 12.77 4.53
C GLU A 60 5.66 11.89 5.76
N LYS A 61 4.96 12.19 6.86
CA LYS A 61 5.01 11.39 8.07
C LYS A 61 4.09 10.20 8.00
N CYS A 62 3.17 10.15 7.03
CA CYS A 62 2.28 9.05 6.74
C CYS A 62 2.85 8.19 5.61
N MET A 63 4.09 8.42 5.21
CA MET A 63 4.71 7.69 4.14
C MET A 63 5.75 6.75 4.70
N CYS A 64 5.36 5.84 5.58
CA CYS A 64 6.27 4.91 6.23
C CYS A 64 5.50 4.18 7.31
N PRO A 65 4.91 4.93 8.27
CA PRO A 65 4.15 4.35 9.36
C PRO A 65 2.77 3.91 8.88
N ALA A 66 2.21 4.66 7.94
CA ALA A 66 0.93 4.35 7.40
C ALA A 66 1.06 3.07 6.60
N ILE A 67 2.00 2.99 5.66
CA ILE A 67 2.21 1.82 4.83
C ILE A 67 2.00 0.55 5.65
N MET A 68 2.67 0.41 6.78
CA MET A 68 2.46 -0.72 7.66
C MET A 68 0.99 -1.05 7.85
N MET A 69 0.21 -0.06 8.29
CA MET A 69 -1.21 -0.17 8.43
C MET A 69 -1.95 -0.46 7.12
N MET A 70 -1.44 0.02 6.00
CA MET A 70 -1.98 -0.25 4.69
C MET A 70 -2.10 -1.74 4.47
N LEU A 71 -1.11 -2.52 4.93
CA LEU A 71 -1.09 -3.95 4.74
C LEU A 71 -1.81 -4.60 5.92
N ASN A 72 -2.62 -3.84 6.64
CA ASN A 72 -3.42 -4.30 7.75
C ASN A 72 -4.89 -4.07 7.49
N GLU A 73 -5.20 -3.44 6.35
CA GLU A 73 -6.57 -3.15 5.99
C GLU A 73 -7.33 -4.44 5.70
N PRO A 74 -8.64 -4.32 5.43
CA PRO A 74 -9.49 -5.44 5.06
C PRO A 74 -9.22 -5.94 3.65
N MET A 75 -7.96 -6.00 3.27
CA MET A 75 -7.56 -6.46 1.98
C MET A 75 -6.08 -6.66 1.93
N TRP A 76 -5.41 -6.94 3.05
CA TRP A 76 -3.96 -7.12 3.11
C TRP A 76 -3.61 -7.91 4.34
N ILE A 77 -3.59 -9.25 4.23
CA ILE A 77 -3.34 -10.10 5.39
C ILE A 77 -2.27 -11.11 5.05
N ARG A 78 -2.63 -12.17 4.33
CA ARG A 78 -1.67 -13.18 3.92
C ARG A 78 -1.18 -12.91 2.53
N MET A 79 -2.09 -12.51 1.66
CA MET A 79 -1.73 -12.15 0.29
C MET A 79 -0.83 -10.94 0.29
N ARG A 80 -0.84 -10.13 1.35
CA ARG A 80 0.04 -9.01 1.46
C ARG A 80 1.46 -9.43 1.76
N ASP A 81 1.70 -10.58 2.34
CA ASP A 81 3.03 -11.08 2.67
C ASP A 81 3.99 -10.87 1.48
N GLN A 82 3.43 -10.92 0.27
CA GLN A 82 4.17 -10.58 -0.92
C GLN A 82 4.16 -9.10 -1.27
N VAL A 83 2.99 -8.48 -1.23
CA VAL A 83 2.86 -7.04 -1.45
C VAL A 83 3.64 -6.24 -0.40
N MET A 84 4.12 -6.89 0.66
CA MET A 84 4.83 -6.30 1.74
C MET A 84 6.17 -5.83 1.23
N SER A 85 6.98 -6.76 0.71
CA SER A 85 8.29 -6.44 0.17
C SER A 85 8.15 -5.65 -1.12
N MET A 86 7.15 -5.98 -1.92
CA MET A 86 6.92 -5.34 -3.20
C MET A 86 6.58 -3.88 -3.00
N ALA A 87 5.74 -3.60 -2.01
CA ALA A 87 5.37 -2.26 -1.64
C ALA A 87 6.34 -1.71 -0.61
N HIS A 88 7.57 -2.22 -0.58
CA HIS A 88 8.59 -1.75 0.32
C HIS A 88 9.61 -0.94 -0.44
N ASN A 89 9.72 -1.15 -1.75
CA ASN A 89 10.59 -0.38 -2.62
C ASN A 89 9.80 0.49 -3.58
N LEU A 90 8.54 0.15 -3.81
CA LEU A 90 7.63 0.96 -4.60
C LEU A 90 7.41 2.34 -3.97
N PRO A 91 7.08 2.38 -2.67
CA PRO A 91 6.91 3.63 -1.97
C PRO A 91 8.24 4.31 -1.71
N ILE A 92 9.34 3.59 -1.76
CA ILE A 92 10.65 4.17 -1.57
C ILE A 92 11.13 4.84 -2.83
N GLU A 93 10.96 4.19 -3.98
CA GLU A 93 11.36 4.76 -5.26
C GLU A 93 10.56 6.03 -5.56
N CYS A 94 9.43 6.21 -4.88
CA CYS A 94 8.65 7.42 -4.99
C CYS A 94 9.08 8.45 -3.96
N ASN A 95 9.90 8.06 -2.97
CA ASN A 95 10.42 8.89 -1.90
C ASN A 95 9.36 9.00 -0.79
N LEU A 96 8.49 8.02 -0.69
CA LEU A 96 7.42 8.01 0.27
C LEU A 96 8.02 7.53 1.56
N MET A 97 8.54 6.31 1.57
CA MET A 97 9.12 5.71 2.75
C MET A 97 10.58 5.39 2.58
N SER A 98 11.25 6.08 1.64
CA SER A 98 12.65 5.85 1.30
C SER A 98 13.49 5.49 2.53
N GLN A 99 13.70 6.47 3.40
CA GLN A 99 14.29 6.22 4.70
C GLN A 99 13.91 7.32 5.69
N PRO A 100 12.61 7.56 5.88
CA PRO A 100 12.15 8.59 6.79
C PRO A 100 12.33 8.16 8.23
N CYS A 101 11.52 7.19 8.66
CA CYS A 101 11.58 6.69 10.01
C CYS A 101 12.82 5.82 10.13
N GLN A 102 13.69 6.15 11.08
CA GLN A 102 14.91 5.40 11.33
C GLN A 102 14.99 4.97 12.79
N MET A 103 16.07 4.27 13.12
CA MET A 103 16.32 3.84 14.49
C MET A 103 16.89 4.96 15.39
N PRO A 1 11.42 -2.26 5.29
CA PRO A 1 11.00 -3.67 5.20
C PRO A 1 9.66 -3.94 5.84
N TYR A 2 9.42 -3.38 7.01
CA TYR A 2 8.21 -3.57 7.80
C TYR A 2 8.03 -2.38 8.75
N GLY A 3 9.09 -2.02 9.48
CA GLY A 3 9.11 -1.00 10.52
C GLY A 3 8.30 -1.46 11.73
N ARG A 4 8.93 -1.60 12.90
CA ARG A 4 8.20 -1.92 14.13
C ARG A 4 7.48 -0.68 14.65
N GLY A 5 6.29 -0.90 15.22
CA GLY A 5 5.52 0.14 15.86
C GLY A 5 4.13 -0.36 16.18
N ARG A 6 3.54 0.12 17.27
CA ARG A 6 2.20 -0.27 17.68
C ARG A 6 1.55 0.84 18.47
N THR A 7 0.81 1.69 17.79
CA THR A 7 0.17 2.87 18.38
C THR A 7 -1.30 2.91 17.98
N GLU A 8 -1.96 4.02 18.27
CA GLU A 8 -3.35 4.20 17.92
C GLU A 8 -3.53 4.46 16.41
N SER A 9 -4.75 4.78 16.00
CA SER A 9 -5.05 5.17 14.63
C SER A 9 -4.56 6.59 14.33
N GLY A 10 -4.80 7.04 13.10
CA GLY A 10 -4.48 8.41 12.70
C GLY A 10 -4.06 8.39 11.26
N CYS A 11 -2.77 8.10 11.04
CA CYS A 11 -2.24 7.98 9.70
C CYS A 11 -2.88 6.85 8.88
N TYR A 12 -3.57 5.95 9.56
CA TYR A 12 -4.43 4.90 9.03
C TYR A 12 -5.79 5.41 8.55
N GLN A 13 -6.52 6.13 9.40
CA GLN A 13 -7.81 6.72 9.01
C GLN A 13 -7.69 7.59 7.76
N GLN A 14 -6.66 8.43 7.70
CA GLN A 14 -6.45 9.28 6.51
C GLN A 14 -5.97 8.47 5.29
N MET A 15 -5.46 7.26 5.55
CA MET A 15 -5.02 6.33 4.53
C MET A 15 -6.15 5.65 3.77
N GLU A 16 -7.04 4.94 4.47
CA GLU A 16 -8.24 4.33 3.89
C GLU A 16 -9.06 5.36 3.13
N GLU A 17 -9.22 6.56 3.69
CA GLU A 17 -9.95 7.66 3.06
C GLU A 17 -9.27 8.11 1.74
N ALA A 18 -7.96 7.85 1.63
CA ALA A 18 -7.12 8.21 0.51
C ALA A 18 -6.35 6.98 -0.01
N GLU A 19 -7.01 5.82 -0.06
CA GLU A 19 -6.52 4.53 -0.50
C GLU A 19 -5.43 4.67 -1.59
N MET A 20 -4.18 4.87 -1.11
CA MET A 20 -3.08 5.21 -1.98
C MET A 20 -2.48 3.92 -2.52
N LEU A 21 -2.16 3.04 -1.58
CA LEU A 21 -1.57 1.75 -1.82
C LEU A 21 -2.64 0.68 -1.97
N ASN A 22 -3.69 1.03 -2.72
CA ASN A 22 -4.78 0.12 -3.03
C ASN A 22 -4.69 -0.35 -4.48
N HIS A 23 -4.29 0.58 -5.34
CA HIS A 23 -4.19 0.36 -6.77
C HIS A 23 -2.86 -0.31 -7.08
N CYS A 24 -1.76 0.29 -6.59
CA CYS A 24 -0.44 -0.36 -6.70
C CYS A 24 -0.43 -1.76 -6.08
N GLY A 25 -1.37 -2.03 -5.16
CA GLY A 25 -1.58 -3.35 -4.63
C GLY A 25 -2.07 -4.36 -5.66
N MET A 26 -3.13 -4.06 -6.43
CA MET A 26 -3.67 -4.98 -7.44
C MET A 26 -2.60 -5.49 -8.41
N TYR A 27 -1.66 -4.61 -8.79
CA TYR A 27 -0.52 -4.95 -9.63
C TYR A 27 0.33 -6.08 -9.03
N LEU A 28 0.48 -6.07 -7.70
CA LEU A 28 1.23 -7.06 -6.94
C LEU A 28 0.33 -8.24 -6.53
N MET A 29 -0.99 -7.99 -6.42
CA MET A 29 -2.06 -8.94 -6.16
C MET A 29 -2.52 -9.68 -7.39
N LYS A 30 -1.86 -9.43 -8.52
CA LYS A 30 -2.16 -10.08 -9.79
C LYS A 30 -1.55 -11.47 -9.87
N ASN A 31 -0.50 -11.71 -9.08
CA ASN A 31 0.14 -13.01 -8.91
C ASN A 31 -0.24 -13.66 -7.58
N LEU A 32 -0.83 -12.89 -6.66
CA LEU A 32 -1.29 -13.44 -5.39
C LEU A 32 -2.54 -14.32 -5.54
N GLY A 33 -3.27 -14.12 -6.65
CA GLY A 33 -4.41 -14.95 -7.03
C GLY A 33 -4.02 -16.18 -7.84
N GLU A 34 -2.84 -16.75 -7.61
CA GLU A 34 -2.32 -17.92 -8.30
C GLU A 34 -2.18 -19.09 -7.33
N ARG A 35 -3.12 -20.03 -7.42
CA ARG A 35 -3.16 -21.24 -6.59
C ARG A 35 -4.19 -22.26 -7.03
N SER A 36 -4.43 -22.34 -8.34
CA SER A 36 -5.43 -23.21 -8.91
C SER A 36 -5.15 -23.44 -10.39
N GLN A 37 -6.08 -24.06 -11.10
CA GLN A 37 -6.00 -24.32 -12.53
C GLN A 37 -6.69 -23.23 -13.33
N VAL A 38 -6.10 -22.03 -13.35
CA VAL A 38 -6.65 -20.89 -14.08
C VAL A 38 -5.53 -20.12 -14.77
N SER A 39 -5.90 -19.08 -15.52
CA SER A 39 -4.91 -18.24 -16.18
C SER A 39 -5.02 -16.79 -15.70
N PRO A 40 -3.93 -16.01 -15.68
CA PRO A 40 -3.91 -14.61 -15.29
C PRO A 40 -4.57 -13.75 -16.36
N ARG A 41 -5.91 -13.62 -16.31
CA ARG A 41 -6.68 -12.84 -17.27
C ARG A 41 -8.07 -12.50 -16.77
N MET A 42 -8.18 -11.45 -15.97
CA MET A 42 -9.46 -11.08 -15.38
C MET A 42 -9.61 -9.56 -15.40
N ARG A 43 -10.85 -9.09 -15.35
CA ARG A 43 -11.14 -7.65 -15.25
C ARG A 43 -10.38 -7.02 -14.10
N GLU A 44 -9.95 -5.79 -14.29
CA GLU A 44 -9.20 -5.01 -13.32
C GLU A 44 -9.02 -3.59 -13.86
N GLU A 45 -8.89 -2.62 -12.96
CA GLU A 45 -8.56 -1.24 -13.32
C GLU A 45 -7.11 -1.10 -13.85
N ASP A 46 -6.66 0.13 -14.05
CA ASP A 46 -5.34 0.45 -14.59
C ASP A 46 -4.56 1.16 -13.49
N HIS A 47 -3.58 0.48 -12.90
CA HIS A 47 -2.71 1.10 -11.88
C HIS A 47 -1.32 1.25 -12.47
N LYS A 48 -0.49 2.03 -11.79
CA LYS A 48 0.90 2.32 -12.18
C LYS A 48 1.50 3.39 -11.31
N GLN A 49 0.90 4.58 -11.35
CA GLN A 49 1.29 5.74 -10.56
C GLN A 49 0.13 6.32 -9.75
N LEU A 50 -1.05 5.68 -9.82
CA LEU A 50 -2.21 6.06 -9.02
C LEU A 50 -1.97 5.87 -7.52
N CYS A 51 -0.92 5.09 -7.17
CA CYS A 51 -0.46 5.02 -5.81
C CYS A 51 0.43 6.19 -5.44
N CYS A 52 1.50 6.43 -6.24
CA CYS A 52 2.44 7.55 -6.03
C CYS A 52 1.70 8.90 -5.99
N MET A 53 0.46 8.94 -6.51
CA MET A 53 -0.43 10.09 -6.43
C MET A 53 -0.95 10.34 -5.00
N GLN A 54 -1.93 9.52 -4.55
CA GLN A 54 -2.50 9.68 -3.21
C GLN A 54 -1.46 9.58 -2.10
N LEU A 55 -0.36 8.87 -2.37
CA LEU A 55 0.77 8.85 -1.47
C LEU A 55 1.29 10.27 -1.19
N LYS A 56 1.30 11.15 -2.19
CA LYS A 56 1.65 12.56 -1.99
C LYS A 56 0.52 13.35 -1.33
N ASN A 57 -0.74 12.93 -1.46
CA ASN A 57 -1.86 13.55 -0.76
C ASN A 57 -1.84 13.23 0.74
N LEU A 58 -1.27 12.08 1.10
CA LEU A 58 -1.11 11.70 2.49
C LEU A 58 -0.12 12.61 3.21
N ASP A 59 0.17 12.30 4.47
CA ASP A 59 1.15 13.05 5.23
C ASP A 59 2.54 12.54 4.90
N GLU A 60 3.46 13.44 4.52
CA GLU A 60 4.87 13.08 4.30
C GLU A 60 5.55 12.46 5.53
N LYS A 61 4.97 12.68 6.72
CA LYS A 61 5.36 12.11 8.01
C LYS A 61 4.57 10.87 8.37
N CYS A 62 3.65 10.44 7.50
CA CYS A 62 2.90 9.20 7.61
C CYS A 62 3.31 8.21 6.49
N MET A 63 4.26 8.56 5.64
CA MET A 63 4.73 7.73 4.54
C MET A 63 5.83 6.77 5.01
N CYS A 64 5.42 5.68 5.66
CA CYS A 64 6.29 4.67 6.31
C CYS A 64 5.50 3.92 7.37
N PRO A 65 5.04 4.61 8.43
CA PRO A 65 4.26 4.00 9.48
C PRO A 65 2.84 3.64 9.02
N ALA A 66 2.27 4.48 8.13
CA ALA A 66 0.97 4.19 7.57
C ALA A 66 1.06 2.97 6.66
N ILE A 67 1.97 2.97 5.68
CA ILE A 67 2.16 1.84 4.77
C ILE A 67 1.99 0.48 5.44
N MET A 68 2.61 0.28 6.61
CA MET A 68 2.36 -0.91 7.40
C MET A 68 0.85 -1.23 7.51
N MET A 69 0.10 -0.32 8.13
CA MET A 69 -1.34 -0.42 8.31
C MET A 69 -2.10 -0.48 7.00
N MET A 70 -1.54 0.01 5.89
CA MET A 70 -2.13 -0.12 4.56
C MET A 70 -2.34 -1.57 4.19
N LEU A 71 -1.37 -2.42 4.58
CA LEU A 71 -1.41 -3.84 4.36
C LEU A 71 -2.03 -4.58 5.56
N ASN A 72 -2.65 -3.83 6.45
CA ASN A 72 -3.44 -4.38 7.55
C ASN A 72 -4.93 -4.15 7.34
N GLU A 73 -5.31 -3.43 6.28
CA GLU A 73 -6.69 -3.17 5.95
C GLU A 73 -7.45 -4.45 5.59
N PRO A 74 -8.78 -4.40 5.38
CA PRO A 74 -9.62 -5.51 4.93
C PRO A 74 -9.37 -5.93 3.46
N MET A 75 -8.10 -5.83 3.02
CA MET A 75 -7.69 -6.16 1.67
C MET A 75 -6.22 -6.56 1.61
N TRP A 76 -5.61 -6.94 2.75
CA TRP A 76 -4.19 -7.28 2.81
C TRP A 76 -3.94 -8.20 3.99
N ILE A 77 -4.16 -9.49 3.80
CA ILE A 77 -4.05 -10.47 4.89
C ILE A 77 -2.81 -11.32 4.71
N ARG A 78 -2.97 -12.64 4.59
CA ARG A 78 -1.85 -13.55 4.35
C ARG A 78 -1.39 -13.55 2.88
N MET A 79 -1.80 -12.51 2.16
CA MET A 79 -1.57 -12.27 0.74
C MET A 79 -0.61 -11.12 0.58
N ARG A 80 -0.71 -10.08 1.43
CA ARG A 80 0.29 -9.02 1.40
C ARG A 80 1.74 -9.50 1.57
N ASP A 81 1.94 -10.72 2.07
CA ASP A 81 3.28 -11.30 2.14
C ASP A 81 4.18 -10.99 0.92
N GLN A 82 3.54 -10.92 -0.25
CA GLN A 82 4.20 -10.62 -1.50
C GLN A 82 4.19 -9.12 -1.73
N VAL A 83 3.00 -8.50 -1.64
CA VAL A 83 2.82 -7.05 -1.87
C VAL A 83 3.66 -6.25 -0.88
N MET A 84 4.13 -6.86 0.20
CA MET A 84 4.96 -6.31 1.25
C MET A 84 6.37 -6.10 0.74
N SER A 85 7.01 -7.19 0.27
CA SER A 85 8.31 -7.12 -0.40
C SER A 85 8.26 -6.43 -1.77
N MET A 86 7.07 -5.99 -2.21
CA MET A 86 6.88 -5.24 -3.44
C MET A 86 6.56 -3.77 -3.19
N ALA A 87 5.70 -3.50 -2.21
CA ALA A 87 5.36 -2.18 -1.71
C ALA A 87 6.37 -1.69 -0.67
N HIS A 88 7.61 -2.22 -0.74
CA HIS A 88 8.72 -1.73 0.05
C HIS A 88 9.72 -0.89 -0.73
N ASN A 89 9.73 -1.05 -2.06
CA ASN A 89 10.56 -0.31 -3.01
C ASN A 89 9.70 0.58 -3.87
N LEU A 90 8.42 0.25 -4.04
CA LEU A 90 7.50 1.11 -4.75
C LEU A 90 7.31 2.45 -4.03
N PRO A 91 7.06 2.48 -2.71
CA PRO A 91 6.97 3.71 -1.99
C PRO A 91 8.32 4.36 -1.74
N ILE A 92 9.37 3.56 -1.60
CA ILE A 92 10.72 4.10 -1.47
C ILE A 92 11.19 4.80 -2.73
N GLU A 93 10.99 4.20 -3.90
CA GLU A 93 11.35 4.74 -5.21
C GLU A 93 10.60 6.04 -5.52
N CYS A 94 9.47 6.26 -4.83
CA CYS A 94 8.75 7.53 -4.89
C CYS A 94 9.19 8.51 -3.79
N ASN A 95 10.00 8.07 -2.81
CA ASN A 95 10.51 8.85 -1.69
C ASN A 95 9.48 8.99 -0.57
N LEU A 96 8.55 8.03 -0.50
CA LEU A 96 7.49 8.03 0.48
C LEU A 96 8.08 7.52 1.79
N MET A 97 8.61 6.29 1.72
CA MET A 97 9.16 5.60 2.86
C MET A 97 10.66 5.28 2.73
N SER A 98 11.39 5.98 1.84
CA SER A 98 12.79 5.73 1.52
C SER A 98 13.59 5.29 2.74
N GLN A 99 13.75 6.22 3.66
CA GLN A 99 14.37 5.93 4.93
C GLN A 99 14.00 6.98 6.00
N PRO A 100 12.69 7.26 6.16
CA PRO A 100 12.22 8.27 7.09
C PRO A 100 12.35 7.78 8.53
N CYS A 101 11.52 6.80 8.89
CA CYS A 101 11.58 6.19 10.18
C CYS A 101 12.82 5.29 10.27
N GLN A 102 13.07 4.72 11.43
CA GLN A 102 14.16 3.80 11.71
C GLN A 102 13.59 2.39 11.98
N MET A 103 14.50 1.48 12.34
CA MET A 103 14.20 0.13 12.82
C MET A 103 13.10 0.05 13.88
N PRO A 1 6.87 -4.25 8.31
CA PRO A 1 8.09 -4.61 7.53
C PRO A 1 9.36 -3.89 8.01
N TYR A 2 9.55 -3.90 9.35
CA TYR A 2 10.68 -3.24 9.96
C TYR A 2 10.71 -3.50 11.46
N GLY A 3 9.61 -3.16 12.13
CA GLY A 3 9.49 -3.31 13.57
C GLY A 3 8.04 -3.24 14.00
N ARG A 4 7.82 -2.96 15.29
CA ARG A 4 6.49 -2.81 15.84
C ARG A 4 6.30 -1.43 16.46
N GLY A 5 5.06 -0.99 16.53
CA GLY A 5 4.74 0.31 17.12
C GLY A 5 3.41 0.79 16.61
N ARG A 6 2.33 0.18 17.11
CA ARG A 6 0.97 0.56 16.73
C ARG A 6 0.78 2.06 16.87
N THR A 7 -0.22 2.59 16.17
CA THR A 7 -0.46 4.02 16.18
C THR A 7 -1.94 4.23 16.13
N GLU A 8 -2.46 4.97 17.11
CA GLU A 8 -3.87 5.31 17.18
C GLU A 8 -4.42 5.80 15.84
N SER A 9 -5.73 5.83 15.72
CA SER A 9 -6.38 6.29 14.51
C SER A 9 -5.88 7.67 14.11
N GLY A 10 -5.44 7.82 12.86
CA GLY A 10 -4.92 9.08 12.36
C GLY A 10 -4.69 9.04 10.88
N CYS A 11 -3.44 8.85 10.48
CA CYS A 11 -3.09 8.77 9.09
C CYS A 11 -3.78 7.57 8.45
N TYR A 12 -3.62 6.38 9.03
CA TYR A 12 -4.30 5.18 8.58
C TYR A 12 -5.74 5.43 8.16
N GLN A 13 -6.51 6.08 9.01
CA GLN A 13 -7.89 6.40 8.68
C GLN A 13 -7.98 7.21 7.38
N GLN A 14 -7.10 8.20 7.22
CA GLN A 14 -7.04 8.94 5.98
C GLN A 14 -6.49 8.11 4.81
N MET A 15 -5.78 7.04 5.13
CA MET A 15 -5.15 6.17 4.20
C MET A 15 -6.19 5.32 3.50
N GLU A 16 -6.93 4.50 4.21
CA GLU A 16 -8.01 3.69 3.64
C GLU A 16 -8.95 4.53 2.80
N GLU A 17 -9.19 5.77 3.20
CA GLU A 17 -10.03 6.69 2.45
C GLU A 17 -9.38 7.15 1.15
N ALA A 18 -8.05 7.16 1.17
CA ALA A 18 -7.27 7.51 0.02
C ALA A 18 -6.52 6.32 -0.55
N GLU A 19 -6.92 5.09 -0.20
CA GLU A 19 -6.36 3.80 -0.59
C GLU A 19 -5.30 3.98 -1.67
N MET A 20 -4.11 4.35 -1.21
CA MET A 20 -3.04 4.71 -2.12
C MET A 20 -2.27 3.47 -2.47
N LEU A 21 -2.20 2.54 -1.53
CA LEU A 21 -1.55 1.28 -1.74
C LEU A 21 -2.55 0.24 -2.23
N ASN A 22 -3.68 0.70 -2.76
CA ASN A 22 -4.69 -0.16 -3.33
C ASN A 22 -4.42 -0.41 -4.81
N HIS A 23 -3.90 0.61 -5.49
CA HIS A 23 -3.61 0.52 -6.90
C HIS A 23 -2.29 -0.21 -7.10
N CYS A 24 -1.25 0.25 -6.39
CA CYS A 24 0.03 -0.42 -6.42
C CYS A 24 -0.09 -1.81 -5.81
N GLY A 25 -1.18 -2.11 -5.13
CA GLY A 25 -1.44 -3.39 -4.54
C GLY A 25 -1.93 -4.37 -5.59
N MET A 26 -2.88 -3.97 -6.43
CA MET A 26 -3.39 -4.84 -7.48
C MET A 26 -2.28 -5.37 -8.37
N TYR A 27 -1.30 -4.54 -8.69
CA TYR A 27 -0.16 -4.93 -9.46
C TYR A 27 0.58 -6.12 -8.83
N LEU A 28 0.62 -6.14 -7.50
CA LEU A 28 1.32 -7.15 -6.75
C LEU A 28 0.35 -8.26 -6.43
N MET A 29 -0.94 -7.96 -6.32
CA MET A 29 -2.01 -8.89 -6.08
C MET A 29 -2.53 -9.51 -7.35
N LYS A 30 -1.88 -9.23 -8.46
CA LYS A 30 -2.27 -9.76 -9.74
C LYS A 30 -1.72 -11.17 -9.92
N ASN A 31 -0.71 -11.51 -9.13
CA ASN A 31 -0.15 -12.85 -9.10
C ASN A 31 -0.45 -13.56 -7.79
N LEU A 32 -0.95 -12.81 -6.81
CA LEU A 32 -1.30 -13.38 -5.53
C LEU A 32 -2.66 -14.09 -5.61
N GLY A 33 -3.41 -13.84 -6.69
CA GLY A 33 -4.71 -14.42 -6.89
C GLY A 33 -5.50 -13.68 -7.96
N GLU A 34 -6.32 -14.40 -8.70
CA GLU A 34 -7.13 -13.81 -9.74
C GLU A 34 -8.38 -13.17 -9.15
N ARG A 35 -8.20 -12.09 -8.40
CA ARG A 35 -9.33 -11.42 -7.78
C ARG A 35 -10.27 -10.90 -8.85
N SER A 36 -9.73 -10.04 -9.73
CA SER A 36 -10.51 -9.49 -10.82
C SER A 36 -10.57 -10.45 -11.98
N GLN A 37 -11.50 -10.21 -12.90
CA GLN A 37 -11.63 -11.04 -14.10
C GLN A 37 -10.28 -11.33 -14.74
N VAL A 38 -10.22 -12.44 -15.47
CA VAL A 38 -8.99 -12.85 -16.11
C VAL A 38 -8.89 -12.19 -17.48
N SER A 39 -7.71 -11.70 -17.81
CA SER A 39 -7.48 -11.08 -19.10
C SER A 39 -6.00 -10.78 -19.28
N PRO A 40 -5.53 -10.64 -20.53
CA PRO A 40 -4.14 -10.34 -20.82
C PRO A 40 -3.87 -8.86 -20.57
N ARG A 41 -3.41 -8.56 -19.35
CA ARG A 41 -3.08 -7.23 -18.90
C ARG A 41 -1.58 -7.05 -18.89
N MET A 42 -0.87 -7.76 -19.76
CA MET A 42 0.56 -7.66 -19.88
C MET A 42 1.07 -6.25 -19.75
N ARG A 43 0.25 -5.25 -20.15
CA ARG A 43 0.50 -3.84 -19.97
C ARG A 43 -0.59 -3.02 -20.65
N GLU A 44 -1.57 -2.60 -19.87
CA GLU A 44 -2.65 -1.77 -20.39
C GLU A 44 -2.99 -0.65 -19.43
N GLU A 45 -3.27 -1.03 -18.17
CA GLU A 45 -3.60 -0.06 -17.15
C GLU A 45 -2.45 0.10 -16.18
N ASP A 46 -2.13 1.35 -15.86
CA ASP A 46 -1.04 1.68 -14.96
C ASP A 46 -1.61 1.92 -13.58
N HIS A 47 -1.50 0.94 -12.69
CA HIS A 47 -1.97 1.09 -11.33
C HIS A 47 -0.81 1.42 -10.40
N LYS A 48 0.13 2.24 -10.88
CA LYS A 48 1.29 2.59 -10.11
C LYS A 48 1.33 4.08 -9.86
N GLN A 49 1.34 4.88 -10.93
CA GLN A 49 1.28 6.31 -10.80
C GLN A 49 0.08 6.77 -9.97
N LEU A 50 -0.96 5.94 -9.88
CA LEU A 50 -2.09 6.19 -9.03
C LEU A 50 -1.72 6.03 -7.54
N CYS A 51 -0.91 5.04 -7.20
CA CYS A 51 -0.41 4.88 -5.86
C CYS A 51 0.59 5.97 -5.51
N CYS A 52 1.52 6.28 -6.43
CA CYS A 52 2.49 7.34 -6.21
C CYS A 52 1.79 8.70 -6.18
N MET A 53 0.53 8.73 -6.62
CA MET A 53 -0.28 9.93 -6.64
C MET A 53 -0.90 10.18 -5.28
N GLN A 54 -1.86 9.35 -4.86
CA GLN A 54 -2.52 9.53 -3.58
C GLN A 54 -1.51 9.62 -2.44
N LEU A 55 -0.44 8.83 -2.51
CA LEU A 55 0.63 8.94 -1.53
C LEU A 55 1.26 10.33 -1.51
N LYS A 56 1.35 10.99 -2.66
CA LYS A 56 1.74 12.38 -2.74
C LYS A 56 0.73 13.35 -2.11
N ASN A 57 -0.45 12.85 -1.78
CA ASN A 57 -1.46 13.59 -1.06
C ASN A 57 -1.37 13.40 0.44
N LEU A 58 -0.78 12.26 0.86
CA LEU A 58 -0.58 11.98 2.25
C LEU A 58 0.45 12.93 2.87
N ASP A 59 0.86 12.62 4.10
CA ASP A 59 1.87 13.41 4.77
C ASP A 59 3.21 12.70 4.71
N GLU A 60 4.29 13.47 4.75
CA GLU A 60 5.64 12.91 4.79
C GLU A 60 5.90 12.12 6.06
N LYS A 61 5.02 12.29 7.05
CA LYS A 61 5.08 11.56 8.27
C LYS A 61 4.08 10.41 8.27
N CYS A 62 3.19 10.34 7.29
CA CYS A 62 2.28 9.24 7.11
C CYS A 62 2.79 8.29 6.02
N MET A 63 3.77 8.71 5.24
CA MET A 63 4.33 7.91 4.19
C MET A 63 5.43 7.00 4.73
N CYS A 64 5.08 6.08 5.62
CA CYS A 64 6.04 5.21 6.25
C CYS A 64 5.32 4.45 7.36
N PRO A 65 4.74 5.18 8.33
CA PRO A 65 4.03 4.58 9.45
C PRO A 65 2.65 4.12 9.00
N ALA A 66 2.09 4.73 7.96
CA ALA A 66 0.82 4.35 7.42
C ALA A 66 0.98 3.05 6.67
N ILE A 67 1.86 2.99 5.68
CA ILE A 67 2.09 1.79 4.89
C ILE A 67 2.11 0.55 5.78
N MET A 68 2.88 0.59 6.86
CA MET A 68 2.88 -0.48 7.84
C MET A 68 1.49 -1.00 8.17
N MET A 69 0.57 -0.09 8.50
CA MET A 69 -0.82 -0.41 8.72
C MET A 69 -1.60 -0.76 7.47
N MET A 70 -1.27 -0.17 6.34
CA MET A 70 -1.90 -0.48 5.09
C MET A 70 -1.85 -1.98 4.79
N LEU A 71 -0.77 -2.64 5.24
CA LEU A 71 -0.59 -4.04 5.02
C LEU A 71 -1.09 -4.82 6.24
N ASN A 72 -1.98 -4.21 6.99
CA ASN A 72 -2.61 -4.78 8.16
C ASN A 72 -4.11 -4.64 8.10
N GLU A 73 -4.62 -4.13 6.98
CA GLU A 73 -6.03 -3.95 6.80
C GLU A 73 -6.69 -5.24 6.33
N PRO A 74 -8.03 -5.27 6.27
CA PRO A 74 -8.79 -6.42 5.82
C PRO A 74 -8.73 -6.55 4.29
N MET A 75 -7.52 -6.46 3.74
CA MET A 75 -7.30 -6.58 2.35
C MET A 75 -5.85 -6.79 2.05
N TRP A 76 -5.08 -7.30 3.01
CA TRP A 76 -3.66 -7.55 2.85
C TRP A 76 -3.21 -8.53 3.91
N ILE A 77 -3.40 -9.84 3.65
CA ILE A 77 -3.11 -10.89 4.62
C ILE A 77 -2.02 -11.81 4.10
N ARG A 78 -2.19 -13.13 4.17
CA ARG A 78 -1.23 -14.04 3.59
C ARG A 78 -0.93 -13.74 2.12
N MET A 79 -1.85 -13.05 1.48
CA MET A 79 -1.68 -12.60 0.12
C MET A 79 -0.79 -11.35 0.04
N ARG A 80 -0.77 -10.51 1.06
CA ARG A 80 0.11 -9.38 1.09
C ARG A 80 1.53 -9.76 1.38
N ASP A 81 1.78 -10.95 1.93
CA ASP A 81 3.11 -11.40 2.27
C ASP A 81 4.08 -11.15 1.12
N GLN A 82 3.52 -11.16 -0.09
CA GLN A 82 4.25 -10.84 -1.28
C GLN A 82 4.31 -9.35 -1.58
N VAL A 83 3.15 -8.69 -1.50
CA VAL A 83 3.07 -7.27 -1.68
C VAL A 83 3.85 -6.55 -0.60
N MET A 84 4.29 -7.23 0.45
CA MET A 84 5.01 -6.69 1.54
C MET A 84 6.41 -6.33 1.10
N SER A 85 7.12 -7.28 0.48
CA SER A 85 8.44 -7.04 -0.06
C SER A 85 8.36 -6.28 -1.40
N MET A 86 7.18 -5.81 -1.76
CA MET A 86 6.97 -5.07 -2.97
C MET A 86 6.47 -3.67 -2.68
N ALA A 87 5.61 -3.53 -1.70
CA ALA A 87 5.09 -2.27 -1.23
C ALA A 87 6.04 -1.65 -0.22
N HIS A 88 7.24 -2.19 -0.10
CA HIS A 88 8.25 -1.65 0.77
C HIS A 88 9.29 -0.88 -0.03
N ASN A 89 9.46 -1.21 -1.30
CA ASN A 89 10.38 -0.55 -2.20
C ASN A 89 9.63 0.25 -3.25
N LEU A 90 8.35 -0.09 -3.47
CA LEU A 90 7.49 0.67 -4.34
C LEU A 90 7.28 2.10 -3.84
N PRO A 91 6.96 2.27 -2.55
CA PRO A 91 6.79 3.58 -1.99
C PRO A 91 8.15 4.24 -1.75
N ILE A 92 9.22 3.48 -1.53
CA ILE A 92 10.53 4.05 -1.38
C ILE A 92 11.04 4.63 -2.68
N GLU A 93 10.88 3.89 -3.77
CA GLU A 93 11.30 4.36 -5.09
C GLU A 93 10.54 5.60 -5.51
N CYS A 94 9.40 5.86 -4.85
CA CYS A 94 8.67 7.07 -5.06
C CYS A 94 9.05 8.15 -4.08
N ASN A 95 9.84 7.82 -3.03
CA ASN A 95 10.30 8.70 -1.99
C ASN A 95 9.21 8.86 -0.91
N LEU A 96 8.33 7.89 -0.81
CA LEU A 96 7.24 7.91 0.11
C LEU A 96 7.79 7.54 1.48
N MET A 97 8.37 6.36 1.59
CA MET A 97 8.92 5.88 2.83
C MET A 97 10.38 5.55 2.71
N SER A 98 11.08 6.16 1.74
CA SER A 98 12.49 5.91 1.47
C SER A 98 13.29 5.61 2.74
N GLN A 99 13.49 6.61 3.56
CA GLN A 99 14.05 6.41 4.87
C GLN A 99 13.67 7.55 5.81
N PRO A 100 12.37 7.85 5.94
CA PRO A 100 11.91 8.95 6.77
C PRO A 100 12.02 8.56 8.24
N CYS A 101 11.22 7.60 8.72
CA CYS A 101 11.26 7.16 10.10
C CYS A 101 12.51 6.31 10.30
N GLN A 102 13.31 6.67 11.28
CA GLN A 102 14.53 5.96 11.60
C GLN A 102 14.52 5.53 13.05
N MET A 103 15.61 4.88 13.48
CA MET A 103 15.77 4.48 14.87
C MET A 103 15.40 5.59 15.87
N PRO A 1 10.69 0.17 10.38
CA PRO A 1 9.80 -0.59 9.46
C PRO A 1 10.48 -1.17 8.22
N TYR A 2 11.02 -2.39 8.37
CA TYR A 2 11.81 -3.07 7.34
C TYR A 2 11.77 -4.60 7.50
N GLY A 3 10.71 -5.11 8.13
CA GLY A 3 10.55 -6.54 8.37
C GLY A 3 9.51 -6.80 9.45
N ARG A 4 9.69 -6.19 10.62
CA ARG A 4 8.74 -6.30 11.73
C ARG A 4 8.58 -4.94 12.41
N GLY A 5 7.36 -4.62 12.79
CA GLY A 5 7.03 -3.39 13.49
C GLY A 5 5.53 -3.18 13.50
N ARG A 6 5.08 -2.35 14.44
CA ARG A 6 3.66 -2.02 14.57
C ARG A 6 3.48 -1.04 15.72
N THR A 7 2.50 -0.16 15.56
CA THR A 7 2.25 0.94 16.49
C THR A 7 0.77 1.29 16.45
N GLU A 8 0.39 2.36 17.14
CA GLU A 8 -0.97 2.87 17.14
C GLU A 8 -1.37 3.36 15.73
N SER A 9 -2.59 3.89 15.63
CA SER A 9 -3.09 4.51 14.40
C SER A 9 -2.22 5.69 13.93
N GLY A 10 -2.70 6.41 12.92
CA GLY A 10 -1.99 7.59 12.47
C GLY A 10 -2.67 8.16 11.27
N CYS A 11 -2.19 7.73 10.10
CA CYS A 11 -2.83 8.07 8.84
C CYS A 11 -3.59 6.90 8.27
N TYR A 12 -3.44 5.69 8.78
CA TYR A 12 -4.21 4.51 8.40
C TYR A 12 -5.68 4.80 8.19
N GLN A 13 -6.34 5.36 9.19
CA GLN A 13 -7.76 5.70 9.08
C GLN A 13 -8.05 6.70 7.94
N GLN A 14 -7.07 7.53 7.60
CA GLN A 14 -7.15 8.48 6.48
C GLN A 14 -6.69 7.84 5.18
N MET A 15 -5.99 6.72 5.29
CA MET A 15 -5.45 5.94 4.20
C MET A 15 -6.48 5.11 3.53
N GLU A 16 -7.29 4.36 4.28
CA GLU A 16 -8.44 3.62 3.74
C GLU A 16 -9.35 4.55 2.91
N GLU A 17 -9.47 5.82 3.31
CA GLU A 17 -10.28 6.81 2.61
C GLU A 17 -9.59 7.34 1.34
N ALA A 18 -8.25 7.26 1.32
CA ALA A 18 -7.43 7.68 0.19
C ALA A 18 -6.58 6.55 -0.33
N GLU A 19 -7.10 5.31 -0.31
CA GLU A 19 -6.49 4.04 -0.67
C GLU A 19 -5.45 4.17 -1.80
N MET A 20 -4.26 4.58 -1.42
CA MET A 20 -3.21 4.98 -2.35
C MET A 20 -2.33 3.79 -2.65
N LEU A 21 -2.15 2.95 -1.64
CA LEU A 21 -1.38 1.74 -1.76
C LEU A 21 -2.26 0.54 -2.14
N ASN A 22 -3.46 0.84 -2.63
CA ASN A 22 -4.39 -0.15 -3.14
C ASN A 22 -4.12 -0.42 -4.60
N HIS A 23 -3.99 0.64 -5.40
CA HIS A 23 -3.78 0.51 -6.85
C HIS A 23 -2.45 -0.17 -7.12
N CYS A 24 -1.36 0.41 -6.61
CA CYS A 24 -0.06 -0.24 -6.66
C CYS A 24 -0.10 -1.61 -6.02
N GLY A 25 -1.00 -1.85 -5.06
CA GLY A 25 -1.22 -3.14 -4.43
C GLY A 25 -1.83 -4.16 -5.40
N MET A 26 -2.95 -3.84 -6.04
CA MET A 26 -3.65 -4.70 -7.00
C MET A 26 -2.73 -5.23 -8.09
N TYR A 27 -1.82 -4.39 -8.58
CA TYR A 27 -0.78 -4.79 -9.53
C TYR A 27 0.05 -5.97 -9.05
N LEU A 28 0.35 -5.97 -7.75
CA LEU A 28 1.10 -7.03 -7.09
C LEU A 28 0.15 -8.19 -6.80
N MET A 29 -1.09 -7.89 -6.38
CA MET A 29 -2.13 -8.89 -6.12
C MET A 29 -2.61 -9.63 -7.38
N LYS A 30 -2.07 -9.27 -8.54
CA LYS A 30 -2.38 -9.91 -9.81
C LYS A 30 -1.75 -11.28 -9.92
N ASN A 31 -0.65 -11.48 -9.19
CA ASN A 31 0.08 -12.75 -9.09
C ASN A 31 0.40 -13.13 -7.63
N LEU A 32 -0.10 -12.35 -6.68
CA LEU A 32 0.09 -12.58 -5.25
C LEU A 32 -1.22 -12.95 -4.55
N GLY A 33 -2.34 -12.82 -5.26
CA GLY A 33 -3.66 -13.21 -4.80
C GLY A 33 -4.38 -13.96 -5.90
N GLU A 34 -5.09 -15.02 -5.52
CA GLU A 34 -5.89 -15.85 -6.42
C GLU A 34 -6.95 -15.02 -7.15
N ARG A 35 -6.57 -14.49 -8.31
CA ARG A 35 -7.40 -13.59 -9.11
C ARG A 35 -7.31 -13.94 -10.58
N SER A 36 -8.09 -14.95 -10.98
CA SER A 36 -8.12 -15.42 -12.37
C SER A 36 -9.48 -15.12 -12.97
N GLN A 37 -9.69 -13.84 -13.28
CA GLN A 37 -10.94 -13.46 -13.92
C GLN A 37 -10.98 -14.00 -15.35
N VAL A 38 -12.10 -14.62 -15.73
CA VAL A 38 -12.36 -15.14 -17.07
C VAL A 38 -12.04 -14.09 -18.14
N SER A 39 -10.90 -14.23 -18.78
CA SER A 39 -10.42 -13.29 -19.79
C SER A 39 -9.14 -13.85 -20.42
N PRO A 40 -9.25 -14.76 -21.42
CA PRO A 40 -8.11 -15.31 -22.12
C PRO A 40 -7.47 -14.30 -23.09
N ARG A 41 -7.17 -13.10 -22.58
CA ARG A 41 -6.58 -12.02 -23.32
C ARG A 41 -5.97 -11.01 -22.37
N MET A 42 -4.75 -11.28 -21.90
CA MET A 42 -3.95 -10.38 -21.07
C MET A 42 -4.13 -8.91 -21.51
N ARG A 43 -4.86 -8.14 -20.71
CA ARG A 43 -5.17 -6.75 -21.02
C ARG A 43 -5.90 -6.08 -19.87
N GLU A 44 -5.28 -5.05 -19.32
CA GLU A 44 -5.83 -4.29 -18.20
C GLU A 44 -4.94 -3.09 -17.89
N GLU A 45 -5.42 -2.23 -16.99
CA GLU A 45 -4.63 -1.09 -16.54
C GLU A 45 -3.49 -1.51 -15.60
N ASP A 46 -2.34 -0.87 -15.75
CA ASP A 46 -1.13 -1.12 -14.97
C ASP A 46 -0.98 0.02 -13.97
N HIS A 47 -1.56 -0.17 -12.79
CA HIS A 47 -1.41 0.83 -11.73
C HIS A 47 0.06 0.99 -11.39
N LYS A 48 0.43 2.19 -10.91
CA LYS A 48 1.80 2.64 -10.61
C LYS A 48 1.90 4.15 -10.41
N GLN A 49 0.99 4.90 -11.06
CA GLN A 49 0.88 6.34 -10.87
C GLN A 49 -0.31 6.72 -10.02
N LEU A 50 -1.35 5.89 -9.99
CA LEU A 50 -2.51 6.08 -9.12
C LEU A 50 -2.19 5.77 -7.66
N CYS A 51 -1.01 5.21 -7.39
CA CYS A 51 -0.53 5.01 -6.04
C CYS A 51 0.34 6.17 -5.60
N CYS A 52 1.36 6.52 -6.40
CA CYS A 52 2.20 7.69 -6.12
C CYS A 52 1.40 9.02 -6.16
N MET A 53 0.17 8.97 -6.65
CA MET A 53 -0.76 10.10 -6.72
C MET A 53 -1.26 10.48 -5.33
N GLN A 54 -2.21 9.71 -4.78
CA GLN A 54 -2.74 9.96 -3.43
C GLN A 54 -1.66 9.78 -2.36
N LEU A 55 -0.54 9.16 -2.71
CA LEU A 55 0.60 9.09 -1.81
C LEU A 55 1.24 10.45 -1.56
N LYS A 56 1.31 11.32 -2.58
CA LYS A 56 1.75 12.71 -2.41
C LYS A 56 0.70 13.58 -1.73
N ASN A 57 -0.52 13.08 -1.57
CA ASN A 57 -1.56 13.76 -0.81
C ASN A 57 -1.46 13.47 0.69
N LEU A 58 -0.90 12.32 1.05
CA LEU A 58 -0.64 11.97 2.43
C LEU A 58 0.45 12.85 3.04
N ASP A 59 0.84 12.53 4.27
CA ASP A 59 1.94 13.22 4.95
C ASP A 59 3.24 12.44 4.85
N GLU A 60 4.36 13.16 4.89
CA GLU A 60 5.69 12.56 4.85
C GLU A 60 5.97 11.68 6.07
N LYS A 61 5.33 12.02 7.19
CA LYS A 61 5.36 11.20 8.40
C LYS A 61 4.36 10.06 8.36
N CYS A 62 3.41 10.06 7.44
CA CYS A 62 2.51 8.95 7.20
C CYS A 62 3.00 8.05 6.07
N MET A 63 3.93 8.51 5.26
CA MET A 63 4.49 7.73 4.17
C MET A 63 5.58 6.78 4.67
N CYS A 64 5.22 5.81 5.50
CA CYS A 64 6.13 4.85 6.12
C CYS A 64 5.38 4.06 7.18
N PRO A 65 4.87 4.73 8.22
CA PRO A 65 4.14 4.08 9.27
C PRO A 65 2.75 3.70 8.80
N ALA A 66 2.14 4.54 7.97
CA ALA A 66 0.84 4.25 7.42
C ALA A 66 0.94 3.04 6.50
N ILE A 67 1.88 3.01 5.55
CA ILE A 67 2.10 1.89 4.62
C ILE A 67 1.87 0.56 5.33
N MET A 68 2.43 0.40 6.52
CA MET A 68 2.18 -0.77 7.36
C MET A 68 0.70 -1.13 7.44
N MET A 69 -0.10 -0.27 8.06
CA MET A 69 -1.54 -0.42 8.16
C MET A 69 -2.27 -0.49 6.82
N MET A 70 -1.73 0.13 5.77
CA MET A 70 -2.28 -0.04 4.41
C MET A 70 -2.35 -1.52 4.05
N LEU A 71 -1.32 -2.29 4.43
CA LEU A 71 -1.25 -3.72 4.13
C LEU A 71 -1.87 -4.49 5.28
N ASN A 72 -2.69 -3.85 6.09
CA ASN A 72 -3.46 -4.48 7.15
C ASN A 72 -4.96 -4.33 6.92
N GLU A 73 -5.34 -3.59 5.89
CA GLU A 73 -6.74 -3.36 5.54
C GLU A 73 -7.44 -4.69 5.20
N PRO A 74 -8.78 -4.68 4.96
CA PRO A 74 -9.54 -5.85 4.56
C PRO A 74 -9.23 -6.37 3.17
N MET A 75 -7.96 -6.25 2.77
CA MET A 75 -7.47 -6.67 1.48
C MET A 75 -5.97 -6.89 1.48
N TRP A 76 -5.35 -7.12 2.64
CA TRP A 76 -3.92 -7.34 2.77
C TRP A 76 -3.67 -8.12 4.06
N ILE A 77 -3.77 -9.45 4.00
CA ILE A 77 -3.62 -10.31 5.20
C ILE A 77 -2.52 -11.32 4.94
N ARG A 78 -2.87 -12.54 4.54
CA ARG A 78 -1.91 -13.60 4.23
C ARG A 78 -1.49 -13.58 2.76
N MET A 79 -1.87 -12.52 2.07
CA MET A 79 -1.66 -12.28 0.64
C MET A 79 -0.70 -11.12 0.46
N ARG A 80 -0.65 -10.23 1.45
CA ARG A 80 0.34 -9.16 1.46
C ARG A 80 1.73 -9.60 1.85
N ASP A 81 1.91 -10.73 2.48
CA ASP A 81 3.24 -11.26 2.84
C ASP A 81 4.23 -11.17 1.68
N GLN A 82 3.71 -11.27 0.47
CA GLN A 82 4.44 -11.18 -0.77
C GLN A 82 4.47 -9.75 -1.33
N VAL A 83 3.31 -9.08 -1.30
CA VAL A 83 3.17 -7.68 -1.72
C VAL A 83 3.96 -6.75 -0.79
N MET A 84 4.36 -7.26 0.37
CA MET A 84 5.13 -6.58 1.40
C MET A 84 6.51 -6.28 0.86
N SER A 85 7.15 -7.28 0.24
CA SER A 85 8.44 -7.12 -0.44
C SER A 85 8.31 -6.47 -1.81
N MET A 86 7.15 -5.92 -2.12
CA MET A 86 6.87 -5.20 -3.35
C MET A 86 6.48 -3.75 -3.10
N ALA A 87 5.59 -3.53 -2.14
CA ALA A 87 5.19 -2.23 -1.64
C ALA A 87 6.18 -1.68 -0.61
N HIS A 88 7.40 -2.19 -0.60
CA HIS A 88 8.49 -1.66 0.21
C HIS A 88 9.48 -0.85 -0.61
N ASN A 89 9.55 -1.09 -1.92
CA ASN A 89 10.38 -0.32 -2.86
C ASN A 89 9.54 0.55 -3.75
N LEU A 90 8.27 0.21 -3.97
CA LEU A 90 7.32 1.04 -4.70
C LEU A 90 7.14 2.42 -4.04
N PRO A 91 6.89 2.49 -2.72
CA PRO A 91 6.77 3.76 -2.04
C PRO A 91 8.13 4.39 -1.78
N ILE A 92 9.15 3.59 -1.50
CA ILE A 92 10.52 4.12 -1.34
C ILE A 92 11.00 4.81 -2.60
N GLU A 93 10.79 4.22 -3.77
CA GLU A 93 11.17 4.79 -5.06
C GLU A 93 10.41 6.07 -5.37
N CYS A 94 9.29 6.28 -4.70
CA CYS A 94 8.55 7.54 -4.75
C CYS A 94 9.00 8.52 -3.65
N ASN A 95 10.03 8.17 -2.87
CA ASN A 95 10.54 8.93 -1.73
C ASN A 95 9.48 9.06 -0.61
N LEU A 96 8.59 8.08 -0.54
CA LEU A 96 7.50 8.15 0.41
C LEU A 96 8.06 7.67 1.72
N MET A 97 8.47 6.40 1.73
CA MET A 97 8.99 5.72 2.90
C MET A 97 10.46 5.36 2.76
N SER A 98 11.19 6.04 1.87
CA SER A 98 12.61 5.78 1.56
C SER A 98 13.43 5.39 2.80
N GLN A 99 13.61 6.37 3.68
CA GLN A 99 14.18 6.09 4.99
C GLN A 99 13.80 7.15 6.02
N PRO A 100 12.49 7.46 6.15
CA PRO A 100 12.05 8.50 7.06
C PRO A 100 12.12 8.02 8.49
N CYS A 101 11.30 7.04 8.84
CA CYS A 101 11.27 6.47 10.18
C CYS A 101 12.49 5.56 10.36
N GLN A 102 13.32 5.85 11.38
CA GLN A 102 14.54 5.10 11.68
C GLN A 102 14.47 4.57 13.11
N MET A 103 15.55 3.91 13.53
CA MET A 103 15.69 3.35 14.85
C MET A 103 17.14 3.42 15.32
N PRO A 1 6.05 0.63 19.32
CA PRO A 1 5.41 1.57 18.41
C PRO A 1 5.43 1.08 16.97
N TYR A 2 4.94 1.93 16.08
CA TYR A 2 4.90 1.60 14.66
C TYR A 2 5.36 2.77 13.81
N GLY A 3 5.87 3.82 14.48
CA GLY A 3 6.33 5.00 13.80
C GLY A 3 6.61 6.12 14.80
N ARG A 4 7.78 6.02 15.46
CA ARG A 4 8.18 7.01 16.43
C ARG A 4 7.77 8.41 15.97
N GLY A 5 7.11 9.14 16.86
CA GLY A 5 6.66 10.48 16.54
C GLY A 5 5.17 10.50 16.25
N ARG A 6 4.44 11.31 17.02
CA ARG A 6 3.01 11.44 16.84
C ARG A 6 2.69 11.98 15.46
N THR A 7 1.41 12.18 15.20
CA THR A 7 0.96 12.70 13.93
C THR A 7 -0.52 13.07 14.00
N GLU A 8 -0.95 13.90 13.05
CA GLU A 8 -2.32 14.34 12.98
C GLU A 8 -3.26 13.14 12.80
N SER A 9 -4.35 13.35 12.09
CA SER A 9 -5.32 12.32 11.82
C SER A 9 -4.61 10.99 11.55
N GLY A 10 -5.13 9.91 12.14
CA GLY A 10 -4.56 8.60 11.97
C GLY A 10 -4.36 8.28 10.51
N CYS A 11 -3.10 8.09 10.11
CA CYS A 11 -2.77 7.79 8.73
C CYS A 11 -3.74 6.73 8.22
N TYR A 12 -3.84 5.62 8.95
CA TYR A 12 -4.74 4.56 8.61
C TYR A 12 -6.14 5.08 8.28
N GLN A 13 -6.55 6.09 9.02
CA GLN A 13 -7.83 6.73 8.81
C GLN A 13 -7.86 7.50 7.50
N GLN A 14 -6.71 8.03 7.11
CA GLN A 14 -6.57 8.77 5.88
C GLN A 14 -6.48 7.83 4.68
N MET A 15 -6.02 6.60 4.94
CA MET A 15 -5.89 5.60 3.91
C MET A 15 -7.22 5.35 3.23
N GLU A 16 -8.25 5.12 4.03
CA GLU A 16 -9.58 4.85 3.51
C GLU A 16 -9.98 5.96 2.53
N GLU A 17 -9.58 7.19 2.85
CA GLU A 17 -9.89 8.33 2.01
C GLU A 17 -8.96 8.37 0.81
N ALA A 18 -7.79 7.76 0.95
CA ALA A 18 -6.80 7.72 -0.09
C ALA A 18 -6.28 6.30 -0.25
N GLU A 19 -7.18 5.39 -0.66
CA GLU A 19 -6.83 4.00 -0.82
C GLU A 19 -5.88 3.85 -2.01
N MET A 20 -4.72 4.48 -1.92
CA MET A 20 -3.71 4.44 -2.95
C MET A 20 -2.93 3.14 -2.87
N LEU A 21 -3.12 2.40 -1.78
CA LEU A 21 -2.43 1.15 -1.57
C LEU A 21 -3.23 0.04 -2.23
N ASN A 22 -4.26 0.42 -2.98
CA ASN A 22 -5.10 -0.53 -3.66
C ASN A 22 -4.70 -0.58 -5.12
N HIS A 23 -4.46 0.60 -5.72
CA HIS A 23 -4.08 0.69 -7.10
C HIS A 23 -2.72 0.02 -7.30
N CYS A 24 -1.74 0.49 -6.53
CA CYS A 24 -0.40 -0.07 -6.60
C CYS A 24 -0.40 -1.44 -5.93
N GLY A 25 -1.40 -1.67 -5.08
CA GLY A 25 -1.53 -2.92 -4.37
C GLY A 25 -2.10 -4.00 -5.28
N MET A 26 -3.09 -3.65 -6.08
CA MET A 26 -3.74 -4.57 -6.99
C MET A 26 -2.75 -5.06 -8.02
N TYR A 27 -1.96 -4.14 -8.57
CA TYR A 27 -0.96 -4.48 -9.56
C TYR A 27 -0.09 -5.65 -9.10
N LEU A 28 0.06 -5.76 -7.78
CA LEU A 28 0.85 -6.82 -7.20
C LEU A 28 -0.04 -8.02 -6.93
N MET A 29 -1.33 -7.78 -6.72
CA MET A 29 -2.30 -8.82 -6.49
C MET A 29 -2.70 -9.51 -7.78
N LYS A 30 -2.07 -9.11 -8.89
CA LYS A 30 -2.34 -9.68 -10.18
C LYS A 30 -1.67 -11.05 -10.28
N ASN A 31 -0.63 -11.25 -9.49
CA ASN A 31 0.09 -12.51 -9.46
C ASN A 31 0.34 -12.93 -8.02
N LEU A 32 -0.28 -12.21 -7.08
CA LEU A 32 -0.12 -12.50 -5.69
C LEU A 32 -1.46 -12.96 -5.10
N GLY A 33 -2.52 -12.81 -5.92
CA GLY A 33 -3.85 -13.21 -5.51
C GLY A 33 -3.97 -14.73 -5.45
N GLU A 34 -4.87 -15.26 -6.28
CA GLU A 34 -5.09 -16.68 -6.34
C GLU A 34 -5.31 -17.13 -7.78
N ARG A 35 -6.07 -18.21 -7.96
CA ARG A 35 -6.36 -18.74 -9.26
C ARG A 35 -7.86 -18.70 -9.53
N SER A 36 -8.60 -19.50 -8.75
CA SER A 36 -10.04 -19.57 -8.89
C SER A 36 -10.68 -18.27 -8.39
N GLN A 37 -11.54 -17.70 -9.24
CA GLN A 37 -12.23 -16.47 -8.90
C GLN A 37 -13.45 -16.29 -9.80
N VAL A 38 -14.19 -15.21 -9.54
CA VAL A 38 -15.38 -14.91 -10.31
C VAL A 38 -15.08 -15.12 -11.79
N SER A 39 -16.00 -15.81 -12.46
CA SER A 39 -15.85 -16.06 -13.89
C SER A 39 -15.28 -14.83 -14.60
N PRO A 40 -15.94 -13.67 -14.38
CA PRO A 40 -15.52 -12.42 -14.96
C PRO A 40 -14.28 -11.88 -14.27
N ARG A 41 -14.01 -10.58 -14.48
CA ARG A 41 -12.88 -9.93 -13.87
C ARG A 41 -13.03 -8.42 -13.95
N MET A 42 -13.75 -7.86 -12.99
CA MET A 42 -13.97 -6.43 -12.95
C MET A 42 -12.69 -5.66 -13.26
N ARG A 43 -12.84 -4.54 -13.95
CA ARG A 43 -11.71 -3.70 -14.32
C ARG A 43 -12.18 -2.29 -14.63
N GLU A 44 -11.59 -1.34 -13.95
CA GLU A 44 -11.92 0.06 -14.15
C GLU A 44 -10.74 0.96 -13.80
N GLU A 45 -10.24 0.81 -12.58
CA GLU A 45 -9.12 1.58 -12.10
C GLU A 45 -7.87 1.19 -12.86
N ASP A 46 -6.78 1.93 -12.61
CA ASP A 46 -5.52 1.67 -13.25
C ASP A 46 -4.40 1.72 -12.21
N HIS A 47 -3.18 1.48 -12.65
CA HIS A 47 -2.02 1.52 -11.79
C HIS A 47 -0.82 2.06 -12.54
N LYS A 48 -0.18 3.07 -11.96
CA LYS A 48 0.98 3.70 -12.56
C LYS A 48 1.58 4.71 -11.61
N GLN A 49 0.94 5.88 -11.53
CA GLN A 49 1.39 6.94 -10.66
C GLN A 49 0.28 7.35 -9.73
N LEU A 50 -0.89 6.73 -9.88
CA LEU A 50 -2.04 7.02 -9.05
C LEU A 50 -1.68 6.74 -7.59
N CYS A 51 -0.76 5.79 -7.39
CA CYS A 51 -0.31 5.44 -6.06
C CYS A 51 0.77 6.42 -5.64
N CYS A 52 1.76 6.62 -6.52
CA CYS A 52 2.84 7.54 -6.25
C CYS A 52 2.29 8.95 -6.13
N MET A 53 1.03 9.13 -6.56
CA MET A 53 0.37 10.40 -6.53
C MET A 53 -0.34 10.58 -5.21
N GLN A 54 -1.43 9.83 -5.00
CA GLN A 54 -2.19 9.91 -3.78
C GLN A 54 -1.28 9.87 -2.57
N LEU A 55 -0.20 9.10 -2.67
CA LEU A 55 0.76 8.97 -1.60
C LEU A 55 1.28 10.36 -1.22
N LYS A 56 1.38 11.24 -2.22
CA LYS A 56 1.82 12.60 -2.01
C LYS A 56 0.68 13.44 -1.43
N ASN A 57 -0.47 12.81 -1.23
CA ASN A 57 -1.62 13.45 -0.67
C ASN A 57 -1.70 13.18 0.82
N LEU A 58 -1.12 12.05 1.23
CA LEU A 58 -1.13 11.66 2.62
C LEU A 58 -0.24 12.62 3.41
N ASP A 59 1.05 12.28 3.50
CA ASP A 59 2.00 13.09 4.22
C ASP A 59 3.26 12.28 4.45
N GLU A 60 4.40 12.97 4.52
CA GLU A 60 5.67 12.33 4.76
C GLU A 60 5.70 11.66 6.12
N LYS A 61 4.70 11.99 6.95
CA LYS A 61 4.58 11.40 8.26
C LYS A 61 3.71 10.17 8.21
N CYS A 62 2.88 10.07 7.17
CA CYS A 62 2.02 8.93 6.97
C CYS A 62 2.54 8.10 5.81
N MET A 63 3.73 8.45 5.33
CA MET A 63 4.37 7.77 4.23
C MET A 63 5.48 6.88 4.73
N CYS A 64 5.13 5.93 5.59
CA CYS A 64 6.10 5.01 6.16
C CYS A 64 5.42 4.20 7.26
N PRO A 65 4.84 4.92 8.24
CA PRO A 65 4.14 4.30 9.34
C PRO A 65 2.79 3.76 8.92
N ALA A 66 2.15 4.49 8.01
CA ALA A 66 0.86 4.11 7.51
C ALA A 66 0.99 2.87 6.65
N ILE A 67 1.98 2.87 5.75
CA ILE A 67 2.22 1.75 4.87
C ILE A 67 2.05 0.45 5.65
N MET A 68 2.50 0.45 6.90
CA MET A 68 2.38 -0.70 7.77
C MET A 68 0.93 -1.14 7.88
N MET A 69 0.10 -0.28 8.47
CA MET A 69 -1.30 -0.58 8.65
C MET A 69 -1.97 -0.88 7.31
N MET A 70 -1.39 -0.37 6.23
CA MET A 70 -1.90 -0.59 4.90
C MET A 70 -1.75 -2.06 4.52
N LEU A 71 -0.51 -2.57 4.65
CA LEU A 71 -0.22 -3.93 4.28
C LEU A 71 -0.58 -4.85 5.44
N ASN A 72 -1.23 -4.27 6.46
CA ASN A 72 -1.65 -5.01 7.63
C ASN A 72 -3.14 -4.80 7.86
N GLU A 73 -3.77 -4.07 6.94
CA GLU A 73 -5.18 -3.78 7.05
C GLU A 73 -6.00 -5.02 6.75
N PRO A 74 -7.34 -4.89 6.85
CA PRO A 74 -8.25 -5.96 6.55
C PRO A 74 -8.34 -6.26 5.06
N MET A 75 -7.20 -6.29 4.40
CA MET A 75 -7.12 -6.53 2.99
C MET A 75 -5.69 -6.73 2.52
N TRP A 76 -4.83 -7.20 3.44
CA TRP A 76 -3.45 -7.44 3.15
C TRP A 76 -2.85 -8.28 4.27
N ILE A 77 -3.32 -9.53 4.36
CA ILE A 77 -2.88 -10.42 5.42
C ILE A 77 -1.79 -11.30 4.84
N ARG A 78 -2.14 -12.56 4.52
CA ARG A 78 -1.21 -13.51 3.99
C ARG A 78 -0.86 -13.15 2.56
N MET A 79 -1.88 -12.96 1.74
CA MET A 79 -1.70 -12.59 0.34
C MET A 79 -0.70 -11.44 0.21
N ARG A 80 -0.57 -10.65 1.27
CA ARG A 80 0.35 -9.55 1.31
C ARG A 80 1.76 -10.05 1.54
N ASP A 81 1.91 -11.12 2.29
CA ASP A 81 3.20 -11.71 2.60
C ASP A 81 4.10 -11.63 1.37
N GLN A 82 3.47 -11.68 0.19
CA GLN A 82 4.19 -11.58 -1.06
C GLN A 82 4.23 -10.15 -1.56
N VAL A 83 3.10 -9.46 -1.47
CA VAL A 83 2.98 -8.08 -1.89
C VAL A 83 3.73 -7.19 -0.93
N MET A 84 4.24 -7.76 0.16
CA MET A 84 4.95 -7.06 1.17
C MET A 84 6.34 -6.73 0.69
N SER A 85 6.84 -7.50 -0.28
CA SER A 85 8.14 -7.29 -0.86
C SER A 85 8.02 -6.47 -2.13
N MET A 86 6.85 -5.90 -2.36
CA MET A 86 6.60 -5.08 -3.52
C MET A 86 6.17 -3.68 -3.13
N ALA A 87 5.36 -3.59 -2.08
CA ALA A 87 4.89 -2.31 -1.57
C ALA A 87 5.88 -1.77 -0.56
N HIS A 88 7.07 -2.36 -0.53
CA HIS A 88 8.11 -1.93 0.38
C HIS A 88 9.13 -1.08 -0.36
N ASN A 89 9.25 -1.32 -1.67
CA ASN A 89 10.16 -0.58 -2.50
C ASN A 89 9.39 0.39 -3.38
N LEU A 90 8.10 0.14 -3.53
CA LEU A 90 7.24 0.98 -4.32
C LEU A 90 7.13 2.36 -3.66
N PRO A 91 6.80 2.37 -2.35
CA PRO A 91 6.71 3.59 -1.59
C PRO A 91 8.05 4.20 -1.30
N ILE A 92 9.08 3.36 -1.34
CA ILE A 92 10.43 3.80 -1.10
C ILE A 92 11.02 4.41 -2.36
N GLU A 93 10.89 3.69 -3.47
CA GLU A 93 11.40 4.14 -4.74
C GLU A 93 10.72 5.46 -5.14
N CYS A 94 9.60 5.75 -4.48
CA CYS A 94 8.89 6.98 -4.73
C CYS A 94 9.35 8.03 -3.75
N ASN A 95 10.07 7.62 -2.72
CA ASN A 95 10.60 8.49 -1.71
C ASN A 95 9.51 8.75 -0.66
N LEU A 96 8.58 7.82 -0.54
CA LEU A 96 7.50 7.92 0.39
C LEU A 96 7.97 7.49 1.76
N MET A 97 8.43 6.23 1.85
CA MET A 97 8.92 5.67 3.09
C MET A 97 10.35 5.21 2.96
N SER A 98 11.08 5.80 1.99
CA SER A 98 12.45 5.46 1.74
C SER A 98 13.15 5.09 3.04
N GLN A 99 13.41 6.10 3.87
CA GLN A 99 14.01 5.90 5.16
C GLN A 99 13.73 7.08 6.09
N PRO A 100 12.43 7.43 6.20
CA PRO A 100 12.00 8.52 7.05
C PRO A 100 12.09 8.16 8.52
N CYS A 101 11.24 7.20 8.91
CA CYS A 101 11.20 6.74 10.29
C CYS A 101 12.44 5.89 10.54
N GLN A 102 13.18 6.26 11.58
CA GLN A 102 14.38 5.54 11.94
C GLN A 102 14.33 5.12 13.40
N MET A 103 15.41 4.49 13.86
CA MET A 103 15.50 4.05 15.24
C MET A 103 15.64 5.23 16.20
N PRO A 1 14.67 -1.82 8.57
CA PRO A 1 15.46 -2.60 7.57
C PRO A 1 14.58 -3.29 6.52
N TYR A 2 13.36 -3.67 6.92
CA TYR A 2 12.45 -4.38 6.05
C TYR A 2 11.04 -4.26 6.58
N GLY A 3 10.58 -3.03 6.86
CA GLY A 3 9.23 -2.81 7.38
C GLY A 3 9.30 -2.10 8.72
N ARG A 4 8.93 -0.82 8.72
CA ARG A 4 8.91 -0.02 9.94
C ARG A 4 7.69 0.87 9.97
N GLY A 5 6.98 0.87 11.09
CA GLY A 5 5.79 1.68 11.25
C GLY A 5 4.91 1.13 12.34
N ARG A 6 4.35 2.02 13.15
CA ARG A 6 3.47 1.64 14.25
C ARG A 6 2.94 2.84 14.96
N THR A 7 1.64 3.07 14.90
CA THR A 7 1.01 4.26 15.46
C THR A 7 -0.49 4.01 15.60
N GLU A 8 -1.19 4.98 16.18
CA GLU A 8 -2.63 4.89 16.39
C GLU A 8 -3.40 5.25 15.10
N SER A 9 -4.61 5.77 15.28
CA SER A 9 -5.44 6.29 14.21
C SER A 9 -4.82 7.55 13.55
N GLY A 10 -5.62 8.23 12.74
CA GLY A 10 -5.19 9.47 12.09
C GLY A 10 -4.79 9.18 10.67
N CYS A 11 -3.51 8.86 10.45
CA CYS A 11 -2.99 8.57 9.14
C CYS A 11 -3.73 7.40 8.55
N TYR A 12 -3.59 6.20 9.11
CA TYR A 12 -4.34 5.02 8.71
C TYR A 12 -5.80 5.29 8.38
N GLN A 13 -6.50 5.94 9.29
CA GLN A 13 -7.88 6.28 9.05
C GLN A 13 -8.01 7.13 7.78
N GLN A 14 -7.15 8.12 7.60
CA GLN A 14 -7.14 8.88 6.36
C GLN A 14 -6.76 8.04 5.14
N MET A 15 -6.01 6.95 5.35
CA MET A 15 -5.52 6.07 4.34
C MET A 15 -6.70 5.48 3.63
N GLU A 16 -7.61 4.76 4.27
CA GLU A 16 -8.78 4.21 3.60
C GLU A 16 -9.54 5.26 2.78
N GLU A 17 -9.59 6.49 3.28
CA GLU A 17 -10.24 7.59 2.58
C GLU A 17 -9.44 7.99 1.34
N ALA A 18 -8.14 7.80 1.38
CA ALA A 18 -7.27 8.09 0.27
C ALA A 18 -6.34 6.94 0.02
N GLU A 19 -6.88 5.74 -0.24
CA GLU A 19 -6.11 4.49 -0.40
C GLU A 19 -4.86 4.74 -1.25
N MET A 20 -3.77 5.03 -0.56
CA MET A 20 -2.56 5.50 -1.24
C MET A 20 -1.87 4.24 -1.70
N LEU A 21 -2.15 3.11 -1.06
CA LEU A 21 -1.50 1.86 -1.34
C LEU A 21 -2.59 0.81 -1.43
N ASN A 22 -3.37 0.90 -2.50
CA ASN A 22 -4.44 -0.07 -2.75
C ASN A 22 -4.42 -0.50 -4.21
N HIS A 23 -4.22 0.47 -5.10
CA HIS A 23 -4.19 0.23 -6.53
C HIS A 23 -2.88 -0.45 -6.88
N CYS A 24 -1.75 0.14 -6.47
CA CYS A 24 -0.46 -0.48 -6.67
C CYS A 24 -0.44 -1.89 -6.08
N GLY A 25 -1.35 -2.19 -5.15
CA GLY A 25 -1.51 -3.51 -4.60
C GLY A 25 -2.02 -4.48 -5.61
N MET A 26 -3.02 -4.15 -6.43
CA MET A 26 -3.53 -5.05 -7.45
C MET A 26 -2.44 -5.50 -8.41
N TYR A 27 -1.53 -4.59 -8.78
CA TYR A 27 -0.39 -4.93 -9.63
C TYR A 27 0.47 -6.04 -9.02
N LEU A 28 0.54 -6.08 -7.71
CA LEU A 28 1.33 -7.07 -6.98
C LEU A 28 0.42 -8.22 -6.57
N MET A 29 -0.88 -8.00 -6.52
CA MET A 29 -1.90 -8.98 -6.17
C MET A 29 -2.46 -9.61 -7.42
N LYS A 30 -1.85 -9.36 -8.57
CA LYS A 30 -2.30 -9.91 -9.84
C LYS A 30 -1.67 -11.26 -10.05
N ASN A 31 -0.57 -11.54 -9.34
CA ASN A 31 0.07 -12.84 -9.37
C ASN A 31 -0.23 -13.62 -8.09
N LEU A 32 -0.75 -12.93 -7.07
CA LEU A 32 -1.09 -13.55 -5.82
C LEU A 32 -2.32 -14.42 -5.99
N GLY A 33 -3.16 -14.13 -7.01
CA GLY A 33 -4.37 -14.87 -7.29
C GLY A 33 -5.39 -14.67 -6.21
N GLU A 34 -5.10 -15.03 -4.96
CA GLU A 34 -5.94 -14.86 -3.79
C GLU A 34 -6.52 -13.44 -3.71
N ARG A 35 -7.68 -13.26 -4.30
CA ARG A 35 -8.32 -11.96 -4.41
C ARG A 35 -9.61 -12.06 -3.61
N SER A 36 -9.95 -10.97 -2.95
CA SER A 36 -11.18 -10.92 -2.18
C SER A 36 -12.09 -9.87 -2.76
N GLN A 37 -12.85 -10.21 -3.80
CA GLN A 37 -13.78 -9.30 -4.44
C GLN A 37 -14.55 -10.03 -5.55
N VAL A 38 -15.85 -9.85 -5.55
CA VAL A 38 -16.72 -10.49 -6.55
C VAL A 38 -17.74 -9.47 -7.04
N SER A 39 -17.29 -8.25 -7.29
CA SER A 39 -18.18 -7.20 -7.77
C SER A 39 -17.37 -6.09 -8.40
N PRO A 40 -17.03 -6.23 -9.68
CA PRO A 40 -16.26 -5.21 -10.41
C PRO A 40 -17.12 -3.97 -10.71
N ARG A 41 -16.60 -3.11 -11.57
CA ARG A 41 -17.32 -1.92 -11.99
C ARG A 41 -16.78 -1.44 -13.33
N MET A 42 -15.53 -1.03 -13.32
CA MET A 42 -14.89 -0.46 -14.51
C MET A 42 -13.39 -0.73 -14.48
N ARG A 43 -12.76 -0.65 -15.65
CA ARG A 43 -11.31 -0.84 -15.78
C ARG A 43 -10.65 0.37 -16.38
N GLU A 44 -10.47 1.40 -15.57
CA GLU A 44 -9.81 2.60 -16.04
C GLU A 44 -8.32 2.37 -16.23
N GLU A 45 -7.58 3.43 -16.56
CA GLU A 45 -6.13 3.44 -16.67
C GLU A 45 -5.51 2.47 -15.68
N ASP A 46 -5.05 1.33 -16.20
CA ASP A 46 -4.44 0.29 -15.40
C ASP A 46 -3.49 0.93 -14.36
N HIS A 47 -3.21 0.17 -13.31
CA HIS A 47 -2.32 0.67 -12.27
C HIS A 47 -1.05 1.23 -12.90
N LYS A 48 -0.44 2.19 -12.22
CA LYS A 48 0.79 2.81 -12.70
C LYS A 48 1.38 3.71 -11.64
N GLN A 49 0.75 4.86 -11.41
CA GLN A 49 1.18 5.82 -10.40
C GLN A 49 -0.03 6.28 -9.60
N LEU A 50 -1.10 5.49 -9.58
CA LEU A 50 -2.29 5.83 -8.82
C LEU A 50 -1.98 5.72 -7.32
N CYS A 51 -0.96 4.93 -6.95
CA CYS A 51 -0.53 4.81 -5.57
C CYS A 51 0.43 5.94 -5.23
N CYS A 52 1.45 6.16 -6.06
CA CYS A 52 2.41 7.24 -5.86
C CYS A 52 1.69 8.59 -5.88
N MET A 53 0.46 8.61 -6.42
CA MET A 53 -0.38 9.79 -6.46
C MET A 53 -0.83 10.16 -5.06
N GLN A 54 -1.83 9.44 -4.54
CA GLN A 54 -2.39 9.75 -3.25
C GLN A 54 -1.32 9.68 -2.18
N LEU A 55 -0.30 8.85 -2.37
CA LEU A 55 0.82 8.78 -1.46
C LEU A 55 1.46 10.16 -1.27
N LYS A 56 1.43 11.02 -2.28
CA LYS A 56 1.84 12.40 -2.15
C LYS A 56 0.79 13.24 -1.41
N ASN A 57 -0.49 13.01 -1.69
CA ASN A 57 -1.53 13.66 -0.91
C ASN A 57 -1.46 13.38 0.60
N LEU A 58 -0.79 12.28 0.97
CA LEU A 58 -0.58 11.94 2.36
C LEU A 58 0.48 12.85 3.00
N ASP A 59 0.81 12.54 4.24
CA ASP A 59 1.83 13.28 4.95
C ASP A 59 3.18 12.58 4.82
N GLU A 60 4.25 13.33 5.04
CA GLU A 60 5.60 12.76 4.99
C GLU A 60 5.87 11.91 6.23
N LYS A 61 5.03 12.07 7.26
CA LYS A 61 5.11 11.26 8.46
C LYS A 61 4.17 10.09 8.34
N CYS A 62 3.10 10.17 7.55
CA CYS A 62 2.22 9.04 7.32
C CYS A 62 2.77 8.16 6.20
N MET A 63 3.80 8.59 5.49
CA MET A 63 4.40 7.84 4.41
C MET A 63 5.47 6.92 4.97
N CYS A 64 5.10 5.95 5.77
CA CYS A 64 6.07 5.03 6.41
C CYS A 64 5.29 4.21 7.42
N PRO A 65 4.65 4.88 8.40
CA PRO A 65 3.89 4.21 9.44
C PRO A 65 2.54 3.74 8.90
N ALA A 66 1.97 4.48 7.95
CA ALA A 66 0.73 4.12 7.35
C ALA A 66 0.94 2.91 6.48
N ILE A 67 1.98 2.87 5.64
CA ILE A 67 2.28 1.72 4.78
C ILE A 67 2.02 0.38 5.49
N MET A 68 2.36 0.32 6.78
CA MET A 68 2.03 -0.81 7.63
C MET A 68 0.56 -1.17 7.59
N MET A 69 -0.30 -0.26 8.08
CA MET A 69 -1.74 -0.41 8.04
C MET A 69 -2.29 -0.61 6.63
N MET A 70 -1.57 -0.10 5.63
CA MET A 70 -1.98 -0.25 4.27
C MET A 70 -2.04 -1.70 3.93
N LEU A 71 -1.12 -2.50 4.46
CA LEU A 71 -1.03 -3.90 4.14
C LEU A 71 -1.68 -4.64 5.29
N ASN A 72 -2.52 -4.01 6.10
CA ASN A 72 -3.26 -4.64 7.17
C ASN A 72 -4.75 -4.54 6.93
N GLU A 73 -5.14 -3.87 5.84
CA GLU A 73 -6.53 -3.69 5.51
C GLU A 73 -7.21 -5.05 5.31
N PRO A 74 -8.52 -5.03 5.07
CA PRO A 74 -9.27 -6.23 4.68
C PRO A 74 -8.95 -6.74 3.26
N MET A 75 -7.70 -6.69 2.87
CA MET A 75 -7.26 -7.12 1.58
C MET A 75 -5.76 -7.22 1.56
N TRP A 76 -5.12 -7.45 2.70
CA TRP A 76 -3.68 -7.60 2.76
C TRP A 76 -3.37 -8.50 3.93
N ILE A 77 -3.71 -9.79 3.83
CA ILE A 77 -3.58 -10.72 4.96
C ILE A 77 -2.33 -11.53 4.77
N ARG A 78 -2.41 -12.83 4.64
CA ARG A 78 -1.26 -13.68 4.34
C ARG A 78 -0.86 -13.62 2.88
N MET A 79 -1.37 -12.64 2.15
CA MET A 79 -1.18 -12.51 0.72
C MET A 79 -0.29 -11.33 0.45
N ARG A 80 -0.35 -10.31 1.32
CA ARG A 80 0.50 -9.17 1.22
C ARG A 80 1.94 -9.55 1.40
N ASP A 81 2.28 -10.68 2.02
CA ASP A 81 3.66 -11.14 2.17
C ASP A 81 4.49 -10.94 0.89
N GLN A 82 3.83 -11.08 -0.27
CA GLN A 82 4.44 -10.70 -1.54
C GLN A 82 4.35 -9.24 -1.89
N VAL A 83 3.17 -8.64 -1.78
CA VAL A 83 2.97 -7.21 -2.01
C VAL A 83 3.80 -6.39 -1.04
N MET A 84 4.36 -6.98 0.00
CA MET A 84 5.14 -6.33 1.03
C MET A 84 6.51 -6.06 0.48
N SER A 85 7.21 -7.11 0.05
CA SER A 85 8.53 -6.96 -0.54
C SER A 85 8.44 -6.21 -1.87
N MET A 86 7.24 -5.95 -2.37
CA MET A 86 7.03 -5.21 -3.60
C MET A 86 6.64 -3.77 -3.31
N ALA A 87 5.88 -3.54 -2.24
CA ALA A 87 5.47 -2.23 -1.81
C ALA A 87 6.48 -1.69 -0.82
N HIS A 88 7.73 -2.17 -0.86
CA HIS A 88 8.77 -1.71 0.02
C HIS A 88 9.70 -0.81 -0.76
N ASN A 89 9.86 -1.03 -2.06
CA ASN A 89 10.68 -0.23 -2.93
C ASN A 89 9.81 0.65 -3.77
N LEU A 90 8.54 0.30 -3.98
CA LEU A 90 7.60 1.16 -4.69
C LEU A 90 7.43 2.50 -3.99
N PRO A 91 7.18 2.50 -2.66
CA PRO A 91 7.02 3.71 -1.90
C PRO A 91 8.37 4.34 -1.66
N ILE A 92 9.45 3.60 -1.54
CA ILE A 92 10.76 4.17 -1.37
C ILE A 92 11.25 4.82 -2.64
N GLU A 93 11.06 4.18 -3.79
CA GLU A 93 11.46 4.73 -5.08
C GLU A 93 10.68 6.01 -5.39
N CYS A 94 9.55 6.21 -4.70
CA CYS A 94 8.81 7.44 -4.80
C CYS A 94 9.25 8.44 -3.75
N ASN A 95 10.03 8.03 -2.73
CA ASN A 95 10.54 8.84 -1.63
C ASN A 95 9.45 8.92 -0.55
N LEU A 96 8.57 7.96 -0.47
CA LEU A 96 7.48 7.93 0.47
C LEU A 96 8.03 7.45 1.77
N MET A 97 8.65 6.26 1.78
CA MET A 97 9.21 5.69 2.98
C MET A 97 10.68 5.36 2.83
N SER A 98 11.36 6.04 1.89
CA SER A 98 12.77 5.81 1.58
C SER A 98 13.59 5.40 2.81
N GLN A 99 13.84 6.33 3.68
CA GLN A 99 14.39 6.01 5.01
C GLN A 99 14.00 7.07 6.05
N PRO A 100 12.70 7.36 6.19
CA PRO A 100 12.25 8.39 7.12
C PRO A 100 12.36 7.86 8.56
N CYS A 101 11.46 6.96 8.96
CA CYS A 101 11.46 6.41 10.29
C CYS A 101 12.63 5.44 10.40
N GLN A 102 13.58 5.77 11.25
CA GLN A 102 14.76 4.93 11.47
C GLN A 102 14.89 4.60 12.95
N MET A 103 15.92 3.81 13.27
CA MET A 103 16.23 3.50 14.67
C MET A 103 16.23 4.75 15.61
N PRO A 1 11.50 -4.81 8.22
CA PRO A 1 10.42 -3.88 7.77
C PRO A 1 9.12 -4.61 7.36
N TYR A 2 8.52 -5.27 8.34
CA TYR A 2 7.31 -6.02 8.13
C TYR A 2 6.10 -5.26 8.65
N GLY A 3 6.31 -4.38 9.64
CA GLY A 3 5.26 -3.62 10.26
C GLY A 3 4.28 -4.53 11.01
N ARG A 4 4.11 -4.25 12.29
CA ARG A 4 3.15 -4.99 13.11
C ARG A 4 1.94 -4.14 13.49
N GLY A 5 1.90 -2.90 12.99
CA GLY A 5 0.85 -1.97 13.31
C GLY A 5 0.84 -1.68 14.80
N ARG A 6 2.02 -1.62 15.42
CA ARG A 6 2.17 -1.33 16.84
C ARG A 6 1.91 0.13 17.16
N THR A 7 0.79 0.67 16.71
CA THR A 7 0.46 2.07 16.82
C THR A 7 -1.04 2.25 16.84
N GLU A 8 -1.49 3.49 16.89
CA GLU A 8 -2.91 3.80 16.89
C GLU A 8 -3.36 4.31 15.53
N SER A 9 -4.63 4.69 15.44
CA SER A 9 -5.20 5.26 14.23
C SER A 9 -4.54 6.60 13.88
N GLY A 10 -4.84 7.11 12.68
CA GLY A 10 -4.32 8.40 12.24
C GLY A 10 -4.05 8.40 10.78
N CYS A 11 -2.83 8.01 10.38
CA CYS A 11 -2.49 7.89 8.99
C CYS A 11 -3.30 6.77 8.32
N TYR A 12 -3.94 5.93 9.11
CA TYR A 12 -4.81 4.88 8.65
C TYR A 12 -6.22 5.40 8.35
N GLN A 13 -6.73 6.29 9.18
CA GLN A 13 -8.06 6.83 8.97
C GLN A 13 -8.09 7.60 7.66
N GLN A 14 -7.06 8.39 7.39
CA GLN A 14 -6.99 9.13 6.14
C GLN A 14 -6.79 8.19 4.94
N MET A 15 -6.12 7.07 5.15
CA MET A 15 -5.89 6.08 4.14
C MET A 15 -7.17 5.65 3.50
N GLU A 16 -8.19 5.29 4.26
CA GLU A 16 -9.48 4.89 3.71
C GLU A 16 -10.01 5.95 2.72
N GLU A 17 -9.70 7.21 3.00
CA GLU A 17 -10.13 8.31 2.17
C GLU A 17 -9.27 8.38 0.91
N ALA A 18 -8.02 7.93 1.00
CA ALA A 18 -7.12 7.86 -0.12
C ALA A 18 -6.68 6.43 -0.31
N GLU A 19 -7.56 5.52 -0.70
CA GLU A 19 -7.23 4.12 -0.91
C GLU A 19 -6.23 4.04 -2.10
N MET A 20 -5.01 4.42 -1.92
CA MET A 20 -4.03 4.41 -2.98
C MET A 20 -3.17 3.20 -2.80
N LEU A 21 -3.20 2.60 -1.60
CA LEU A 21 -2.41 1.44 -1.29
C LEU A 21 -3.14 0.19 -1.71
N ASN A 22 -4.19 0.38 -2.53
CA ASN A 22 -4.96 -0.72 -3.05
C ASN A 22 -4.58 -0.95 -4.49
N HIS A 23 -4.32 0.12 -5.26
CA HIS A 23 -3.97 0.00 -6.66
C HIS A 23 -2.57 -0.58 -6.78
N CYS A 24 -1.57 0.12 -6.23
CA CYS A 24 -0.21 -0.38 -6.22
C CYS A 24 -0.16 -1.76 -5.58
N GLY A 25 -1.10 -2.07 -4.67
CA GLY A 25 -1.21 -3.36 -4.05
C GLY A 25 -1.76 -4.38 -5.02
N MET A 26 -2.82 -4.07 -5.75
CA MET A 26 -3.47 -4.94 -6.69
C MET A 26 -2.50 -5.39 -7.74
N TYR A 27 -1.73 -4.49 -8.33
CA TYR A 27 -0.71 -4.82 -9.31
C TYR A 27 0.17 -5.99 -8.86
N LEU A 28 0.44 -6.05 -7.57
CA LEU A 28 1.26 -7.09 -6.99
C LEU A 28 0.37 -8.24 -6.53
N MET A 29 -0.90 -7.97 -6.22
CA MET A 29 -1.92 -8.93 -5.88
C MET A 29 -2.59 -9.54 -7.10
N LYS A 30 -2.11 -9.24 -8.30
CA LYS A 30 -2.66 -9.73 -9.53
C LYS A 30 -2.15 -11.13 -9.77
N ASN A 31 -0.99 -11.46 -9.18
CA ASN A 31 -0.44 -12.81 -9.24
C ASN A 31 -0.59 -13.54 -7.92
N LEU A 32 -1.05 -12.82 -6.90
CA LEU A 32 -1.26 -13.41 -5.61
C LEU A 32 -2.62 -14.05 -5.55
N GLY A 33 -3.57 -13.66 -6.42
CA GLY A 33 -4.92 -14.20 -6.48
C GLY A 33 -5.48 -14.52 -5.10
N GLU A 34 -6.09 -13.52 -4.47
CA GLU A 34 -6.62 -13.71 -3.13
C GLU A 34 -7.97 -14.42 -3.18
N ARG A 35 -7.97 -15.68 -3.59
CA ARG A 35 -9.19 -16.47 -3.68
C ARG A 35 -8.85 -17.87 -4.09
N SER A 36 -8.44 -18.04 -5.35
CA SER A 36 -8.08 -19.34 -5.92
C SER A 36 -7.57 -19.16 -7.34
N GLN A 37 -8.44 -18.65 -8.22
CA GLN A 37 -8.08 -18.44 -9.62
C GLN A 37 -9.09 -17.52 -10.29
N VAL A 38 -9.08 -16.25 -9.88
CA VAL A 38 -9.96 -15.26 -10.48
C VAL A 38 -9.53 -14.92 -11.89
N SER A 39 -10.34 -14.13 -12.59
CA SER A 39 -10.03 -13.70 -13.94
C SER A 39 -8.59 -13.16 -14.04
N PRO A 40 -8.10 -13.03 -15.27
CA PRO A 40 -6.77 -12.49 -15.49
C PRO A 40 -6.73 -10.98 -15.26
N ARG A 41 -5.64 -10.35 -15.72
CA ARG A 41 -5.48 -8.92 -15.65
C ARG A 41 -6.30 -8.26 -16.74
N MET A 42 -7.56 -8.61 -16.90
CA MET A 42 -8.44 -7.99 -17.89
C MET A 42 -8.33 -6.46 -17.88
N ARG A 43 -8.00 -5.88 -16.70
CA ARG A 43 -7.78 -4.47 -16.56
C ARG A 43 -6.79 -3.99 -17.61
N GLU A 44 -7.04 -2.82 -18.13
CA GLU A 44 -6.13 -2.19 -19.09
C GLU A 44 -5.45 -0.96 -18.49
N GLU A 45 -6.04 -0.42 -17.42
CA GLU A 45 -5.51 0.77 -16.77
C GLU A 45 -4.36 0.35 -15.88
N ASP A 46 -3.17 0.85 -16.20
CA ASP A 46 -1.98 0.54 -15.44
C ASP A 46 -2.09 1.17 -14.06
N HIS A 47 -1.66 0.45 -13.03
CA HIS A 47 -1.70 0.95 -11.66
C HIS A 47 -0.32 0.94 -11.10
N LYS A 48 0.12 2.09 -10.59
CA LYS A 48 1.44 2.26 -9.98
C LYS A 48 1.71 3.72 -9.68
N GLN A 49 1.17 4.61 -10.51
CA GLN A 49 1.30 6.02 -10.30
C GLN A 49 0.14 6.51 -9.48
N LEU A 50 -1.02 5.86 -9.47
CA LEU A 50 -2.15 6.25 -8.65
C LEU A 50 -1.81 6.09 -7.17
N CYS A 51 -0.83 5.24 -6.85
CA CYS A 51 -0.34 5.08 -5.51
C CYS A 51 0.76 6.06 -5.22
N CYS A 52 1.72 6.21 -6.13
CA CYS A 52 2.79 7.18 -5.99
C CYS A 52 2.25 8.60 -6.18
N MET A 53 0.97 8.74 -6.51
CA MET A 53 0.32 10.00 -6.78
C MET A 53 -0.37 10.43 -5.52
N GLN A 54 -1.23 9.57 -4.98
CA GLN A 54 -1.97 9.92 -3.78
C GLN A 54 -1.05 9.93 -2.58
N LEU A 55 -0.02 9.09 -2.56
CA LEU A 55 0.92 9.04 -1.45
C LEU A 55 1.53 10.42 -1.24
N LYS A 56 1.61 11.22 -2.30
CA LYS A 56 2.02 12.60 -2.18
C LYS A 56 1.00 13.44 -1.41
N ASN A 57 -0.29 13.30 -1.74
CA ASN A 57 -1.34 13.93 -0.97
C ASN A 57 -1.27 13.62 0.53
N LEU A 58 -0.80 12.41 0.86
CA LEU A 58 -0.61 12.02 2.24
C LEU A 58 0.45 12.89 2.93
N ASP A 59 0.77 12.52 4.16
CA ASP A 59 1.77 13.25 4.92
C ASP A 59 3.11 12.56 4.78
N GLU A 60 4.18 13.31 5.03
CA GLU A 60 5.54 12.76 4.96
C GLU A 60 5.81 11.87 6.17
N LYS A 61 5.06 12.10 7.26
CA LYS A 61 5.15 11.28 8.43
C LYS A 61 4.18 10.12 8.34
N CYS A 62 3.27 10.10 7.37
CA CYS A 62 2.34 9.01 7.14
C CYS A 62 2.86 8.15 5.99
N MET A 63 3.84 8.61 5.24
CA MET A 63 4.38 7.87 4.14
C MET A 63 5.45 6.93 4.66
N CYS A 64 5.12 5.98 5.50
CA CYS A 64 6.07 5.05 6.10
C CYS A 64 5.33 4.24 7.13
N PRO A 65 4.77 4.92 8.14
CA PRO A 65 4.04 4.25 9.21
C PRO A 65 2.66 3.83 8.75
N ALA A 66 2.03 4.63 7.88
CA ALA A 66 0.75 4.32 7.34
C ALA A 66 0.90 3.17 6.39
N ILE A 67 1.85 3.18 5.46
CA ILE A 67 2.06 2.12 4.50
C ILE A 67 1.89 0.76 5.18
N MET A 68 2.55 0.49 6.28
CA MET A 68 2.37 -0.77 7.00
C MET A 68 0.91 -1.11 7.20
N MET A 69 0.15 -0.19 7.82
CA MET A 69 -1.28 -0.32 7.98
C MET A 69 -2.04 -0.50 6.67
N MET A 70 -1.54 0.07 5.59
CA MET A 70 -2.11 -0.10 4.27
C MET A 70 -2.26 -1.57 3.91
N LEU A 71 -1.29 -2.39 4.32
CA LEU A 71 -1.27 -3.80 4.01
C LEU A 71 -1.70 -4.56 5.26
N ASN A 72 -2.55 -3.95 6.07
CA ASN A 72 -3.12 -4.55 7.25
C ASN A 72 -4.63 -4.50 7.23
N GLU A 73 -5.19 -3.97 6.15
CA GLU A 73 -6.61 -3.87 6.00
C GLU A 73 -7.24 -5.24 5.91
N PRO A 74 -8.59 -5.29 5.82
CA PRO A 74 -9.34 -6.53 5.67
C PRO A 74 -9.20 -7.12 4.27
N MET A 75 -7.99 -7.11 3.73
CA MET A 75 -7.69 -7.63 2.42
C MET A 75 -6.21 -7.57 2.15
N TRP A 76 -5.38 -7.72 3.18
CA TRP A 76 -3.94 -7.68 3.03
C TRP A 76 -3.32 -8.59 4.08
N ILE A 77 -3.25 -9.88 3.79
CA ILE A 77 -2.81 -10.89 4.74
C ILE A 77 -1.60 -11.57 4.17
N ARG A 78 -1.44 -12.87 4.31
CA ARG A 78 -0.34 -13.61 3.76
C ARG A 78 -0.14 -13.33 2.30
N MET A 79 -1.19 -13.03 1.55
CA MET A 79 -1.12 -12.60 0.17
C MET A 79 -0.12 -11.49 -0.01
N ARG A 80 0.18 -10.68 0.99
CA ARG A 80 1.23 -9.72 0.98
C ARG A 80 2.54 -10.37 0.65
N ASP A 81 2.74 -11.66 0.64
CA ASP A 81 3.97 -12.37 0.34
C ASP A 81 4.79 -11.63 -0.73
N GLN A 82 4.12 -11.32 -1.85
CA GLN A 82 4.73 -10.59 -2.92
C GLN A 82 4.77 -9.13 -2.65
N VAL A 83 3.67 -8.41 -2.86
CA VAL A 83 3.47 -7.02 -2.53
C VAL A 83 4.37 -6.59 -1.39
N MET A 84 4.43 -7.28 -0.27
CA MET A 84 5.35 -7.07 0.82
C MET A 84 6.73 -6.67 0.35
N SER A 85 7.41 -7.54 -0.38
CA SER A 85 8.69 -7.24 -1.01
C SER A 85 8.53 -6.47 -2.32
N MET A 86 7.60 -5.51 -2.36
CA MET A 86 7.34 -4.69 -3.52
C MET A 86 6.78 -3.34 -3.16
N ALA A 87 5.83 -3.25 -2.25
CA ALA A 87 5.27 -2.05 -1.71
C ALA A 87 6.20 -1.49 -0.67
N HIS A 88 7.37 -2.07 -0.45
CA HIS A 88 8.36 -1.55 0.45
C HIS A 88 9.40 -0.77 -0.32
N ASN A 89 9.59 -1.07 -1.60
CA ASN A 89 10.51 -0.36 -2.46
C ASN A 89 9.76 0.51 -3.43
N LEU A 90 8.50 0.22 -3.73
CA LEU A 90 7.66 1.05 -4.56
C LEU A 90 7.52 2.46 -3.98
N PRO A 91 7.16 2.59 -2.69
CA PRO A 91 7.03 3.85 -2.04
C PRO A 91 8.40 4.42 -1.72
N ILE A 92 9.37 3.61 -1.35
CA ILE A 92 10.71 4.10 -1.09
C ILE A 92 11.34 4.68 -2.33
N GLU A 93 11.20 3.99 -3.46
CA GLU A 93 11.75 4.46 -4.73
C GLU A 93 11.06 5.76 -5.17
N CYS A 94 9.87 6.04 -4.61
CA CYS A 94 9.19 7.28 -4.84
C CYS A 94 9.58 8.32 -3.80
N ASN A 95 10.28 7.92 -2.73
CA ASN A 95 10.73 8.77 -1.63
C ASN A 95 9.57 8.94 -0.63
N LEU A 96 8.64 8.01 -0.59
CA LEU A 96 7.49 8.08 0.27
C LEU A 96 7.94 7.66 1.64
N MET A 97 8.44 6.43 1.77
CA MET A 97 8.90 5.88 3.01
C MET A 97 10.34 5.48 2.99
N SER A 98 11.12 6.10 2.08
CA SER A 98 12.53 5.78 1.89
C SER A 98 13.25 5.41 3.20
N GLN A 99 13.43 6.38 4.07
CA GLN A 99 13.90 6.16 5.41
C GLN A 99 13.51 7.32 6.32
N PRO A 100 12.21 7.65 6.38
CA PRO A 100 11.74 8.75 7.22
C PRO A 100 11.77 8.34 8.69
N CYS A 101 10.95 7.35 9.06
CA CYS A 101 10.90 6.88 10.41
C CYS A 101 12.17 6.10 10.71
N GLN A 102 12.85 6.47 11.77
CA GLN A 102 14.08 5.79 12.19
C GLN A 102 13.96 5.31 13.62
N MET A 103 15.02 4.68 14.11
CA MET A 103 15.11 4.22 15.49
C MET A 103 15.80 5.22 16.43
N PRO A 1 7.97 -4.20 6.45
CA PRO A 1 7.41 -3.23 7.44
C PRO A 1 6.14 -3.77 8.13
N TYR A 2 6.35 -4.46 9.26
CA TYR A 2 5.29 -5.05 10.06
C TYR A 2 4.96 -4.22 11.30
N GLY A 3 5.35 -2.95 11.30
CA GLY A 3 5.22 -2.11 12.46
C GLY A 3 6.10 -2.56 13.61
N ARG A 4 6.18 -1.73 14.64
CA ARG A 4 6.96 -2.04 15.82
C ARG A 4 6.22 -1.68 17.10
N GLY A 5 4.90 -1.80 17.08
CA GLY A 5 4.07 -1.41 18.20
C GLY A 5 2.67 -1.17 17.74
N ARG A 6 2.07 -0.08 18.21
CA ARG A 6 0.73 0.33 17.84
C ARG A 6 0.36 1.61 18.53
N THR A 7 -0.53 2.37 17.90
CA THR A 7 -0.93 3.69 18.39
C THR A 7 -2.40 3.90 18.12
N GLU A 8 -2.90 5.10 18.39
CA GLU A 8 -4.28 5.45 18.12
C GLU A 8 -4.57 5.62 16.63
N SER A 9 -5.55 6.46 16.30
CA SER A 9 -5.86 6.85 14.96
C SER A 9 -4.70 7.58 14.27
N GLY A 10 -4.97 8.20 13.12
CA GLY A 10 -3.99 8.94 12.39
C GLY A 10 -4.24 8.82 10.92
N CYS A 11 -3.19 8.99 10.11
CA CYS A 11 -3.28 8.80 8.68
C CYS A 11 -3.76 7.38 8.32
N TYR A 12 -3.72 6.45 9.27
CA TYR A 12 -4.28 5.13 9.15
C TYR A 12 -5.67 5.13 8.55
N GLN A 13 -6.57 5.91 9.14
CA GLN A 13 -7.92 6.00 8.60
C GLN A 13 -7.94 6.79 7.29
N GLN A 14 -6.95 7.65 7.08
CA GLN A 14 -6.80 8.34 5.82
C GLN A 14 -6.38 7.42 4.69
N MET A 15 -5.66 6.34 4.97
CA MET A 15 -5.20 5.41 4.00
C MET A 15 -6.37 4.76 3.30
N GLU A 16 -7.21 4.02 3.99
CA GLU A 16 -8.39 3.40 3.39
C GLU A 16 -9.29 4.43 2.70
N GLU A 17 -9.40 5.62 3.29
CA GLU A 17 -10.18 6.70 2.71
C GLU A 17 -9.52 7.27 1.46
N ALA A 18 -8.22 7.06 1.31
CA ALA A 18 -7.46 7.50 0.21
C ALA A 18 -6.55 6.42 -0.27
N GLU A 19 -7.07 5.21 -0.52
CA GLU A 19 -6.35 4.01 -0.91
C GLU A 19 -5.27 4.32 -1.93
N MET A 20 -4.09 4.62 -1.43
CA MET A 20 -3.03 5.13 -2.24
C MET A 20 -2.12 3.98 -2.58
N LEU A 21 -2.14 2.94 -1.75
CA LEU A 21 -1.35 1.78 -1.95
C LEU A 21 -2.25 0.63 -2.34
N ASN A 22 -3.37 0.95 -2.99
CA ASN A 22 -4.31 -0.04 -3.47
C ASN A 22 -4.06 -0.33 -4.93
N HIS A 23 -3.77 0.72 -5.71
CA HIS A 23 -3.52 0.57 -7.13
C HIS A 23 -2.21 -0.15 -7.34
N CYS A 24 -1.13 0.36 -6.73
CA CYS A 24 0.12 -0.34 -6.78
C CYS A 24 0.03 -1.69 -6.09
N GLY A 25 -0.96 -1.92 -5.23
CA GLY A 25 -1.21 -3.17 -4.57
C GLY A 25 -1.84 -4.17 -5.50
N MET A 26 -2.86 -3.80 -6.26
CA MET A 26 -3.55 -4.69 -7.16
C MET A 26 -2.60 -5.29 -8.17
N TYR A 27 -1.63 -4.50 -8.65
CA TYR A 27 -0.60 -4.97 -9.53
C TYR A 27 0.19 -6.14 -8.95
N LEU A 28 0.37 -6.14 -7.64
CA LEU A 28 1.09 -7.16 -6.94
C LEU A 28 0.08 -8.25 -6.57
N MET A 29 -1.16 -7.92 -6.27
CA MET A 29 -2.20 -8.87 -5.99
C MET A 29 -2.67 -9.61 -7.22
N LYS A 30 -2.12 -9.31 -8.41
CA LYS A 30 -2.45 -9.97 -9.62
C LYS A 30 -1.96 -11.40 -9.62
N ASN A 31 -0.89 -11.67 -8.86
CA ASN A 31 -0.34 -12.99 -8.67
C ASN A 31 -0.03 -13.28 -7.21
N LEU A 32 -0.45 -12.38 -6.32
CA LEU A 32 -0.25 -12.54 -4.89
C LEU A 32 -1.57 -12.75 -4.18
N GLY A 33 -2.70 -12.63 -4.91
CA GLY A 33 -4.01 -12.81 -4.38
C GLY A 33 -5.06 -12.31 -5.36
N GLU A 34 -5.50 -13.17 -6.26
CA GLU A 34 -6.54 -12.79 -7.23
C GLU A 34 -7.71 -13.75 -7.15
N ARG A 35 -7.85 -14.44 -6.01
CA ARG A 35 -8.92 -15.38 -5.80
C ARG A 35 -10.13 -14.67 -5.25
N SER A 36 -11.27 -14.80 -5.93
CA SER A 36 -12.51 -14.22 -5.46
C SER A 36 -13.67 -14.74 -6.28
N GLN A 37 -14.65 -15.37 -5.62
CA GLN A 37 -15.82 -15.92 -6.29
C GLN A 37 -17.05 -15.11 -5.96
N VAL A 38 -17.15 -13.93 -6.56
CA VAL A 38 -18.29 -13.05 -6.36
C VAL A 38 -18.55 -12.22 -7.59
N SER A 39 -19.71 -11.58 -7.66
CA SER A 39 -20.06 -10.73 -8.77
C SER A 39 -19.00 -9.65 -9.00
N PRO A 40 -18.86 -9.19 -10.25
CA PRO A 40 -17.88 -8.17 -10.60
C PRO A 40 -18.37 -6.82 -10.14
N ARG A 41 -18.17 -6.51 -8.83
CA ARG A 41 -18.58 -5.27 -8.23
C ARG A 41 -18.22 -4.11 -9.15
N MET A 42 -16.92 -3.83 -9.21
CA MET A 42 -16.41 -2.72 -10.00
C MET A 42 -15.01 -3.04 -10.49
N ARG A 43 -14.73 -2.64 -11.74
CA ARG A 43 -13.42 -2.85 -12.32
C ARG A 43 -12.53 -1.64 -12.10
N GLU A 44 -11.24 -1.82 -12.34
CA GLU A 44 -10.28 -0.73 -12.22
C GLU A 44 -9.40 -0.68 -13.46
N GLU A 45 -8.88 0.52 -13.74
CA GLU A 45 -7.98 0.72 -14.87
C GLU A 45 -6.55 0.37 -14.49
N ASP A 46 -5.72 0.17 -15.52
CA ASP A 46 -4.31 -0.07 -15.33
C ASP A 46 -3.70 0.88 -14.28
N HIS A 47 -2.88 0.32 -13.40
CA HIS A 47 -2.21 1.15 -12.41
C HIS A 47 -0.89 1.61 -12.96
N LYS A 48 -0.08 2.32 -12.14
CA LYS A 48 1.25 2.82 -12.48
C LYS A 48 1.70 3.84 -11.46
N GLN A 49 1.17 5.06 -11.56
CA GLN A 49 1.47 6.14 -10.65
C GLN A 49 0.21 6.57 -9.91
N LEU A 50 -0.88 5.84 -10.08
CA LEU A 50 -2.10 6.11 -9.37
C LEU A 50 -1.92 5.87 -7.88
N CYS A 51 -0.86 5.15 -7.49
CA CYS A 51 -0.52 4.97 -6.11
C CYS A 51 0.30 6.12 -5.61
N CYS A 52 1.33 6.54 -6.37
CA CYS A 52 2.16 7.68 -6.03
C CYS A 52 1.33 8.97 -5.98
N MET A 53 0.09 8.92 -6.48
CA MET A 53 -0.81 10.03 -6.51
C MET A 53 -1.35 10.31 -5.11
N GLN A 54 -2.18 9.39 -4.60
CA GLN A 54 -2.75 9.56 -3.28
C GLN A 54 -1.69 9.39 -2.21
N LEU A 55 -0.56 8.76 -2.55
CA LEU A 55 0.51 8.57 -1.61
C LEU A 55 1.09 9.92 -1.23
N LYS A 56 1.11 10.88 -2.17
CA LYS A 56 1.51 12.24 -1.87
C LYS A 56 0.41 13.01 -1.13
N ASN A 57 -0.84 12.58 -1.27
CA ASN A 57 -1.93 13.16 -0.51
C ASN A 57 -1.76 12.96 0.99
N LEU A 58 -1.02 11.93 1.38
CA LEU A 58 -0.70 11.66 2.76
C LEU A 58 0.45 12.53 3.24
N ASP A 59 0.90 12.28 4.47
CA ASP A 59 2.01 13.00 5.05
C ASP A 59 3.28 12.20 4.91
N GLU A 60 4.43 12.86 4.95
CA GLU A 60 5.73 12.20 4.87
C GLU A 60 5.94 11.25 6.03
N LYS A 61 5.42 11.63 7.20
CA LYS A 61 5.47 10.79 8.36
C LYS A 61 4.43 9.70 8.26
N CYS A 62 3.34 9.85 7.51
CA CYS A 62 2.40 8.80 7.22
C CYS A 62 2.79 8.00 5.98
N MET A 63 4.02 8.15 5.51
CA MET A 63 4.50 7.47 4.35
C MET A 63 5.60 6.51 4.75
N CYS A 64 5.35 5.60 5.65
CA CYS A 64 6.34 4.65 6.13
C CYS A 64 5.70 3.83 7.22
N PRO A 65 5.22 4.49 8.30
CA PRO A 65 4.59 3.81 9.41
C PRO A 65 3.18 3.43 9.06
N ALA A 66 2.49 4.25 8.27
CA ALA A 66 1.17 3.96 7.83
C ALA A 66 1.18 2.81 6.86
N ILE A 67 2.07 2.81 5.87
CA ILE A 67 2.21 1.73 4.90
C ILE A 67 1.98 0.38 5.56
N MET A 68 2.55 0.15 6.74
CA MET A 68 2.30 -1.02 7.52
C MET A 68 0.83 -1.38 7.62
N MET A 69 0.00 -0.50 8.20
CA MET A 69 -1.42 -0.64 8.23
C MET A 69 -2.09 -0.71 6.87
N MET A 70 -1.57 -0.04 5.86
CA MET A 70 -2.10 -0.15 4.52
C MET A 70 -2.21 -1.60 4.09
N LEU A 71 -1.22 -2.42 4.47
CA LEU A 71 -1.18 -3.81 4.11
C LEU A 71 -1.84 -4.64 5.19
N ASN A 72 -2.63 -4.02 6.05
CA ASN A 72 -3.39 -4.63 7.10
C ASN A 72 -4.87 -4.45 6.87
N GLU A 73 -5.24 -3.62 5.88
CA GLU A 73 -6.61 -3.36 5.55
C GLU A 73 -7.35 -4.67 5.22
N PRO A 74 -8.66 -4.60 4.96
CA PRO A 74 -9.46 -5.73 4.57
C PRO A 74 -9.16 -6.18 3.15
N MET A 75 -7.90 -6.09 2.73
CA MET A 75 -7.46 -6.50 1.44
C MET A 75 -6.00 -6.85 1.45
N TRP A 76 -5.41 -7.15 2.60
CA TRP A 76 -4.01 -7.47 2.76
C TRP A 76 -3.80 -8.33 3.99
N ILE A 77 -3.91 -9.66 3.82
CA ILE A 77 -3.87 -10.59 4.95
C ILE A 77 -2.58 -11.36 4.91
N ARG A 78 -2.61 -12.67 4.88
CA ARG A 78 -1.43 -13.49 4.76
C ARG A 78 -0.92 -13.55 3.33
N MET A 79 -1.37 -12.62 2.49
CA MET A 79 -1.04 -12.55 1.09
C MET A 79 -0.12 -11.38 0.82
N ARG A 80 -0.26 -10.34 1.65
CA ARG A 80 0.60 -9.20 1.58
C ARG A 80 2.01 -9.54 1.93
N ASP A 81 2.30 -10.59 2.67
CA ASP A 81 3.65 -11.02 3.00
C ASP A 81 4.59 -11.00 1.79
N GLN A 82 4.02 -11.25 0.59
CA GLN A 82 4.70 -11.09 -0.64
C GLN A 82 4.65 -9.68 -1.25
N VAL A 83 3.47 -9.06 -1.25
CA VAL A 83 3.26 -7.72 -1.72
C VAL A 83 4.03 -6.72 -0.87
N MET A 84 4.49 -7.11 0.32
CA MET A 84 5.18 -6.34 1.27
C MET A 84 6.54 -6.04 0.72
N SER A 85 7.29 -7.08 0.30
CA SER A 85 8.58 -6.90 -0.31
C SER A 85 8.47 -6.20 -1.66
N MET A 86 7.25 -5.98 -2.16
CA MET A 86 7.00 -5.28 -3.38
C MET A 86 6.59 -3.84 -3.15
N ALA A 87 5.81 -3.59 -2.10
CA ALA A 87 5.38 -2.29 -1.69
C ALA A 87 6.38 -1.72 -0.71
N HIS A 88 7.63 -2.15 -0.76
CA HIS A 88 8.67 -1.63 0.10
C HIS A 88 9.58 -0.74 -0.70
N ASN A 89 9.74 -0.99 -1.99
CA ASN A 89 10.54 -0.22 -2.89
C ASN A 89 9.67 0.63 -3.78
N LEU A 90 8.41 0.25 -3.99
CA LEU A 90 7.45 1.04 -4.71
C LEU A 90 7.24 2.41 -4.04
N PRO A 91 6.98 2.44 -2.72
CA PRO A 91 6.82 3.67 -2.00
C PRO A 91 8.12 4.38 -1.77
N ILE A 92 9.21 3.64 -1.59
CA ILE A 92 10.52 4.23 -1.44
C ILE A 92 10.98 4.89 -2.72
N GLU A 93 10.78 4.25 -3.86
CA GLU A 93 11.15 4.82 -5.16
C GLU A 93 10.36 6.09 -5.44
N CYS A 94 9.26 6.30 -4.73
CA CYS A 94 8.52 7.52 -4.79
C CYS A 94 8.96 8.53 -3.74
N ASN A 95 9.78 8.13 -2.76
CA ASN A 95 10.31 8.92 -1.67
C ASN A 95 9.28 8.95 -0.53
N LEU A 96 8.38 7.99 -0.47
CA LEU A 96 7.33 7.97 0.49
C LEU A 96 7.96 7.50 1.78
N MET A 97 8.42 6.24 1.77
CA MET A 97 9.02 5.62 2.92
C MET A 97 10.49 5.39 2.77
N SER A 98 11.14 6.11 1.84
CA SER A 98 12.54 5.94 1.49
C SER A 98 13.42 5.59 2.70
N GLN A 99 13.59 6.55 3.58
CA GLN A 99 14.17 6.30 4.87
C GLN A 99 13.76 7.35 5.90
N PRO A 100 12.44 7.58 6.07
CA PRO A 100 11.95 8.57 7.00
C PRO A 100 12.10 8.08 8.42
N CYS A 101 11.37 7.03 8.81
CA CYS A 101 11.46 6.48 10.15
C CYS A 101 12.77 5.75 10.29
N GLN A 102 13.56 6.11 11.29
CA GLN A 102 14.84 5.48 11.58
C GLN A 102 14.87 4.96 12.99
N MET A 103 16.01 4.38 13.38
CA MET A 103 16.21 3.90 14.74
C MET A 103 15.87 4.94 15.81
N PRO A 1 12.85 1.79 6.23
CA PRO A 1 14.16 1.71 5.47
C PRO A 1 14.46 0.29 4.93
N TYR A 2 14.19 -0.74 5.73
CA TYR A 2 14.47 -2.14 5.41
C TYR A 2 13.54 -3.08 6.19
N GLY A 3 12.45 -2.55 6.73
CA GLY A 3 11.53 -3.31 7.55
C GLY A 3 10.24 -2.56 7.71
N ARG A 4 9.32 -3.14 8.50
CA ARG A 4 8.03 -2.52 8.81
C ARG A 4 8.14 -1.53 9.96
N GLY A 5 7.07 -0.81 10.21
CA GLY A 5 7.02 0.13 11.32
C GLY A 5 5.59 0.49 11.62
N ARG A 6 5.08 0.04 12.77
CA ARG A 6 3.69 0.31 13.20
C ARG A 6 3.49 1.82 13.33
N THR A 7 2.28 2.20 13.70
CA THR A 7 1.95 3.61 13.95
C THR A 7 0.59 3.70 14.58
N GLU A 8 0.32 4.84 15.19
CA GLU A 8 -1.01 5.14 15.73
C GLU A 8 -2.03 5.40 14.61
N SER A 9 -3.27 5.65 15.03
CA SER A 9 -4.36 6.06 14.14
C SER A 9 -4.04 7.34 13.32
N GLY A 10 -5.02 7.84 12.60
CA GLY A 10 -4.83 9.07 11.85
C GLY A 10 -4.38 8.70 10.48
N CYS A 11 -3.12 8.34 10.27
CA CYS A 11 -2.60 7.95 8.98
C CYS A 11 -3.34 6.76 8.37
N TYR A 12 -3.20 5.58 8.94
CA TYR A 12 -3.98 4.40 8.57
C TYR A 12 -5.48 4.65 8.39
N GLN A 13 -6.08 5.36 9.34
CA GLN A 13 -7.46 5.77 9.22
C GLN A 13 -7.72 6.64 7.97
N GLN A 14 -6.83 7.55 7.62
CA GLN A 14 -6.97 8.32 6.39
C GLN A 14 -6.67 7.47 5.15
N MET A 15 -5.93 6.37 5.34
CA MET A 15 -5.49 5.47 4.29
C MET A 15 -6.67 4.78 3.72
N GLU A 16 -7.57 4.19 4.51
CA GLU A 16 -8.81 3.57 3.99
C GLU A 16 -9.62 4.54 3.11
N GLU A 17 -9.57 5.84 3.43
CA GLU A 17 -10.23 6.88 2.65
C GLU A 17 -9.49 7.16 1.33
N ALA A 18 -8.18 6.95 1.32
CA ALA A 18 -7.35 7.13 0.14
C ALA A 18 -6.53 5.88 -0.11
N GLU A 19 -7.18 4.72 -0.17
CA GLU A 19 -6.59 3.38 -0.31
C GLU A 19 -5.50 3.40 -1.38
N MET A 20 -4.30 3.70 -0.94
CA MET A 20 -3.22 3.96 -1.90
C MET A 20 -2.67 2.64 -2.38
N LEU A 21 -2.87 1.64 -1.51
CA LEU A 21 -2.50 0.29 -1.80
C LEU A 21 -3.53 -0.34 -2.72
N ASN A 22 -4.58 0.38 -3.09
CA ASN A 22 -5.51 -0.08 -4.12
C ASN A 22 -4.93 0.06 -5.54
N HIS A 23 -3.70 0.53 -5.67
CA HIS A 23 -3.14 0.84 -6.98
C HIS A 23 -1.82 0.16 -7.13
N CYS A 24 -0.89 0.52 -6.25
CA CYS A 24 0.38 -0.19 -6.18
C CYS A 24 0.19 -1.58 -5.64
N GLY A 25 -0.91 -1.90 -4.96
CA GLY A 25 -1.20 -3.20 -4.38
C GLY A 25 -1.83 -4.07 -5.38
N MET A 26 -2.90 -3.63 -6.05
CA MET A 26 -3.56 -4.42 -7.08
C MET A 26 -2.58 -4.95 -8.11
N TYR A 27 -1.56 -4.20 -8.49
CA TYR A 27 -0.48 -4.66 -9.36
C TYR A 27 0.28 -5.89 -8.84
N LEU A 28 0.52 -5.91 -7.54
CA LEU A 28 1.20 -6.99 -6.85
C LEU A 28 0.20 -8.06 -6.46
N MET A 29 -1.07 -7.69 -6.23
CA MET A 29 -2.20 -8.55 -5.91
C MET A 29 -2.91 -9.08 -7.15
N LYS A 30 -2.43 -8.73 -8.33
CA LYS A 30 -3.07 -9.11 -9.57
C LYS A 30 -2.64 -10.51 -9.94
N ASN A 31 -1.45 -10.90 -9.52
CA ASN A 31 -0.98 -12.28 -9.63
C ASN A 31 -1.21 -13.08 -8.35
N LEU A 32 -1.56 -12.42 -7.25
CA LEU A 32 -1.86 -13.11 -6.01
C LEU A 32 -3.24 -13.75 -6.03
N GLY A 33 -4.10 -13.33 -6.95
CA GLY A 33 -5.43 -13.91 -7.17
C GLY A 33 -5.31 -15.34 -7.63
N GLU A 34 -5.16 -16.28 -6.70
CA GLU A 34 -4.94 -17.72 -6.93
C GLU A 34 -6.15 -18.27 -7.69
N ARG A 35 -6.08 -18.21 -9.01
CA ARG A 35 -7.18 -18.59 -9.90
C ARG A 35 -6.70 -19.55 -10.96
N SER A 36 -5.58 -20.20 -10.69
CA SER A 36 -4.97 -21.14 -11.61
C SER A 36 -4.01 -22.03 -10.85
N GLN A 37 -3.26 -22.83 -11.59
CA GLN A 37 -2.23 -23.73 -11.05
C GLN A 37 -0.93 -23.65 -11.86
N VAL A 38 -0.62 -22.46 -12.35
CA VAL A 38 0.60 -22.24 -13.14
C VAL A 38 1.37 -21.09 -12.53
N SER A 39 2.70 -21.21 -12.47
CA SER A 39 3.58 -20.18 -11.94
C SER A 39 4.51 -19.68 -13.05
N PRO A 40 4.03 -18.79 -13.93
CA PRO A 40 4.85 -18.23 -15.00
C PRO A 40 5.88 -17.24 -14.44
N ARG A 41 6.49 -16.48 -15.35
CA ARG A 41 7.47 -15.47 -14.99
C ARG A 41 7.62 -14.42 -16.08
N MET A 42 6.83 -13.37 -15.99
CA MET A 42 6.83 -12.32 -17.01
C MET A 42 7.15 -10.98 -16.36
N ARG A 43 7.36 -9.96 -17.16
CA ARG A 43 7.61 -8.61 -16.66
C ARG A 43 6.68 -7.65 -17.34
N GLU A 44 5.96 -6.85 -16.57
CA GLU A 44 5.07 -5.83 -17.11
C GLU A 44 4.63 -4.95 -15.95
N GLU A 45 4.64 -3.64 -16.15
CA GLU A 45 4.23 -2.63 -15.17
C GLU A 45 3.23 -1.66 -15.77
N ASP A 46 2.23 -1.29 -14.98
CA ASP A 46 1.22 -0.32 -15.45
C ASP A 46 0.55 0.36 -14.26
N HIS A 47 1.18 0.31 -13.09
CA HIS A 47 0.58 0.84 -11.86
C HIS A 47 1.68 1.30 -10.97
N LYS A 48 1.60 2.54 -10.51
CA LYS A 48 2.60 3.21 -9.68
C LYS A 48 2.27 4.66 -9.53
N GLN A 49 2.22 5.43 -10.62
CA GLN A 49 1.87 6.86 -10.54
C GLN A 49 0.66 7.13 -9.68
N LEU A 50 -0.36 6.28 -9.72
CA LEU A 50 -1.55 6.37 -8.89
C LEU A 50 -1.26 6.15 -7.40
N CYS A 51 -0.66 5.02 -7.02
CA CYS A 51 -0.17 4.87 -5.64
C CYS A 51 0.77 6.00 -5.18
N CYS A 52 1.65 6.45 -6.08
CA CYS A 52 2.55 7.57 -5.86
C CYS A 52 1.75 8.87 -5.67
N MET A 53 0.60 8.99 -6.34
CA MET A 53 -0.33 10.10 -6.33
C MET A 53 -1.04 10.15 -5.00
N GLN A 54 -1.83 9.14 -4.65
CA GLN A 54 -2.52 9.10 -3.37
C GLN A 54 -1.57 9.33 -2.21
N LEU A 55 -0.33 8.88 -2.35
CA LEU A 55 0.73 9.10 -1.37
C LEU A 55 1.22 10.52 -1.32
N LYS A 56 1.36 11.18 -2.46
CA LYS A 56 1.56 12.64 -2.47
C LYS A 56 0.41 13.39 -1.78
N ASN A 57 -0.82 12.91 -1.91
CA ASN A 57 -1.94 13.51 -1.17
C ASN A 57 -1.90 13.20 0.33
N LEU A 58 -1.24 12.12 0.73
CA LEU A 58 -1.03 11.76 2.12
C LEU A 58 -0.03 12.71 2.79
N ASP A 59 0.32 12.38 4.01
CA ASP A 59 1.22 13.21 4.79
C ASP A 59 2.61 12.62 4.62
N GLU A 60 3.62 13.48 4.58
CA GLU A 60 5.01 13.02 4.51
C GLU A 60 5.43 12.25 5.75
N LYS A 61 4.69 12.45 6.85
CA LYS A 61 4.86 11.69 8.07
C LYS A 61 4.01 10.43 8.10
N CYS A 62 2.97 10.30 7.27
CA CYS A 62 2.18 9.10 7.05
C CYS A 62 2.71 8.30 5.85
N MET A 63 3.87 8.63 5.31
CA MET A 63 4.43 7.93 4.15
C MET A 63 5.57 7.03 4.59
N CYS A 64 5.25 6.00 5.35
CA CYS A 64 6.26 5.12 5.98
C CYS A 64 5.63 4.39 7.15
N PRO A 65 5.12 5.13 8.15
CA PRO A 65 4.50 4.50 9.29
C PRO A 65 3.13 3.96 8.89
N ALA A 66 2.43 4.65 7.99
CA ALA A 66 1.15 4.20 7.53
C ALA A 66 1.35 2.98 6.66
N ILE A 67 2.32 2.95 5.75
CA ILE A 67 2.58 1.80 4.86
C ILE A 67 2.39 0.47 5.59
N MET A 68 3.05 0.26 6.74
CA MET A 68 2.76 -0.93 7.54
C MET A 68 1.27 -1.26 7.64
N MET A 69 0.51 -0.34 8.22
CA MET A 69 -0.93 -0.42 8.34
C MET A 69 -1.66 -0.60 7.01
N MET A 70 -1.12 -0.10 5.90
CA MET A 70 -1.64 -0.34 4.57
C MET A 70 -1.77 -1.82 4.29
N LEU A 71 -0.82 -2.63 4.78
CA LEU A 71 -0.83 -4.07 4.59
C LEU A 71 -1.48 -4.74 5.80
N ASN A 72 -2.17 -3.99 6.65
CA ASN A 72 -2.99 -4.46 7.75
C ASN A 72 -4.47 -4.12 7.56
N GLU A 73 -4.80 -3.40 6.49
CA GLU A 73 -6.17 -3.01 6.19
C GLU A 73 -7.05 -4.25 5.96
N PRO A 74 -8.36 -4.08 5.77
CA PRO A 74 -9.28 -5.15 5.46
C PRO A 74 -9.11 -5.70 4.04
N MET A 75 -7.86 -5.83 3.60
CA MET A 75 -7.54 -6.34 2.30
C MET A 75 -6.07 -6.64 2.22
N TRP A 76 -5.36 -6.95 3.30
CA TRP A 76 -3.93 -7.22 3.28
C TRP A 76 -3.53 -8.06 4.49
N ILE A 77 -3.53 -9.38 4.34
CA ILE A 77 -3.35 -10.28 5.50
C ILE A 77 -2.32 -11.32 5.12
N ARG A 78 -2.77 -12.49 4.67
CA ARG A 78 -1.89 -13.58 4.25
C ARG A 78 -1.57 -13.48 2.76
N MET A 79 -1.89 -12.34 2.17
CA MET A 79 -1.81 -12.09 0.73
C MET A 79 -0.80 -11.00 0.50
N ARG A 80 -0.74 -10.06 1.44
CA ARG A 80 0.33 -9.08 1.42
C ARG A 80 1.71 -9.62 1.62
N ASP A 81 1.88 -10.87 2.06
CA ASP A 81 3.18 -11.57 2.09
C ASP A 81 4.01 -11.45 0.81
N GLN A 82 3.34 -11.20 -0.31
CA GLN A 82 3.96 -10.90 -1.59
C GLN A 82 3.91 -9.43 -1.95
N VAL A 83 2.94 -8.67 -1.44
CA VAL A 83 2.81 -7.23 -1.70
C VAL A 83 3.61 -6.43 -0.69
N MET A 84 4.34 -7.10 0.19
CA MET A 84 5.04 -6.48 1.29
C MET A 84 6.44 -6.17 0.86
N SER A 85 7.08 -7.13 0.19
CA SER A 85 8.43 -6.98 -0.34
C SER A 85 8.35 -6.32 -1.70
N MET A 86 7.17 -5.86 -2.12
CA MET A 86 6.97 -5.22 -3.40
C MET A 86 6.51 -3.79 -3.21
N ALA A 87 5.64 -3.58 -2.23
CA ALA A 87 5.27 -2.26 -1.83
C ALA A 87 6.22 -1.68 -0.78
N HIS A 88 7.44 -2.19 -0.70
CA HIS A 88 8.49 -1.61 0.14
C HIS A 88 9.46 -0.79 -0.67
N ASN A 89 9.53 -1.01 -1.98
CA ASN A 89 10.36 -0.26 -2.92
C ASN A 89 9.49 0.59 -3.80
N LEU A 90 8.21 0.29 -3.99
CA LEU A 90 7.30 1.19 -4.68
C LEU A 90 7.13 2.55 -3.99
N PRO A 91 6.84 2.59 -2.67
CA PRO A 91 6.75 3.82 -1.94
C PRO A 91 8.13 4.39 -1.67
N ILE A 92 9.17 3.58 -1.55
CA ILE A 92 10.52 4.13 -1.40
C ILE A 92 11.05 4.76 -2.67
N GLU A 93 10.88 4.12 -3.83
CA GLU A 93 11.31 4.63 -5.13
C GLU A 93 10.56 5.89 -5.50
N CYS A 94 9.40 6.12 -4.89
CA CYS A 94 8.69 7.39 -5.00
C CYS A 94 9.14 8.43 -3.99
N ASN A 95 9.97 8.07 -2.99
CA ASN A 95 10.49 8.91 -1.90
C ASN A 95 9.44 9.07 -0.78
N LEU A 96 8.53 8.12 -0.68
CA LEU A 96 7.45 8.19 0.27
C LEU A 96 8.04 7.74 1.58
N MET A 97 8.44 6.46 1.64
CA MET A 97 8.99 5.84 2.83
C MET A 97 10.45 5.48 2.72
N SER A 98 11.18 6.12 1.78
CA SER A 98 12.59 5.84 1.46
C SER A 98 13.42 5.42 2.69
N GLN A 99 13.65 6.39 3.53
CA GLN A 99 14.19 6.16 4.85
C GLN A 99 13.81 7.29 5.80
N PRO A 100 12.52 7.64 5.94
CA PRO A 100 12.12 8.74 6.81
C PRO A 100 12.16 8.28 8.26
N CYS A 101 11.38 7.27 8.65
CA CYS A 101 11.38 6.79 10.02
C CYS A 101 12.65 5.96 10.23
N GLN A 102 13.54 6.44 11.10
CA GLN A 102 14.80 5.77 11.43
C GLN A 102 14.89 5.55 12.93
N MET A 103 15.99 4.93 13.35
CA MET A 103 16.31 4.70 14.76
C MET A 103 17.22 5.78 15.35
N PRO A 1 17.31 0.03 2.93
CA PRO A 1 15.94 0.22 2.41
C PRO A 1 15.01 -0.92 2.75
N TYR A 2 14.73 -1.09 4.05
CA TYR A 2 13.92 -2.21 4.51
C TYR A 2 13.69 -2.13 6.02
N GLY A 3 12.81 -1.26 6.45
CA GLY A 3 12.51 -1.11 7.87
C GLY A 3 11.03 -1.28 8.13
N ARG A 4 10.67 -1.38 9.41
CA ARG A 4 9.29 -1.52 9.83
C ARG A 4 9.01 -0.69 11.07
N GLY A 5 7.74 -0.42 11.32
CA GLY A 5 7.32 0.34 12.48
C GLY A 5 5.89 -0.01 12.85
N ARG A 6 5.33 0.80 13.76
CA ARG A 6 3.96 0.60 14.21
C ARG A 6 3.57 1.71 15.16
N THR A 7 2.34 2.15 15.04
CA THR A 7 1.83 3.25 15.86
C THR A 7 0.32 3.26 15.82
N GLU A 8 -0.29 3.81 16.87
CA GLU A 8 -1.73 3.88 16.99
C GLU A 8 -2.32 4.58 15.76
N SER A 9 -3.61 4.88 15.82
CA SER A 9 -4.29 5.55 14.75
C SER A 9 -3.53 6.80 14.32
N GLY A 10 -3.37 6.97 13.01
CA GLY A 10 -2.65 8.12 12.47
C GLY A 10 -3.18 8.48 11.11
N CYS A 11 -2.50 8.01 10.06
CA CYS A 11 -2.91 8.26 8.70
C CYS A 11 -3.62 7.04 8.17
N TYR A 12 -3.39 5.87 8.76
CA TYR A 12 -4.04 4.64 8.38
C TYR A 12 -5.52 4.84 8.08
N GLN A 13 -6.22 5.45 9.02
CA GLN A 13 -7.64 5.71 8.84
C GLN A 13 -7.86 6.54 7.58
N GLN A 14 -6.98 7.48 7.31
CA GLN A 14 -7.05 8.32 6.14
C GLN A 14 -6.68 7.53 4.90
N MET A 15 -5.87 6.48 5.05
CA MET A 15 -5.44 5.63 3.98
C MET A 15 -6.62 4.95 3.38
N GLU A 16 -7.37 4.18 4.12
CA GLU A 16 -8.52 3.47 3.62
C GLU A 16 -9.43 4.42 2.83
N GLU A 17 -9.56 5.66 3.31
CA GLU A 17 -10.40 6.64 2.68
C GLU A 17 -9.78 7.06 1.35
N ALA A 18 -8.46 6.94 1.24
CA ALA A 18 -7.74 7.24 0.04
C ALA A 18 -6.85 6.09 -0.35
N GLU A 19 -7.39 4.85 -0.35
CA GLU A 19 -6.63 3.66 -0.62
C GLU A 19 -5.69 3.91 -1.79
N MET A 20 -4.44 4.29 -1.47
CA MET A 20 -3.49 4.71 -2.49
C MET A 20 -2.72 3.48 -2.85
N LEU A 21 -2.59 2.53 -1.90
CA LEU A 21 -1.87 1.31 -2.12
C LEU A 21 -2.83 0.28 -2.69
N ASN A 22 -4.04 0.71 -3.05
CA ASN A 22 -5.02 -0.16 -3.63
C ASN A 22 -4.72 -0.36 -5.10
N HIS A 23 -4.03 0.61 -5.72
CA HIS A 23 -3.71 0.55 -7.12
C HIS A 23 -2.40 -0.22 -7.26
N CYS A 24 -1.35 0.27 -6.58
CA CYS A 24 -0.06 -0.39 -6.62
C CYS A 24 -0.16 -1.72 -5.90
N GLY A 25 -1.20 -1.91 -5.09
CA GLY A 25 -1.41 -3.13 -4.35
C GLY A 25 -1.93 -4.21 -5.25
N MET A 26 -2.94 -3.90 -6.07
CA MET A 26 -3.52 -4.85 -6.98
C MET A 26 -2.48 -5.39 -7.92
N TYR A 27 -1.62 -4.54 -8.46
CA TYR A 27 -0.55 -4.94 -9.35
C TYR A 27 0.25 -6.09 -8.77
N LEU A 28 0.39 -6.10 -7.45
CA LEU A 28 1.15 -7.11 -6.75
C LEU A 28 0.19 -8.20 -6.29
N MET A 29 -1.08 -7.85 -6.09
CA MET A 29 -2.12 -8.76 -5.70
C MET A 29 -2.79 -9.40 -6.91
N LYS A 30 -2.25 -9.16 -8.11
CA LYS A 30 -2.80 -9.66 -9.34
C LYS A 30 -2.39 -11.12 -9.47
N ASN A 31 -1.26 -11.48 -8.84
CA ASN A 31 -0.78 -12.83 -8.85
C ASN A 31 -1.04 -13.50 -7.50
N LEU A 32 -1.51 -12.72 -6.54
CA LEU A 32 -1.80 -13.22 -5.22
C LEU A 32 -3.23 -13.77 -5.19
N GLY A 33 -4.02 -13.44 -6.21
CA GLY A 33 -5.39 -13.90 -6.31
C GLY A 33 -5.44 -15.40 -6.53
N GLU A 34 -4.42 -15.94 -7.22
CA GLU A 34 -4.35 -17.35 -7.47
C GLU A 34 -2.90 -17.80 -7.45
N ARG A 35 -2.60 -18.92 -8.14
CA ARG A 35 -1.26 -19.46 -8.24
C ARG A 35 -1.31 -20.83 -8.85
N SER A 36 -1.96 -21.78 -8.16
CA SER A 36 -2.05 -23.16 -8.61
C SER A 36 -2.46 -23.18 -10.09
N GLN A 37 -3.69 -22.73 -10.36
CA GLN A 37 -4.21 -22.70 -11.71
C GLN A 37 -4.59 -21.28 -12.08
N VAL A 38 -3.61 -20.51 -12.53
CA VAL A 38 -3.83 -19.13 -12.94
C VAL A 38 -4.55 -19.11 -14.28
N SER A 39 -5.08 -17.94 -14.64
CA SER A 39 -5.79 -17.78 -15.89
C SER A 39 -6.21 -16.32 -16.06
N PRO A 40 -5.26 -15.47 -16.48
CA PRO A 40 -5.52 -14.06 -16.70
C PRO A 40 -6.34 -13.83 -17.94
N ARG A 41 -7.65 -14.14 -17.86
CA ARG A 41 -8.56 -14.00 -18.98
C ARG A 41 -8.38 -12.62 -19.59
N MET A 42 -8.89 -11.61 -18.88
CA MET A 42 -8.85 -10.24 -19.35
C MET A 42 -8.59 -9.28 -18.22
N ARG A 43 -7.38 -8.74 -18.16
CA ARG A 43 -7.00 -7.79 -17.13
C ARG A 43 -5.72 -7.07 -17.52
N GLU A 44 -5.85 -5.79 -17.82
CA GLU A 44 -4.70 -5.00 -18.20
C GLU A 44 -4.94 -3.53 -17.87
N GLU A 45 -4.40 -3.09 -16.74
CA GLU A 45 -4.53 -1.72 -16.31
C GLU A 45 -3.17 -1.03 -16.18
N ASP A 46 -3.09 -0.02 -15.32
CA ASP A 46 -1.87 0.69 -15.08
C ASP A 46 -1.83 1.13 -13.62
N HIS A 47 -0.92 0.53 -12.85
CA HIS A 47 -0.78 0.86 -11.44
C HIS A 47 0.67 1.16 -11.16
N LYS A 48 0.94 2.41 -10.80
CA LYS A 48 2.28 2.86 -10.47
C LYS A 48 2.28 4.35 -10.18
N GLN A 49 1.41 5.09 -10.86
CA GLN A 49 1.28 6.52 -10.65
C GLN A 49 0.03 6.81 -9.84
N LEU A 50 -0.90 5.85 -9.78
CA LEU A 50 -2.12 6.01 -9.03
C LEU A 50 -1.81 5.84 -7.54
N CYS A 51 -0.73 5.12 -7.23
CA CYS A 51 -0.32 4.92 -5.86
C CYS A 51 0.59 6.06 -5.46
N CYS A 52 1.50 6.47 -6.35
CA CYS A 52 2.40 7.57 -6.09
C CYS A 52 1.60 8.88 -6.12
N MET A 53 0.33 8.80 -6.52
CA MET A 53 -0.54 9.93 -6.59
C MET A 53 -1.05 10.30 -5.22
N GLN A 54 -2.06 9.56 -4.74
CA GLN A 54 -2.67 9.83 -3.46
C GLN A 54 -1.61 9.81 -2.40
N LEU A 55 -0.51 9.08 -2.62
CA LEU A 55 0.59 9.00 -1.69
C LEU A 55 1.12 10.39 -1.40
N LYS A 56 1.10 11.26 -2.41
CA LYS A 56 1.51 12.65 -2.26
C LYS A 56 0.38 13.47 -1.64
N ASN A 57 -0.72 12.84 -1.32
CA ASN A 57 -1.85 13.49 -0.70
C ASN A 57 -1.80 13.29 0.81
N LEU A 58 -1.20 12.17 1.25
CA LEU A 58 -1.07 11.88 2.65
C LEU A 58 0.01 12.76 3.28
N ASP A 59 0.35 12.46 4.53
CA ASP A 59 1.36 13.21 5.24
C ASP A 59 2.72 12.62 4.94
N GLU A 60 3.74 13.47 4.87
CA GLU A 60 5.10 13.03 4.60
C GLU A 60 5.58 12.13 5.72
N LYS A 61 5.20 12.45 6.97
CA LYS A 61 5.55 11.63 8.11
C LYS A 61 4.66 10.40 8.17
N CYS A 62 3.64 10.35 7.32
CA CYS A 62 2.75 9.22 7.22
C CYS A 62 3.26 8.27 6.13
N MET A 63 4.29 8.67 5.39
CA MET A 63 4.87 7.88 4.36
C MET A 63 5.92 6.96 4.93
N CYS A 64 5.55 6.03 5.77
CA CYS A 64 6.46 5.10 6.42
C CYS A 64 5.68 4.32 7.48
N PRO A 65 5.07 5.06 8.44
CA PRO A 65 4.30 4.47 9.50
C PRO A 65 2.96 3.97 9.01
N ALA A 66 2.33 4.76 8.15
CA ALA A 66 1.05 4.42 7.59
C ALA A 66 1.23 3.20 6.73
N ILE A 67 2.23 3.17 5.86
CA ILE A 67 2.48 2.05 4.97
C ILE A 67 2.19 0.73 5.69
N MET A 68 2.76 0.56 6.88
CA MET A 68 2.51 -0.61 7.69
C MET A 68 1.03 -0.90 7.82
N MET A 69 0.27 0.08 8.26
CA MET A 69 -1.16 -0.02 8.38
C MET A 69 -1.85 -0.21 7.05
N MET A 70 -1.33 0.41 6.00
CA MET A 70 -1.87 0.29 4.68
C MET A 70 -2.14 -1.18 4.39
N LEU A 71 -1.19 -2.04 4.79
CA LEU A 71 -1.27 -3.45 4.52
C LEU A 71 -1.87 -4.16 5.73
N ASN A 72 -2.76 -3.48 6.45
CA ASN A 72 -3.42 -4.01 7.61
C ASN A 72 -4.93 -3.78 7.50
N GLU A 73 -5.38 -3.42 6.31
CA GLU A 73 -6.77 -3.15 6.07
C GLU A 73 -7.53 -4.47 5.90
N PRO A 74 -8.87 -4.36 5.73
CA PRO A 74 -9.73 -5.49 5.51
C PRO A 74 -9.58 -6.07 4.12
N MET A 75 -8.34 -6.33 3.71
CA MET A 75 -8.04 -6.83 2.39
C MET A 75 -6.54 -6.79 2.14
N TRP A 76 -5.74 -7.11 3.16
CA TRP A 76 -4.30 -7.12 3.03
C TRP A 76 -3.75 -8.04 4.08
N ILE A 77 -3.94 -9.35 3.92
CA ILE A 77 -3.53 -10.35 4.89
C ILE A 77 -2.35 -11.08 4.34
N ARG A 78 -2.30 -12.39 4.48
CA ARG A 78 -1.22 -13.19 3.97
C ARG A 78 -0.96 -12.91 2.53
N MET A 79 -1.98 -12.60 1.76
CA MET A 79 -1.87 -12.23 0.37
C MET A 79 -0.76 -11.24 0.17
N ARG A 80 -0.46 -10.40 1.15
CA ARG A 80 0.63 -9.46 1.11
C ARG A 80 1.90 -10.17 0.79
N ASP A 81 2.01 -11.47 0.93
CA ASP A 81 3.17 -12.28 0.65
C ASP A 81 4.05 -11.60 -0.39
N GLN A 82 3.43 -11.21 -1.53
CA GLN A 82 4.13 -10.52 -2.58
C GLN A 82 4.24 -9.08 -2.27
N VAL A 83 3.19 -8.31 -2.55
CA VAL A 83 3.11 -6.90 -2.25
C VAL A 83 4.01 -6.55 -1.10
N MET A 84 3.97 -7.24 0.01
CA MET A 84 4.82 -7.11 1.14
C MET A 84 6.25 -6.75 0.73
N SER A 85 6.90 -7.65 -0.02
CA SER A 85 8.21 -7.43 -0.55
C SER A 85 8.16 -6.69 -1.87
N MET A 86 7.29 -5.68 -1.97
CA MET A 86 7.12 -4.89 -3.15
C MET A 86 6.65 -3.48 -2.83
N ALA A 87 5.73 -3.33 -1.88
CA ALA A 87 5.22 -2.09 -1.42
C ALA A 87 6.20 -1.48 -0.45
N HIS A 88 7.38 -2.07 -0.29
CA HIS A 88 8.40 -1.57 0.58
C HIS A 88 9.41 -0.79 -0.22
N ASN A 89 9.50 -1.06 -1.51
CA ASN A 89 10.41 -0.35 -2.40
C ASN A 89 9.63 0.52 -3.36
N LEU A 90 8.35 0.24 -3.53
CA LEU A 90 7.47 1.03 -4.36
C LEU A 90 7.34 2.45 -3.81
N PRO A 91 7.07 2.56 -2.49
CA PRO A 91 6.96 3.85 -1.84
C PRO A 91 8.30 4.48 -1.64
N ILE A 92 9.33 3.68 -1.47
CA ILE A 92 10.67 4.17 -1.28
C ILE A 92 11.17 4.81 -2.56
N GLU A 93 10.97 4.14 -3.69
CA GLU A 93 11.39 4.65 -4.97
C GLU A 93 10.66 5.95 -5.29
N CYS A 94 9.53 6.18 -4.63
CA CYS A 94 8.78 7.40 -4.77
C CYS A 94 9.27 8.43 -3.78
N ASN A 95 10.04 8.00 -2.78
CA ASN A 95 10.60 8.85 -1.75
C ASN A 95 9.53 9.04 -0.66
N LEU A 96 8.64 8.09 -0.51
CA LEU A 96 7.58 8.15 0.46
C LEU A 96 8.13 7.67 1.77
N MET A 97 8.67 6.45 1.81
CA MET A 97 9.21 5.86 3.01
C MET A 97 10.67 5.47 2.82
N SER A 98 11.34 6.10 1.85
CA SER A 98 12.72 5.80 1.53
C SER A 98 13.50 5.42 2.79
N GLN A 99 13.77 6.40 3.63
CA GLN A 99 14.39 6.18 4.91
C GLN A 99 14.09 7.32 5.89
N PRO A 100 12.80 7.63 6.07
CA PRO A 100 12.38 8.67 6.97
C PRO A 100 12.55 8.28 8.42
N CYS A 101 11.71 7.35 8.86
CA CYS A 101 11.76 6.85 10.21
C CYS A 101 12.99 5.96 10.36
N GLN A 102 13.19 5.44 11.57
CA GLN A 102 14.31 4.57 11.86
C GLN A 102 13.83 3.28 12.48
N MET A 103 14.77 2.40 12.82
CA MET A 103 14.48 1.13 13.45
C MET A 103 15.24 0.95 14.78
N PRO A 1 -12.18 -3.77 19.82
CA PRO A 1 -11.81 -5.23 19.74
C PRO A 1 -12.73 -6.15 20.56
N TYR A 2 -13.94 -5.67 20.82
CA TYR A 2 -14.90 -6.38 21.64
C TYR A 2 -16.28 -5.70 21.56
N GLY A 3 -16.29 -4.37 21.54
CA GLY A 3 -17.53 -3.61 21.57
C GLY A 3 -17.23 -2.13 21.62
N ARG A 4 -16.51 -1.64 20.59
CA ARG A 4 -16.21 -0.22 20.46
C ARG A 4 -16.44 0.28 19.04
N GLY A 5 -16.28 1.57 18.84
CA GLY A 5 -16.43 2.16 17.52
C GLY A 5 -16.05 3.63 17.55
N ARG A 6 -14.76 3.90 17.52
CA ARG A 6 -14.24 5.28 17.48
C ARG A 6 -13.02 5.37 16.60
N THR A 7 -12.55 6.60 16.41
CA THR A 7 -11.40 6.86 15.55
C THR A 7 -10.28 7.44 16.40
N GLU A 8 -9.34 6.58 16.77
CA GLU A 8 -8.19 6.99 17.56
C GLU A 8 -6.90 7.00 16.77
N SER A 9 -6.84 6.15 15.75
CA SER A 9 -5.71 6.05 14.84
C SER A 9 -5.39 7.42 14.16
N GLY A 10 -4.56 7.39 13.15
CA GLY A 10 -4.24 8.62 12.46
C GLY A 10 -4.14 8.35 11.00
N CYS A 11 -2.92 8.39 10.44
CA CYS A 11 -2.66 8.20 9.02
C CYS A 11 -3.41 6.98 8.52
N TYR A 12 -3.47 5.91 9.32
CA TYR A 12 -4.29 4.74 9.07
C TYR A 12 -5.70 5.08 8.59
N GLN A 13 -6.42 5.88 9.36
CA GLN A 13 -7.74 6.33 8.96
C GLN A 13 -7.69 7.16 7.68
N GLN A 14 -6.69 8.04 7.56
CA GLN A 14 -6.49 8.79 6.33
C GLN A 14 -6.05 7.91 5.14
N MET A 15 -5.70 6.66 5.39
CA MET A 15 -5.21 5.75 4.41
C MET A 15 -6.37 5.13 3.72
N GLU A 16 -7.24 4.40 4.40
CA GLU A 16 -8.40 3.76 3.80
C GLU A 16 -9.25 4.79 3.03
N GLU A 17 -9.36 6.00 3.59
CA GLU A 17 -10.08 7.09 2.93
C GLU A 17 -9.38 7.54 1.64
N ALA A 18 -8.10 7.29 1.54
CA ALA A 18 -7.29 7.59 0.40
C ALA A 18 -6.46 6.40 0.04
N GLU A 19 -7.06 5.22 -0.14
CA GLU A 19 -6.38 3.96 -0.45
C GLU A 19 -5.26 4.16 -1.49
N MET A 20 -4.04 4.36 -0.98
CA MET A 20 -2.95 4.85 -1.81
C MET A 20 -2.16 3.61 -2.15
N LEU A 21 -2.02 2.72 -1.17
CA LEU A 21 -1.29 1.49 -1.34
C LEU A 21 -2.30 0.40 -1.75
N ASN A 22 -3.26 0.77 -2.60
CA ASN A 22 -4.26 -0.15 -3.09
C ASN A 22 -3.98 -0.44 -4.56
N HIS A 23 -3.55 0.60 -5.30
CA HIS A 23 -3.28 0.47 -6.72
C HIS A 23 -1.94 -0.22 -6.91
N CYS A 24 -0.91 0.25 -6.20
CA CYS A 24 0.38 -0.40 -6.22
C CYS A 24 0.28 -1.76 -5.56
N GLY A 25 -0.82 -2.11 -4.90
CA GLY A 25 -1.03 -3.39 -4.29
C GLY A 25 -1.60 -4.36 -5.28
N MET A 26 -2.52 -3.92 -6.15
CA MET A 26 -3.14 -4.79 -7.14
C MET A 26 -2.10 -5.32 -8.09
N TYR A 27 -1.13 -4.50 -8.48
CA TYR A 27 -0.05 -4.92 -9.34
C TYR A 27 0.73 -6.09 -8.75
N LEU A 28 0.81 -6.15 -7.43
CA LEU A 28 1.57 -7.15 -6.73
C LEU A 28 0.62 -8.30 -6.39
N MET A 29 -0.69 -8.03 -6.31
CA MET A 29 -1.73 -9.00 -6.05
C MET A 29 -2.31 -9.54 -7.35
N LYS A 30 -1.73 -9.18 -8.49
CA LYS A 30 -2.24 -9.60 -9.77
C LYS A 30 -1.70 -10.98 -10.08
N ASN A 31 -0.56 -11.34 -9.49
CA ASN A 31 0.03 -12.66 -9.62
C ASN A 31 -0.20 -13.49 -8.37
N LEU A 32 -0.71 -12.86 -7.30
CA LEU A 32 -1.00 -13.56 -6.07
C LEU A 32 -2.40 -14.20 -6.13
N GLY A 33 -3.22 -13.79 -7.10
CA GLY A 33 -4.56 -14.32 -7.28
C GLY A 33 -5.35 -13.46 -8.23
N GLU A 34 -6.65 -13.70 -8.28
CA GLU A 34 -7.56 -12.95 -9.14
C GLU A 34 -8.56 -12.14 -8.29
N ARG A 35 -9.71 -11.83 -8.88
CA ARG A 35 -10.78 -11.13 -8.18
C ARG A 35 -11.72 -12.11 -7.51
N SER A 36 -11.49 -12.38 -6.23
CA SER A 36 -12.34 -13.28 -5.46
C SER A 36 -13.81 -12.86 -5.58
N GLN A 37 -14.12 -11.63 -5.18
CA GLN A 37 -15.45 -11.09 -5.19
C GLN A 37 -15.50 -9.97 -6.20
N VAL A 38 -16.65 -9.80 -6.82
CA VAL A 38 -16.87 -8.75 -7.79
C VAL A 38 -16.63 -7.38 -7.14
N SER A 39 -15.82 -6.56 -7.78
CA SER A 39 -15.53 -5.22 -7.26
C SER A 39 -15.25 -4.27 -8.41
N PRO A 40 -16.29 -3.88 -9.15
CA PRO A 40 -16.14 -3.00 -10.29
C PRO A 40 -15.87 -1.58 -9.80
N ARG A 41 -14.57 -1.24 -9.64
CA ARG A 41 -14.15 0.06 -9.17
C ARG A 41 -14.94 1.14 -9.87
N MET A 42 -14.73 1.23 -11.20
CA MET A 42 -15.40 2.23 -12.00
C MET A 42 -15.65 1.68 -13.37
N ARG A 43 -14.58 1.22 -14.04
CA ARG A 43 -14.63 0.71 -15.40
C ARG A 43 -13.24 0.43 -15.94
N GLU A 44 -12.29 1.31 -15.58
CA GLU A 44 -10.92 1.15 -16.02
C GLU A 44 -10.24 0.01 -15.26
N GLU A 45 -9.06 -0.36 -15.71
CA GLU A 45 -8.30 -1.43 -15.09
C GLU A 45 -6.84 -1.35 -15.50
N ASP A 46 -6.08 -0.52 -14.79
CA ASP A 46 -4.66 -0.35 -15.11
C ASP A 46 -4.02 0.55 -14.06
N HIS A 47 -2.86 0.16 -13.55
CA HIS A 47 -2.14 0.96 -12.56
C HIS A 47 -0.83 1.39 -13.14
N LYS A 48 -0.04 2.15 -12.35
CA LYS A 48 1.28 2.65 -12.73
C LYS A 48 1.76 3.72 -11.77
N GLN A 49 1.06 4.84 -11.76
CA GLN A 49 1.37 5.95 -10.86
C GLN A 49 0.13 6.35 -10.06
N LEU A 50 -0.83 5.44 -9.94
CA LEU A 50 -2.04 5.69 -9.20
C LEU A 50 -1.73 5.62 -7.70
N CYS A 51 -0.94 4.65 -7.26
CA CYS A 51 -0.56 4.58 -5.86
C CYS A 51 0.29 5.78 -5.47
N CYS A 52 1.27 6.13 -6.32
CA CYS A 52 2.12 7.28 -6.10
C CYS A 52 1.26 8.55 -6.14
N MET A 53 0.03 8.44 -6.66
CA MET A 53 -0.91 9.54 -6.73
C MET A 53 -1.38 9.92 -5.33
N GLN A 54 -2.15 9.05 -4.69
CA GLN A 54 -2.69 9.31 -3.37
C GLN A 54 -1.56 9.32 -2.35
N LEU A 55 -0.51 8.54 -2.55
CA LEU A 55 0.62 8.54 -1.66
C LEU A 55 1.24 9.94 -1.57
N LYS A 56 1.16 10.72 -2.65
CA LYS A 56 1.56 12.12 -2.63
C LYS A 56 0.54 12.98 -1.88
N ASN A 57 -0.74 12.65 -1.97
CA ASN A 57 -1.77 13.31 -1.19
C ASN A 57 -1.54 13.21 0.31
N LEU A 58 -1.00 12.07 0.75
CA LEU A 58 -0.69 11.86 2.15
C LEU A 58 0.43 12.80 2.61
N ASP A 59 0.95 12.54 3.80
CA ASP A 59 2.04 13.31 4.34
C ASP A 59 3.29 12.46 4.39
N GLU A 60 4.46 13.08 4.41
CA GLU A 60 5.73 12.38 4.53
C GLU A 60 5.85 11.68 5.88
N LYS A 61 4.98 12.05 6.82
CA LYS A 61 4.91 11.43 8.11
C LYS A 61 3.92 10.31 8.10
N CYS A 62 3.07 10.16 7.10
CA CYS A 62 2.16 9.06 6.90
C CYS A 62 2.71 8.10 5.85
N MET A 63 3.65 8.51 5.04
CA MET A 63 4.23 7.68 4.01
C MET A 63 5.31 6.82 4.63
N CYS A 64 5.01 5.95 5.56
CA CYS A 64 5.98 5.10 6.24
C CYS A 64 5.23 4.37 7.34
N PRO A 65 4.61 5.12 8.27
CA PRO A 65 3.89 4.52 9.40
C PRO A 65 2.52 4.02 8.94
N ALA A 66 1.94 4.68 7.94
CA ALA A 66 0.69 4.29 7.39
C ALA A 66 0.89 3.00 6.64
N ILE A 67 1.82 2.89 5.71
CA ILE A 67 2.06 1.68 4.95
C ILE A 67 2.04 0.46 5.84
N MET A 68 2.78 0.46 6.95
CA MET A 68 2.74 -0.62 7.90
C MET A 68 1.34 -1.08 8.23
N MET A 69 0.40 -0.16 8.42
CA MET A 69 -1.00 -0.44 8.57
C MET A 69 -1.75 -0.76 7.28
N MET A 70 -1.37 -0.20 6.15
CA MET A 70 -1.95 -0.47 4.85
C MET A 70 -1.87 -1.97 4.58
N LEU A 71 -0.79 -2.64 5.02
CA LEU A 71 -0.60 -4.04 4.75
C LEU A 71 -1.28 -4.79 5.85
N ASN A 72 -2.03 -4.15 6.73
CA ASN A 72 -2.81 -4.74 7.80
C ASN A 72 -4.29 -4.41 7.63
N GLU A 73 -4.63 -3.65 6.60
CA GLU A 73 -6.00 -3.26 6.34
C GLU A 73 -6.84 -4.47 5.98
N PRO A 74 -8.13 -4.29 5.78
CA PRO A 74 -9.06 -5.33 5.36
C PRO A 74 -8.87 -5.71 3.89
N MET A 75 -7.64 -5.79 3.44
CA MET A 75 -7.31 -6.12 2.10
C MET A 75 -5.85 -6.47 1.98
N TRP A 76 -5.15 -6.81 3.06
CA TRP A 76 -3.74 -7.11 3.05
C TRP A 76 -3.39 -7.92 4.30
N ILE A 77 -3.41 -9.26 4.18
CA ILE A 77 -3.25 -10.15 5.32
C ILE A 77 -2.19 -11.17 4.98
N ARG A 78 -2.55 -12.23 4.29
CA ARG A 78 -1.59 -13.26 3.92
C ARG A 78 -1.15 -13.01 2.49
N MET A 79 -2.06 -12.50 1.66
CA MET A 79 -1.78 -12.20 0.27
C MET A 79 -0.82 -11.04 0.19
N ARG A 80 -0.69 -10.25 1.26
CA ARG A 80 0.25 -9.18 1.32
C ARG A 80 1.63 -9.67 1.57
N ASP A 81 1.85 -10.86 2.13
CA ASP A 81 3.18 -11.42 2.37
C ASP A 81 4.10 -11.25 1.17
N GLN A 82 3.49 -11.29 -0.03
CA GLN A 82 4.19 -10.92 -1.25
C GLN A 82 4.25 -9.45 -1.58
N VAL A 83 3.13 -8.75 -1.47
CA VAL A 83 3.06 -7.32 -1.64
C VAL A 83 3.89 -6.63 -0.58
N MET A 84 4.42 -7.30 0.42
CA MET A 84 5.19 -6.73 1.50
C MET A 84 6.57 -6.45 0.99
N SER A 85 7.25 -7.46 0.43
CA SER A 85 8.58 -7.27 -0.14
C SER A 85 8.49 -6.47 -1.44
N MET A 86 7.30 -6.08 -1.87
CA MET A 86 7.09 -5.31 -3.07
C MET A 86 6.64 -3.90 -2.73
N ALA A 87 5.86 -3.74 -1.68
CA ALA A 87 5.34 -2.48 -1.20
C ALA A 87 6.32 -1.93 -0.16
N HIS A 88 7.58 -2.37 -0.19
CA HIS A 88 8.59 -1.89 0.72
C HIS A 88 9.53 -0.98 -0.02
N ASN A 89 9.68 -1.17 -1.33
CA ASN A 89 10.50 -0.36 -2.17
C ASN A 89 9.66 0.45 -3.08
N LEU A 90 8.44 0.04 -3.43
CA LEU A 90 7.48 0.88 -4.17
C LEU A 90 7.18 2.24 -3.46
N PRO A 91 6.95 2.21 -2.16
CA PRO A 91 6.75 3.43 -1.44
C PRO A 91 8.06 4.13 -1.20
N ILE A 92 9.20 3.52 -1.39
CA ILE A 92 10.47 4.17 -1.24
C ILE A 92 10.93 4.76 -2.54
N GLU A 93 10.78 4.09 -3.67
CA GLU A 93 11.17 4.50 -4.99
C GLU A 93 10.53 5.84 -5.31
N CYS A 94 9.27 6.00 -4.91
CA CYS A 94 8.56 7.23 -5.14
C CYS A 94 9.03 8.26 -4.14
N ASN A 95 9.62 7.82 -3.01
CA ASN A 95 10.23 8.64 -1.96
C ASN A 95 9.14 8.86 -0.90
N LEU A 96 8.25 7.92 -0.73
CA LEU A 96 7.16 8.02 0.21
C LEU A 96 7.71 7.66 1.57
N MET A 97 8.26 6.45 1.71
CA MET A 97 8.80 5.95 2.95
C MET A 97 10.27 5.68 2.84
N SER A 98 10.97 6.31 1.90
CA SER A 98 12.39 6.09 1.65
C SER A 98 13.19 5.77 2.93
N GLN A 99 13.42 6.78 3.74
CA GLN A 99 13.91 6.56 5.10
C GLN A 99 13.43 7.65 6.06
N PRO A 100 12.13 7.93 6.10
CA PRO A 100 11.58 8.97 6.95
C PRO A 100 11.58 8.51 8.38
N CYS A 101 10.97 7.38 8.72
CA CYS A 101 10.92 6.86 10.06
C CYS A 101 12.28 7.03 10.75
N GLN A 102 12.25 7.74 11.88
CA GLN A 102 13.46 8.03 12.63
C GLN A 102 13.34 7.52 14.05
N MET A 103 14.38 7.75 14.84
CA MET A 103 14.40 7.36 16.25
C MET A 103 13.66 8.39 17.16
N PRO A 1 -12.79 -10.33 10.99
CA PRO A 1 -12.80 -9.11 11.86
C PRO A 1 -14.11 -8.94 12.62
N TYR A 2 -14.18 -7.91 13.46
CA TYR A 2 -15.33 -7.64 14.30
C TYR A 2 -15.76 -6.20 14.12
N GLY A 3 -14.81 -5.25 14.20
CA GLY A 3 -15.07 -3.83 14.11
C GLY A 3 -16.28 -3.40 14.93
N ARG A 4 -16.05 -3.05 16.19
CA ARG A 4 -17.13 -2.63 17.07
C ARG A 4 -16.71 -1.40 17.86
N GLY A 5 -16.95 -0.22 17.33
CA GLY A 5 -16.59 1.02 17.98
C GLY A 5 -15.96 1.99 17.01
N ARG A 6 -15.89 3.26 17.42
CA ARG A 6 -15.27 4.29 16.60
C ARG A 6 -13.81 3.96 16.30
N THR A 7 -13.18 4.84 15.55
CA THR A 7 -11.78 4.70 15.21
C THR A 7 -10.88 5.31 16.28
N GLU A 8 -9.62 5.52 15.94
CA GLU A 8 -8.67 6.12 16.85
C GLU A 8 -7.34 6.38 16.18
N SER A 9 -6.99 5.51 15.24
CA SER A 9 -5.77 5.63 14.46
C SER A 9 -5.68 7.02 13.79
N GLY A 10 -4.58 7.26 13.08
CA GLY A 10 -4.38 8.53 12.43
C GLY A 10 -4.15 8.31 10.97
N CYS A 11 -2.88 8.17 10.56
CA CYS A 11 -2.50 8.00 9.16
C CYS A 11 -3.39 6.99 8.49
N TYR A 12 -3.44 5.76 9.02
CA TYR A 12 -4.36 4.72 8.58
C TYR A 12 -5.75 5.22 8.28
N GLN A 13 -6.34 5.95 9.23
CA GLN A 13 -7.64 6.55 9.04
C GLN A 13 -7.68 7.45 7.80
N GLN A 14 -6.66 8.28 7.61
CA GLN A 14 -6.54 9.08 6.40
C GLN A 14 -6.15 8.26 5.17
N MET A 15 -5.66 7.05 5.37
CA MET A 15 -5.24 6.16 4.34
C MET A 15 -6.44 5.58 3.66
N GLU A 16 -7.32 4.87 4.36
CA GLU A 16 -8.53 4.31 3.77
C GLU A 16 -9.33 5.36 2.99
N GLU A 17 -9.37 6.58 3.51
CA GLU A 17 -10.06 7.68 2.85
C GLU A 17 -9.34 8.08 1.56
N ALA A 18 -8.04 7.85 1.51
CA ALA A 18 -7.24 8.12 0.34
C ALA A 18 -6.32 6.97 0.04
N GLU A 19 -6.87 5.77 -0.16
CA GLU A 19 -6.12 4.53 -0.36
C GLU A 19 -4.91 4.77 -1.27
N MET A 20 -3.77 5.07 -0.66
CA MET A 20 -2.62 5.52 -1.40
C MET A 20 -1.94 4.27 -1.87
N LEU A 21 -2.14 3.14 -1.17
CA LEU A 21 -1.50 1.90 -1.48
C LEU A 21 -2.59 0.85 -1.54
N ASN A 22 -3.43 0.95 -2.56
CA ASN A 22 -4.50 -0.01 -2.79
C ASN A 22 -4.53 -0.43 -4.25
N HIS A 23 -4.38 0.56 -5.13
CA HIS A 23 -4.41 0.31 -6.56
C HIS A 23 -3.14 -0.41 -6.96
N CYS A 24 -1.98 0.14 -6.56
CA CYS A 24 -0.71 -0.52 -6.80
C CYS A 24 -0.73 -1.93 -6.20
N GLY A 25 -1.64 -2.21 -5.28
CA GLY A 25 -1.82 -3.52 -4.72
C GLY A 25 -2.08 -4.55 -5.76
N MET A 26 -3.10 -4.41 -6.60
CA MET A 26 -3.42 -5.37 -7.65
C MET A 26 -2.21 -5.75 -8.46
N TYR A 27 -1.41 -4.78 -8.88
CA TYR A 27 -0.16 -5.03 -9.59
C TYR A 27 0.74 -6.04 -8.88
N LEU A 28 0.69 -6.04 -7.56
CA LEU A 28 1.43 -6.94 -6.71
C LEU A 28 0.57 -8.14 -6.31
N MET A 29 -0.74 -7.99 -6.32
CA MET A 29 -1.73 -8.99 -6.03
C MET A 29 -2.20 -9.71 -7.27
N LYS A 30 -1.52 -9.50 -8.39
CA LYS A 30 -1.88 -10.08 -9.67
C LYS A 30 -1.20 -11.44 -9.78
N ASN A 31 -0.10 -11.62 -9.04
CA ASN A 31 0.56 -12.90 -8.97
C ASN A 31 0.20 -13.65 -7.69
N LEU A 32 -0.47 -12.95 -6.77
CA LEU A 32 -0.90 -13.57 -5.53
C LEU A 32 -2.17 -14.39 -5.75
N GLY A 33 -2.90 -14.11 -6.83
CA GLY A 33 -4.13 -14.81 -7.17
C GLY A 33 -5.30 -13.84 -7.26
N GLU A 34 -6.33 -14.26 -7.98
CA GLU A 34 -7.51 -13.44 -8.16
C GLU A 34 -8.75 -14.32 -8.25
N ARG A 35 -9.58 -14.29 -7.22
CA ARG A 35 -10.81 -15.07 -7.19
C ARG A 35 -11.91 -14.35 -7.96
N SER A 36 -12.93 -15.09 -8.35
CA SER A 36 -14.09 -14.53 -9.05
C SER A 36 -15.02 -15.65 -9.48
N GLN A 37 -16.25 -15.30 -9.80
CA GLN A 37 -17.23 -16.27 -10.24
C GLN A 37 -18.51 -15.59 -10.71
N VAL A 38 -18.41 -14.87 -11.81
CA VAL A 38 -19.57 -14.14 -12.36
C VAL A 38 -19.19 -13.60 -13.71
N SER A 39 -20.15 -13.54 -14.63
CA SER A 39 -19.96 -13.04 -16.00
C SER A 39 -19.02 -11.84 -16.03
N PRO A 40 -17.74 -12.09 -16.34
CA PRO A 40 -16.71 -11.05 -16.28
C PRO A 40 -16.88 -10.19 -17.51
N ARG A 41 -17.78 -9.21 -17.44
CA ARG A 41 -18.06 -8.30 -18.54
C ARG A 41 -16.75 -7.75 -19.07
N MET A 42 -16.14 -6.86 -18.29
CA MET A 42 -14.91 -6.21 -18.68
C MET A 42 -14.01 -6.05 -17.49
N ARG A 43 -12.71 -6.27 -17.69
CA ARG A 43 -11.71 -6.13 -16.64
C ARG A 43 -10.34 -5.84 -17.22
N GLU A 44 -10.10 -4.58 -17.54
CA GLU A 44 -8.82 -4.18 -18.11
C GLU A 44 -8.27 -2.97 -17.37
N GLU A 45 -7.62 -3.22 -16.24
CA GLU A 45 -7.02 -2.17 -15.46
C GLU A 45 -5.54 -2.45 -15.19
N ASP A 46 -4.80 -1.41 -14.86
CA ASP A 46 -3.37 -1.55 -14.57
C ASP A 46 -2.89 -0.35 -13.77
N HIS A 47 -2.88 -0.50 -12.45
CA HIS A 47 -2.44 0.59 -11.59
C HIS A 47 -0.93 0.53 -11.44
N LYS A 48 -0.35 1.63 -10.98
CA LYS A 48 1.09 1.75 -10.77
C LYS A 48 1.47 3.16 -10.37
N GLN A 49 0.74 4.13 -10.91
CA GLN A 49 0.94 5.53 -10.56
C GLN A 49 -0.23 6.06 -9.77
N LEU A 50 -1.35 5.32 -9.73
CA LEU A 50 -2.51 5.70 -8.96
C LEU A 50 -2.20 5.60 -7.45
N CYS A 51 -1.15 4.85 -7.10
CA CYS A 51 -0.71 4.76 -5.73
C CYS A 51 0.25 5.89 -5.40
N CYS A 52 1.26 6.11 -6.27
CA CYS A 52 2.20 7.20 -6.09
C CYS A 52 1.47 8.55 -6.18
N MET A 53 0.22 8.53 -6.65
CA MET A 53 -0.60 9.71 -6.79
C MET A 53 -1.02 10.22 -5.42
N GLN A 54 -1.89 9.47 -4.75
CA GLN A 54 -2.37 9.87 -3.44
C GLN A 54 -1.25 9.75 -2.42
N LEU A 55 -0.24 8.93 -2.68
CA LEU A 55 0.89 8.82 -1.79
C LEU A 55 1.60 10.17 -1.64
N LYS A 56 1.55 11.00 -2.68
CA LYS A 56 2.06 12.36 -2.62
C LYS A 56 1.06 13.33 -1.99
N ASN A 57 -0.08 12.83 -1.55
CA ASN A 57 -1.10 13.58 -0.85
C ASN A 57 -1.16 13.21 0.62
N LEU A 58 -0.54 12.09 1.00
CA LEU A 58 -0.50 11.65 2.37
C LEU A 58 0.53 12.48 3.15
N ASP A 59 0.57 12.26 4.46
CA ASP A 59 1.49 12.97 5.31
C ASP A 59 2.88 12.43 5.06
N GLU A 60 3.87 13.31 4.96
CA GLU A 60 5.25 12.90 4.79
C GLU A 60 5.77 12.12 6.00
N LYS A 61 5.04 12.19 7.11
CA LYS A 61 5.34 11.43 8.31
C LYS A 61 4.46 10.17 8.40
N CYS A 62 3.43 10.08 7.57
CA CYS A 62 2.60 8.92 7.47
C CYS A 62 3.13 7.96 6.41
N MET A 63 4.14 8.36 5.66
CA MET A 63 4.72 7.53 4.64
C MET A 63 5.72 6.55 5.22
N CYS A 64 5.32 5.78 6.20
CA CYS A 64 6.20 4.86 6.90
C CYS A 64 5.33 3.99 7.81
N PRO A 65 4.60 4.61 8.76
CA PRO A 65 3.72 3.90 9.67
C PRO A 65 2.42 3.49 8.96
N ALA A 66 1.96 4.30 8.02
CA ALA A 66 0.76 4.00 7.27
C ALA A 66 1.04 2.81 6.39
N ILE A 67 2.13 2.79 5.63
CA ILE A 67 2.48 1.68 4.75
C ILE A 67 2.18 0.32 5.41
N MET A 68 2.51 0.22 6.70
CA MET A 68 2.19 -0.95 7.48
C MET A 68 0.71 -1.25 7.45
N MET A 69 -0.14 -0.35 7.94
CA MET A 69 -1.57 -0.50 7.87
C MET A 69 -2.11 -0.66 6.46
N MET A 70 -1.40 -0.14 5.48
CA MET A 70 -1.80 -0.24 4.10
C MET A 70 -1.86 -1.68 3.71
N LEU A 71 -0.95 -2.50 4.24
CA LEU A 71 -0.87 -3.90 3.92
C LEU A 71 -1.53 -4.68 5.03
N ASN A 72 -2.28 -4.03 5.90
CA ASN A 72 -3.00 -4.66 6.99
C ASN A 72 -4.48 -4.40 6.85
N GLU A 73 -4.85 -3.58 5.86
CA GLU A 73 -6.22 -3.23 5.61
C GLU A 73 -7.07 -4.48 5.39
N PRO A 74 -8.37 -4.31 5.17
CA PRO A 74 -9.28 -5.40 4.90
C PRO A 74 -9.09 -5.96 3.48
N MET A 75 -7.84 -6.04 3.04
CA MET A 75 -7.49 -6.53 1.73
C MET A 75 -6.03 -6.87 1.68
N TRP A 76 -5.40 -7.17 2.80
CA TRP A 76 -4.00 -7.52 2.86
C TRP A 76 -3.76 -8.44 4.03
N ILE A 77 -3.87 -9.75 3.80
CA ILE A 77 -3.79 -10.74 4.87
C ILE A 77 -2.56 -11.58 4.67
N ARG A 78 -2.68 -12.89 4.56
CA ARG A 78 -1.57 -13.77 4.26
C ARG A 78 -1.17 -13.73 2.78
N MET A 79 -1.62 -12.71 2.08
CA MET A 79 -1.38 -12.54 0.67
C MET A 79 -0.41 -11.40 0.47
N ARG A 80 -0.48 -10.37 1.31
CA ARG A 80 0.43 -9.28 1.24
C ARG A 80 1.85 -9.71 1.47
N ASP A 81 2.12 -10.84 2.08
CA ASP A 81 3.47 -11.37 2.27
C ASP A 81 4.34 -11.19 1.03
N GLN A 82 3.70 -11.27 -0.16
CA GLN A 82 4.36 -10.94 -1.39
C GLN A 82 4.37 -9.46 -1.75
N VAL A 83 3.22 -8.81 -1.65
CA VAL A 83 3.11 -7.38 -1.86
C VAL A 83 3.93 -6.60 -0.85
N MET A 84 4.46 -7.24 0.19
CA MET A 84 5.20 -6.66 1.26
C MET A 84 6.57 -6.29 0.75
N SER A 85 7.30 -7.28 0.22
CA SER A 85 8.61 -7.04 -0.36
C SER A 85 8.49 -6.21 -1.62
N MET A 86 7.28 -5.96 -2.10
CA MET A 86 7.02 -5.14 -3.25
C MET A 86 6.67 -3.72 -2.87
N ALA A 87 5.91 -3.55 -1.80
CA ALA A 87 5.54 -2.27 -1.28
C ALA A 87 6.57 -1.79 -0.27
N HIS A 88 7.82 -2.26 -0.40
CA HIS A 88 8.88 -1.85 0.47
C HIS A 88 9.80 -0.90 -0.26
N ASN A 89 9.93 -1.09 -1.57
CA ASN A 89 10.75 -0.26 -2.41
C ASN A 89 9.87 0.59 -3.28
N LEU A 90 8.61 0.21 -3.51
CA LEU A 90 7.67 1.05 -4.22
C LEU A 90 7.43 2.39 -3.52
N PRO A 91 7.17 2.36 -2.21
CA PRO A 91 6.99 3.57 -1.45
C PRO A 91 8.31 4.27 -1.21
N ILE A 92 9.44 3.62 -1.42
CA ILE A 92 10.72 4.25 -1.26
C ILE A 92 11.19 4.84 -2.57
N GLU A 93 11.02 4.12 -3.67
CA GLU A 93 11.41 4.56 -5.00
C GLU A 93 10.61 5.78 -5.40
N CYS A 94 9.41 5.92 -4.83
CA CYS A 94 8.62 7.10 -5.05
C CYS A 94 9.02 8.22 -4.10
N ASN A 95 9.82 7.91 -3.07
CA ASN A 95 10.31 8.85 -2.07
C ASN A 95 9.24 9.03 -0.99
N LEU A 96 8.40 8.04 -0.80
CA LEU A 96 7.32 8.10 0.16
C LEU A 96 7.88 7.73 1.52
N MET A 97 8.39 6.50 1.66
CA MET A 97 8.96 6.00 2.87
C MET A 97 10.44 5.78 2.78
N SER A 98 11.09 6.39 1.77
CA SER A 98 12.52 6.21 1.51
C SER A 98 13.34 6.00 2.79
N GLN A 99 13.53 7.06 3.54
CA GLN A 99 14.06 6.97 4.88
C GLN A 99 13.54 8.09 5.80
N PRO A 100 12.22 8.31 5.83
CA PRO A 100 11.63 9.35 6.64
C PRO A 100 11.65 8.98 8.11
N CYS A 101 10.59 8.33 8.58
CA CYS A 101 10.50 7.90 9.95
C CYS A 101 11.63 6.91 10.24
N GLN A 102 11.63 6.38 11.46
CA GLN A 102 12.64 5.42 11.87
C GLN A 102 11.98 4.14 12.36
N MET A 103 12.81 3.20 12.79
CA MET A 103 12.36 1.93 13.37
C MET A 103 12.80 1.73 14.84
N PRO A 1 -6.62 -19.32 9.07
CA PRO A 1 -7.42 -18.15 9.55
C PRO A 1 -7.46 -16.97 8.57
N TYR A 2 -8.65 -16.41 8.37
CA TYR A 2 -8.84 -15.28 7.47
C TYR A 2 -8.19 -14.00 8.03
N GLY A 3 -8.30 -13.82 9.34
CA GLY A 3 -7.77 -12.64 10.01
C GLY A 3 -8.88 -11.78 10.60
N ARG A 4 -8.54 -11.05 11.66
CA ARG A 4 -9.48 -10.15 12.31
C ARG A 4 -9.64 -8.85 11.52
N GLY A 5 -10.53 -7.99 11.97
CA GLY A 5 -10.74 -6.68 11.38
C GLY A 5 -10.38 -5.58 12.34
N ARG A 6 -9.60 -4.63 11.86
CA ARG A 6 -9.20 -3.48 12.66
C ARG A 6 -9.06 -2.28 11.79
N THR A 7 -9.24 -1.08 12.34
CA THR A 7 -9.23 0.17 11.58
C THR A 7 -8.85 1.33 12.48
N GLU A 8 -7.58 1.71 12.44
CA GLU A 8 -7.09 2.82 13.27
C GLU A 8 -7.46 4.17 12.68
N SER A 9 -6.99 5.25 13.29
CA SER A 9 -7.22 6.61 12.82
C SER A 9 -5.94 7.23 12.26
N GLY A 10 -5.97 8.53 12.04
CA GLY A 10 -4.83 9.28 11.55
C GLY A 10 -4.37 8.72 10.24
N CYS A 11 -3.08 8.48 10.05
CA CYS A 11 -2.54 7.97 8.81
C CYS A 11 -3.37 6.80 8.28
N TYR A 12 -3.61 5.80 9.11
CA TYR A 12 -4.51 4.70 8.83
C TYR A 12 -5.84 5.17 8.25
N GLN A 13 -6.50 6.10 8.93
CA GLN A 13 -7.74 6.65 8.44
C GLN A 13 -7.56 7.23 7.04
N GLN A 14 -6.48 7.97 6.81
CA GLN A 14 -6.22 8.53 5.50
C GLN A 14 -6.14 7.45 4.46
N MET A 15 -5.56 6.31 4.78
CA MET A 15 -5.45 5.18 3.90
C MET A 15 -6.79 4.77 3.34
N GLU A 16 -7.71 4.28 4.14
CA GLU A 16 -9.04 3.91 3.67
C GLU A 16 -9.72 5.09 2.96
N GLU A 17 -9.43 6.30 3.42
CA GLU A 17 -10.00 7.50 2.84
C GLU A 17 -9.34 7.83 1.50
N ALA A 18 -8.19 7.24 1.23
CA ALA A 18 -7.41 7.46 0.06
C ALA A 18 -6.73 6.18 -0.34
N GLU A 19 -7.48 5.09 -0.48
CA GLU A 19 -6.99 3.74 -0.78
C GLU A 19 -5.97 3.80 -1.93
N MET A 20 -4.71 3.96 -1.57
CA MET A 20 -3.66 4.21 -2.55
C MET A 20 -3.02 2.88 -2.85
N LEU A 21 -3.11 1.96 -1.89
CA LEU A 21 -2.61 0.64 -2.05
C LEU A 21 -3.58 -0.18 -2.88
N ASN A 22 -4.69 0.39 -3.30
CA ASN A 22 -5.61 -0.27 -4.21
C ASN A 22 -5.08 -0.23 -5.66
N HIS A 23 -4.01 0.54 -5.89
CA HIS A 23 -3.48 0.71 -7.22
C HIS A 23 -2.14 0.00 -7.28
N CYS A 24 -1.19 0.45 -6.49
CA CYS A 24 0.10 -0.20 -6.43
C CYS A 24 -0.04 -1.62 -5.88
N GLY A 25 -1.07 -1.86 -5.08
CA GLY A 25 -1.33 -3.15 -4.52
C GLY A 25 -1.73 -4.13 -5.56
N MET A 26 -2.76 -3.85 -6.36
CA MET A 26 -3.22 -4.74 -7.42
C MET A 26 -2.06 -5.24 -8.24
N TYR A 27 -1.08 -4.39 -8.60
CA TYR A 27 0.13 -4.81 -9.29
C TYR A 27 0.85 -5.98 -8.61
N LEU A 28 0.95 -5.92 -7.29
CA LEU A 28 1.57 -6.95 -6.50
C LEU A 28 0.57 -8.03 -6.14
N MET A 29 -0.72 -7.71 -6.14
CA MET A 29 -1.83 -8.59 -5.89
C MET A 29 -2.37 -9.20 -7.17
N LYS A 30 -1.66 -9.02 -8.28
CA LYS A 30 -2.10 -9.50 -9.58
C LYS A 30 -1.64 -10.92 -9.75
N ASN A 31 -0.57 -11.29 -9.03
CA ASN A 31 -0.10 -12.65 -8.99
C ASN A 31 -0.50 -13.36 -7.70
N LEU A 32 -1.07 -12.60 -6.76
CA LEU A 32 -1.53 -13.17 -5.51
C LEU A 32 -2.95 -13.70 -5.65
N GLY A 33 -3.65 -13.33 -6.72
CA GLY A 33 -5.00 -13.76 -7.00
C GLY A 33 -5.82 -12.66 -7.65
N GLU A 34 -6.88 -13.03 -8.35
CA GLU A 34 -7.73 -12.07 -9.03
C GLU A 34 -9.13 -12.13 -8.43
N ARG A 35 -9.30 -11.60 -7.23
CA ARG A 35 -10.60 -11.58 -6.56
C ARG A 35 -11.16 -10.18 -6.57
N SER A 36 -12.46 -10.08 -6.83
CA SER A 36 -13.15 -8.79 -6.81
C SER A 36 -14.63 -9.02 -7.05
N GLN A 37 -15.46 -8.24 -6.38
CA GLN A 37 -16.90 -8.36 -6.53
C GLN A 37 -17.52 -6.97 -6.58
N VAL A 38 -17.97 -6.57 -7.75
CA VAL A 38 -18.62 -5.27 -7.94
C VAL A 38 -19.32 -5.26 -9.28
N SER A 39 -20.13 -4.23 -9.53
CA SER A 39 -20.84 -4.06 -10.81
C SER A 39 -20.40 -2.75 -11.46
N PRO A 40 -19.21 -2.73 -12.06
CA PRO A 40 -18.69 -1.54 -12.72
C PRO A 40 -19.42 -1.32 -14.03
N ARG A 41 -20.53 -0.57 -13.97
CA ARG A 41 -21.36 -0.30 -15.14
C ARG A 41 -20.47 0.04 -16.32
N MET A 42 -19.72 1.13 -16.19
CA MET A 42 -18.83 1.59 -17.24
C MET A 42 -17.63 2.30 -16.68
N ARG A 43 -16.52 1.61 -16.50
CA ARG A 43 -15.29 2.18 -16.00
C ARG A 43 -14.14 1.25 -16.26
N GLU A 44 -12.93 1.77 -16.17
CA GLU A 44 -11.72 0.98 -16.35
C GLU A 44 -10.51 1.86 -16.12
N GLU A 45 -9.37 1.24 -15.84
CA GLU A 45 -8.10 1.92 -15.67
C GLU A 45 -7.00 0.91 -15.32
N ASP A 46 -5.76 1.36 -15.39
CA ASP A 46 -4.62 0.52 -15.07
C ASP A 46 -3.75 1.20 -14.04
N HIS A 47 -2.95 0.44 -13.30
CA HIS A 47 -2.02 1.03 -12.33
C HIS A 47 -0.69 1.26 -12.97
N LYS A 48 0.24 1.89 -12.25
CA LYS A 48 1.61 2.21 -12.70
C LYS A 48 2.23 3.26 -11.81
N GLN A 49 1.47 4.30 -11.49
CA GLN A 49 1.92 5.38 -10.62
C GLN A 49 0.73 6.08 -9.97
N LEU A 50 -0.38 5.37 -9.83
CA LEU A 50 -1.58 5.93 -9.24
C LEU A 50 -1.41 6.02 -7.73
N CYS A 51 -0.91 4.98 -7.07
CA CYS A 51 -0.64 5.04 -5.64
C CYS A 51 0.37 6.13 -5.35
N CYS A 52 1.38 6.31 -6.21
CA CYS A 52 2.34 7.38 -6.06
C CYS A 52 1.65 8.75 -6.07
N MET A 53 0.42 8.82 -6.59
CA MET A 53 -0.42 9.98 -6.60
C MET A 53 -1.15 10.15 -5.27
N GLN A 54 -1.96 9.19 -4.86
CA GLN A 54 -2.69 9.31 -3.60
C GLN A 54 -1.75 9.39 -2.41
N LEU A 55 -0.67 8.62 -2.42
CA LEU A 55 0.35 8.69 -1.40
C LEU A 55 1.01 10.07 -1.36
N LYS A 56 1.16 10.72 -2.51
CA LYS A 56 1.62 12.11 -2.54
C LYS A 56 0.64 13.06 -1.83
N ASN A 57 -0.59 12.63 -1.61
CA ASN A 57 -1.55 13.36 -0.84
C ASN A 57 -1.51 12.99 0.65
N LEU A 58 -0.99 11.82 0.97
CA LEU A 58 -0.83 11.39 2.34
C LEU A 58 0.10 12.31 3.12
N ASP A 59 0.25 12.03 4.40
CA ASP A 59 1.08 12.85 5.24
C ASP A 59 2.52 12.45 4.96
N GLU A 60 3.41 13.41 4.76
CA GLU A 60 4.83 13.13 4.55
C GLU A 60 5.45 12.46 5.78
N LYS A 61 4.78 12.58 6.93
CA LYS A 61 5.15 11.91 8.16
C LYS A 61 4.33 10.64 8.43
N CYS A 62 3.47 10.27 7.51
CA CYS A 62 2.68 9.06 7.52
C CYS A 62 3.16 8.11 6.40
N MET A 63 4.10 8.52 5.59
CA MET A 63 4.61 7.71 4.53
C MET A 63 5.77 6.87 5.03
N CYS A 64 5.52 5.82 5.79
CA CYS A 64 6.54 5.00 6.44
C CYS A 64 5.95 4.31 7.64
N PRO A 65 5.44 5.10 8.60
CA PRO A 65 4.85 4.56 9.82
C PRO A 65 3.46 4.02 9.55
N ALA A 66 2.74 4.64 8.61
CA ALA A 66 1.44 4.19 8.23
C ALA A 66 1.56 3.01 7.30
N ILE A 67 2.53 2.98 6.41
CA ILE A 67 2.74 1.86 5.49
C ILE A 67 2.58 0.52 6.21
N MET A 68 3.01 0.45 7.47
CA MET A 68 2.79 -0.70 8.31
C MET A 68 1.32 -1.11 8.37
N MET A 69 0.47 -0.21 8.90
CA MET A 69 -0.95 -0.43 8.96
C MET A 69 -1.60 -0.58 7.59
N MET A 70 -0.99 0.00 6.55
CA MET A 70 -1.48 -0.13 5.20
C MET A 70 -1.54 -1.59 4.78
N LEU A 71 -0.58 -2.38 5.23
CA LEU A 71 -0.53 -3.79 4.91
C LEU A 71 -1.13 -4.56 6.08
N ASN A 72 -2.05 -4.00 6.84
CA ASN A 72 -2.74 -4.67 7.92
C ASN A 72 -4.23 -4.49 7.83
N GLU A 73 -4.68 -3.92 6.71
CA GLU A 73 -6.09 -3.67 6.51
C GLU A 73 -6.81 -4.96 6.13
N PRO A 74 -8.15 -4.89 5.99
CA PRO A 74 -8.96 -6.00 5.52
C PRO A 74 -8.80 -6.27 4.02
N MET A 75 -7.55 -6.31 3.55
CA MET A 75 -7.24 -6.55 2.17
C MET A 75 -5.76 -6.77 1.98
N TRP A 76 -5.05 -7.18 3.02
CA TRP A 76 -3.62 -7.44 2.96
C TRP A 76 -3.27 -8.40 4.09
N ILE A 77 -3.65 -9.67 3.95
CA ILE A 77 -3.44 -10.66 5.00
C ILE A 77 -2.27 -11.53 4.65
N ARG A 78 -2.47 -12.81 4.41
CA ARG A 78 -1.43 -13.72 3.98
C ARG A 78 -1.14 -13.59 2.50
N MET A 79 -1.56 -12.50 1.91
CA MET A 79 -1.46 -12.25 0.49
C MET A 79 -0.46 -11.15 0.29
N ARG A 80 -0.46 -10.16 1.18
CA ARG A 80 0.52 -9.10 1.10
C ARG A 80 1.91 -9.60 1.29
N ASP A 81 2.14 -10.79 1.83
CA ASP A 81 3.47 -11.38 1.98
C ASP A 81 4.35 -11.16 0.75
N GLN A 82 3.72 -11.11 -0.43
CA GLN A 82 4.39 -10.76 -1.66
C GLN A 82 4.42 -9.27 -1.96
N VAL A 83 3.28 -8.61 -1.78
CA VAL A 83 3.18 -7.19 -1.94
C VAL A 83 3.99 -6.49 -0.90
N MET A 84 4.53 -7.16 0.11
CA MET A 84 5.25 -6.65 1.22
C MET A 84 6.59 -6.30 0.69
N SER A 85 7.46 -7.25 0.40
CA SER A 85 8.82 -6.99 -0.08
C SER A 85 8.81 -5.96 -1.20
N MET A 86 7.69 -5.79 -1.86
CA MET A 86 7.49 -4.79 -2.86
C MET A 86 6.83 -3.54 -2.32
N ALA A 87 5.96 -3.57 -1.36
CA ALA A 87 5.39 -2.45 -0.66
C ALA A 87 6.43 -1.74 0.19
N HIS A 88 7.65 -2.23 0.25
CA HIS A 88 8.72 -1.58 0.95
C HIS A 88 9.63 -0.90 -0.05
N ASN A 89 9.53 -1.23 -1.32
CA ASN A 89 10.35 -0.69 -2.38
C ASN A 89 9.46 0.08 -3.34
N LEU A 90 8.15 -0.15 -3.32
CA LEU A 90 7.16 0.53 -4.10
C LEU A 90 7.01 1.96 -3.61
N PRO A 91 6.80 2.16 -2.30
CA PRO A 91 6.68 3.48 -1.74
C PRO A 91 8.05 4.12 -1.61
N ILE A 92 9.08 3.38 -1.25
CA ILE A 92 10.42 3.93 -1.17
C ILE A 92 10.87 4.47 -2.52
N GLU A 93 10.64 3.72 -3.59
CA GLU A 93 11.00 4.16 -4.93
C GLU A 93 10.20 5.39 -5.35
N CYS A 94 9.07 5.63 -4.68
CA CYS A 94 8.30 6.83 -4.88
C CYS A 94 8.73 7.95 -3.94
N ASN A 95 9.57 7.65 -2.94
CA ASN A 95 10.07 8.57 -1.93
C ASN A 95 9.02 8.74 -0.81
N LEU A 96 8.18 7.74 -0.62
CA LEU A 96 7.11 7.84 0.36
C LEU A 96 7.74 7.48 1.68
N MET A 97 8.33 6.30 1.78
CA MET A 97 8.96 5.84 3.00
C MET A 97 10.41 5.51 2.82
N SER A 98 11.07 6.13 1.83
CA SER A 98 12.45 5.87 1.48
C SER A 98 13.31 5.60 2.72
N GLN A 99 13.55 6.62 3.51
CA GLN A 99 14.19 6.48 4.81
C GLN A 99 13.83 7.66 5.71
N PRO A 100 12.53 7.93 5.90
CA PRO A 100 12.10 9.03 6.73
C PRO A 100 12.30 8.70 8.20
N CYS A 101 11.55 7.72 8.71
CA CYS A 101 11.69 7.28 10.08
C CYS A 101 13.02 6.54 10.26
N GLN A 102 13.23 6.02 11.47
CA GLN A 102 14.43 5.27 11.78
C GLN A 102 14.08 3.88 12.28
N MET A 103 15.11 3.11 12.64
CA MET A 103 14.93 1.79 13.22
C MET A 103 13.81 1.74 14.30
N PRO A 1 11.53 6.26 21.49
CA PRO A 1 11.59 4.76 21.63
C PRO A 1 10.62 4.20 22.66
N TYR A 2 9.33 4.38 22.40
CA TYR A 2 8.28 3.96 23.30
C TYR A 2 7.02 3.55 22.55
N GLY A 3 6.04 3.02 23.26
CA GLY A 3 4.78 2.61 22.67
C GLY A 3 4.04 1.68 23.59
N ARG A 4 3.08 2.22 24.36
CA ARG A 4 2.26 1.44 25.28
C ARG A 4 0.87 1.25 24.70
N GLY A 5 0.61 0.06 24.14
CA GLY A 5 -0.68 -0.22 23.55
C GLY A 5 -0.95 0.66 22.33
N ARG A 6 -2.15 0.51 21.77
CA ARG A 6 -2.58 1.32 20.64
C ARG A 6 -3.39 2.52 21.09
N THR A 7 -3.68 3.39 20.14
CA THR A 7 -4.41 4.62 20.40
C THR A 7 -5.41 4.87 19.30
N GLU A 8 -5.94 6.09 19.22
CA GLU A 8 -6.89 6.47 18.19
C GLU A 8 -6.33 6.25 16.78
N SER A 9 -7.09 6.64 15.78
CA SER A 9 -6.66 6.54 14.40
C SER A 9 -6.08 7.86 13.90
N GLY A 10 -5.74 7.90 12.61
CA GLY A 10 -5.24 9.11 11.98
C GLY A 10 -4.83 8.85 10.55
N CYS A 11 -3.56 8.48 10.36
CA CYS A 11 -3.04 8.21 9.06
C CYS A 11 -3.77 7.04 8.45
N TYR A 12 -3.92 5.94 9.17
CA TYR A 12 -4.70 4.79 8.76
C TYR A 12 -6.05 5.21 8.17
N GLN A 13 -6.69 6.20 8.77
CA GLN A 13 -7.94 6.71 8.27
C GLN A 13 -7.77 7.48 6.97
N GLN A 14 -6.72 8.27 6.85
CA GLN A 14 -6.39 8.96 5.62
C GLN A 14 -5.91 8.00 4.52
N MET A 15 -5.47 6.81 4.90
CA MET A 15 -4.93 5.84 4.01
C MET A 15 -6.05 5.24 3.21
N GLU A 16 -7.01 4.64 3.89
CA GLU A 16 -8.12 3.95 3.25
C GLU A 16 -8.96 4.95 2.49
N GLU A 17 -9.23 6.10 3.13
CA GLU A 17 -9.97 7.18 2.49
C GLU A 17 -9.28 7.69 1.24
N ALA A 18 -7.97 7.47 1.15
CA ALA A 18 -7.19 7.82 0.00
C ALA A 18 -6.47 6.64 -0.56
N GLU A 19 -7.09 5.45 -0.55
CA GLU A 19 -6.57 4.18 -1.04
C GLU A 19 -5.53 4.37 -2.14
N MET A 20 -4.27 4.52 -1.70
CA MET A 20 -3.21 4.93 -2.58
C MET A 20 -2.37 3.71 -2.79
N LEU A 21 -2.29 2.82 -1.81
CA LEU A 21 -1.52 1.62 -1.87
C LEU A 21 -2.44 0.46 -2.22
N ASN A 22 -3.66 0.78 -2.65
CA ASN A 22 -4.62 -0.21 -3.09
C ASN A 22 -4.41 -0.49 -4.57
N HIS A 23 -3.92 0.51 -5.32
CA HIS A 23 -3.75 0.37 -6.74
C HIS A 23 -2.46 -0.38 -7.00
N CYS A 24 -1.34 0.15 -6.50
CA CYS A 24 -0.07 -0.53 -6.62
C CYS A 24 -0.15 -1.91 -5.99
N GLY A 25 -1.07 -2.14 -5.06
CA GLY A 25 -1.31 -3.41 -4.42
C GLY A 25 -1.84 -4.43 -5.38
N MET A 26 -2.90 -4.13 -6.12
CA MET A 26 -3.49 -5.05 -7.08
C MET A 26 -2.45 -5.59 -8.05
N TYR A 27 -1.52 -4.74 -8.48
CA TYR A 27 -0.41 -5.15 -9.33
C TYR A 27 0.43 -6.27 -8.71
N LEU A 28 0.60 -6.24 -7.40
CA LEU A 28 1.35 -7.21 -6.65
C LEU A 28 0.44 -8.35 -6.24
N MET A 29 -0.87 -8.09 -6.11
CA MET A 29 -1.90 -9.04 -5.79
C MET A 29 -2.49 -9.70 -7.03
N LYS A 30 -1.91 -9.43 -8.20
CA LYS A 30 -2.38 -9.96 -9.46
C LYS A 30 -1.86 -11.36 -9.62
N ASN A 31 -0.71 -11.65 -9.00
CA ASN A 31 -0.16 -12.99 -8.98
C ASN A 31 -0.46 -13.70 -7.67
N LEU A 32 -1.01 -12.98 -6.70
CA LEU A 32 -1.38 -13.56 -5.43
C LEU A 32 -2.78 -14.18 -5.50
N GLY A 33 -3.54 -13.89 -6.56
CA GLY A 33 -4.89 -14.37 -6.74
C GLY A 33 -5.92 -13.28 -6.54
N GLU A 34 -6.48 -12.77 -7.62
CA GLU A 34 -7.50 -11.71 -7.56
C GLU A 34 -8.70 -12.10 -8.41
N ARG A 35 -9.37 -13.19 -8.03
CA ARG A 35 -10.56 -13.63 -8.74
C ARG A 35 -11.74 -12.72 -8.44
N SER A 36 -12.80 -12.85 -9.23
CA SER A 36 -14.02 -12.08 -9.04
C SER A 36 -14.99 -12.36 -10.19
N GLN A 37 -16.13 -12.95 -9.86
CA GLN A 37 -17.15 -13.26 -10.85
C GLN A 37 -18.15 -12.11 -10.97
N VAL A 38 -18.13 -11.40 -12.09
CA VAL A 38 -19.03 -10.29 -12.31
C VAL A 38 -18.86 -9.81 -13.73
N SER A 39 -19.94 -9.35 -14.35
CA SER A 39 -19.94 -8.86 -15.72
C SER A 39 -18.68 -8.03 -15.99
N PRO A 40 -17.81 -8.51 -16.89
CA PRO A 40 -16.55 -7.85 -17.21
C PRO A 40 -16.81 -6.60 -18.06
N ARG A 41 -17.65 -5.69 -17.56
CA ARG A 41 -17.98 -4.47 -18.24
C ARG A 41 -18.58 -3.45 -17.31
N MET A 42 -17.73 -2.66 -16.66
CA MET A 42 -18.20 -1.67 -15.70
C MET A 42 -17.31 -0.45 -15.72
N ARG A 43 -16.06 -0.63 -15.28
CA ARG A 43 -15.07 0.42 -15.26
C ARG A 43 -13.68 -0.17 -15.35
N GLU A 44 -12.78 0.54 -16.01
CA GLU A 44 -11.40 0.11 -16.13
C GLU A 44 -10.46 1.28 -15.82
N GLU A 45 -9.41 1.00 -15.07
CA GLU A 45 -8.43 2.03 -14.74
C GLU A 45 -7.08 1.38 -14.53
N ASP A 46 -6.29 1.31 -15.61
CA ASP A 46 -4.93 0.82 -15.56
C ASP A 46 -4.15 1.41 -14.39
N HIS A 47 -3.22 0.66 -13.84
CA HIS A 47 -2.44 1.12 -12.69
C HIS A 47 -1.08 1.49 -13.21
N LYS A 48 -0.27 2.15 -12.36
CA LYS A 48 1.10 2.60 -12.68
C LYS A 48 1.57 3.63 -11.70
N GLN A 49 0.98 4.81 -11.75
CA GLN A 49 1.30 5.90 -10.83
C GLN A 49 0.05 6.35 -10.09
N LEU A 50 -1.03 5.55 -10.14
CA LEU A 50 -2.24 5.85 -9.42
C LEU A 50 -2.04 5.68 -7.92
N CYS A 51 -0.97 4.98 -7.53
CA CYS A 51 -0.60 4.80 -6.15
C CYS A 51 0.29 5.93 -5.71
N CYS A 52 1.37 6.22 -6.45
CA CYS A 52 2.27 7.31 -6.18
C CYS A 52 1.53 8.65 -6.25
N MET A 53 0.32 8.65 -6.84
CA MET A 53 -0.52 9.80 -6.98
C MET A 53 -1.05 10.24 -5.63
N GLN A 54 -2.06 9.53 -5.11
CA GLN A 54 -2.65 9.86 -3.82
C GLN A 54 -1.62 9.71 -2.71
N LEU A 55 -0.50 9.03 -2.98
CA LEU A 55 0.58 8.93 -2.05
C LEU A 55 1.24 10.27 -1.80
N LYS A 56 1.31 11.15 -2.80
CA LYS A 56 1.77 12.52 -2.62
C LYS A 56 0.75 13.38 -1.86
N ASN A 57 -0.44 12.84 -1.61
CA ASN A 57 -1.44 13.50 -0.82
C ASN A 57 -1.37 13.10 0.65
N LEU A 58 -0.68 11.99 0.95
CA LEU A 58 -0.51 11.54 2.31
C LEU A 58 0.39 12.49 3.09
N ASP A 59 0.77 12.08 4.29
CA ASP A 59 1.65 12.88 5.11
C ASP A 59 3.07 12.36 4.99
N GLU A 60 4.04 13.26 4.93
CA GLU A 60 5.45 12.88 4.85
C GLU A 60 5.91 12.21 6.15
N LYS A 61 5.10 12.34 7.21
CA LYS A 61 5.34 11.69 8.47
C LYS A 61 4.48 10.44 8.64
N CYS A 62 3.47 10.25 7.80
CA CYS A 62 2.67 9.05 7.75
C CYS A 62 3.08 8.16 6.57
N MET A 63 4.00 8.61 5.73
CA MET A 63 4.44 7.89 4.58
C MET A 63 5.57 6.98 5.00
N CYS A 64 5.30 5.97 5.81
CA CYS A 64 6.30 5.06 6.33
C CYS A 64 5.66 4.21 7.41
N PRO A 65 5.13 4.85 8.47
CA PRO A 65 4.50 4.15 9.55
C PRO A 65 3.12 3.69 9.17
N ALA A 66 2.43 4.47 8.34
CA ALA A 66 1.13 4.14 7.86
C ALA A 66 1.23 2.99 6.89
N ILE A 67 2.10 3.06 5.88
CA ILE A 67 2.29 2.00 4.90
C ILE A 67 2.23 0.63 5.58
N MET A 68 2.83 0.49 6.76
CA MET A 68 2.70 -0.71 7.55
C MET A 68 1.26 -1.17 7.72
N MET A 69 0.45 -0.38 8.43
CA MET A 69 -0.94 -0.65 8.64
C MET A 69 -1.71 -0.80 7.35
N MET A 70 -1.27 -0.13 6.29
CA MET A 70 -1.89 -0.22 5.00
C MET A 70 -1.91 -1.66 4.55
N LEU A 71 -0.85 -2.41 4.84
CA LEU A 71 -0.74 -3.79 4.44
C LEU A 71 -1.17 -4.70 5.58
N ASN A 72 -1.82 -4.13 6.58
CA ASN A 72 -2.38 -4.85 7.70
C ASN A 72 -3.89 -4.73 7.75
N GLU A 73 -4.47 -3.97 6.82
CA GLU A 73 -5.89 -3.77 6.77
C GLU A 73 -6.60 -5.07 6.42
N PRO A 74 -7.95 -5.04 6.39
CA PRO A 74 -8.76 -6.15 5.92
C PRO A 74 -8.67 -6.39 4.42
N MET A 75 -7.46 -6.40 3.88
CA MET A 75 -7.23 -6.60 2.48
C MET A 75 -5.78 -6.87 2.23
N TRP A 76 -5.03 -7.41 3.21
CA TRP A 76 -3.63 -7.72 3.09
C TRP A 76 -3.21 -8.71 4.17
N ILE A 77 -3.28 -10.01 3.86
CA ILE A 77 -3.04 -11.06 4.85
C ILE A 77 -1.94 -11.96 4.37
N ARG A 78 -2.12 -13.27 4.41
CA ARG A 78 -1.19 -14.23 3.85
C ARG A 78 -0.89 -13.97 2.38
N MET A 79 -1.78 -13.26 1.70
CA MET A 79 -1.60 -12.85 0.34
C MET A 79 -0.68 -11.67 0.26
N ARG A 80 -0.65 -10.78 1.24
CA ARG A 80 0.26 -9.68 1.29
C ARG A 80 1.70 -10.15 1.29
N ASP A 81 2.00 -11.42 1.52
CA ASP A 81 3.35 -11.95 1.52
C ASP A 81 4.21 -11.33 0.42
N GLN A 82 3.75 -11.38 -0.83
CA GLN A 82 4.50 -10.87 -1.94
C GLN A 82 4.59 -9.39 -1.88
N VAL A 83 3.48 -8.70 -2.11
CA VAL A 83 3.31 -7.26 -1.95
C VAL A 83 4.18 -6.75 -0.81
N MET A 84 4.27 -7.44 0.32
CA MET A 84 5.10 -7.14 1.44
C MET A 84 6.47 -6.69 1.02
N SER A 85 7.21 -7.54 0.30
CA SER A 85 8.50 -7.22 -0.26
C SER A 85 8.37 -6.50 -1.59
N MET A 86 7.38 -5.60 -1.72
CA MET A 86 7.14 -4.83 -2.90
C MET A 86 6.60 -3.46 -2.60
N ALA A 87 5.66 -3.34 -1.68
CA ALA A 87 5.11 -2.11 -1.21
C ALA A 87 6.05 -1.47 -0.19
N HIS A 88 7.24 -2.02 0.01
CA HIS A 88 8.25 -1.46 0.87
C HIS A 88 9.28 -0.72 0.06
N ASN A 89 9.41 -1.03 -1.24
CA ASN A 89 10.30 -0.34 -2.14
C ASN A 89 9.54 0.49 -3.15
N LEU A 90 8.26 0.18 -3.38
CA LEU A 90 7.39 0.96 -4.22
C LEU A 90 7.21 2.38 -3.69
N PRO A 91 6.90 2.55 -2.40
CA PRO A 91 6.77 3.85 -1.79
C PRO A 91 8.11 4.50 -1.54
N ILE A 92 9.14 3.71 -1.25
CA ILE A 92 10.47 4.23 -1.06
C ILE A 92 11.01 4.82 -2.34
N GLU A 93 10.83 4.14 -3.47
CA GLU A 93 11.27 4.64 -4.77
C GLU A 93 10.53 5.91 -5.15
N CYS A 94 9.39 6.17 -4.50
CA CYS A 94 8.68 7.41 -4.66
C CYS A 94 9.13 8.46 -3.67
N ASN A 95 9.90 8.09 -2.64
CA ASN A 95 10.42 8.94 -1.59
C ASN A 95 9.35 9.12 -0.52
N LEU A 96 8.44 8.17 -0.40
CA LEU A 96 7.34 8.28 0.53
C LEU A 96 7.86 7.83 1.87
N MET A 97 8.35 6.59 1.92
CA MET A 97 8.89 5.99 3.12
C MET A 97 10.33 5.62 3.01
N SER A 98 11.05 6.25 2.06
CA SER A 98 12.45 5.98 1.79
C SER A 98 13.25 5.65 3.05
N GLN A 99 13.47 6.64 3.89
CA GLN A 99 14.02 6.43 5.20
C GLN A 99 13.64 7.58 6.15
N PRO A 100 12.34 7.87 6.27
CA PRO A 100 11.89 8.96 7.13
C PRO A 100 12.00 8.56 8.59
N CYS A 101 11.26 7.54 9.01
CA CYS A 101 11.30 7.06 10.36
C CYS A 101 12.61 6.33 10.60
N GLN A 102 13.44 6.88 11.47
CA GLN A 102 14.73 6.28 11.81
C GLN A 102 14.83 6.06 13.31
N MET A 103 15.98 5.56 13.75
CA MET A 103 16.28 5.32 15.14
C MET A 103 17.69 5.78 15.53
N PRO A 1 -18.91 24.71 8.96
CA PRO A 1 -19.96 23.73 8.55
C PRO A 1 -20.02 22.41 9.33
N TYR A 2 -19.67 22.43 10.61
CA TYR A 2 -19.56 21.24 11.46
C TYR A 2 -19.54 21.69 12.94
N GLY A 3 -19.52 20.72 13.85
CA GLY A 3 -19.40 20.94 15.30
C GLY A 3 -17.94 20.95 15.76
N ARG A 4 -17.70 21.23 17.04
CA ARG A 4 -16.34 21.22 17.61
C ARG A 4 -16.26 20.23 18.76
N GLY A 5 -15.08 19.66 18.97
CA GLY A 5 -14.88 18.73 20.09
C GLY A 5 -13.80 17.71 19.80
N ARG A 6 -14.15 16.69 19.00
CA ARG A 6 -13.20 15.71 18.42
C ARG A 6 -12.05 16.39 17.69
N THR A 7 -11.01 15.58 17.52
CA THR A 7 -9.74 15.94 16.90
C THR A 7 -9.75 15.50 15.44
N GLU A 8 -8.60 15.62 14.80
CA GLU A 8 -8.41 15.23 13.41
C GLU A 8 -8.24 13.71 13.31
N SER A 9 -8.47 13.17 12.12
CA SER A 9 -8.24 11.77 11.82
C SER A 9 -6.75 11.40 11.88
N GLY A 10 -6.45 10.11 12.08
CA GLY A 10 -5.07 9.60 12.11
C GLY A 10 -4.58 9.23 10.72
N CYS A 11 -3.26 9.18 10.46
CA CYS A 11 -2.71 8.79 9.15
C CYS A 11 -3.35 7.50 8.59
N TYR A 12 -3.55 6.50 9.45
CA TYR A 12 -4.30 5.24 9.23
C TYR A 12 -5.74 5.38 8.77
N GLN A 13 -6.36 6.47 9.16
CA GLN A 13 -7.66 6.88 8.64
C GLN A 13 -7.60 7.69 7.35
N GLN A 14 -6.53 8.43 7.08
CA GLN A 14 -6.37 9.15 5.78
C GLN A 14 -6.01 8.20 4.65
N MET A 15 -5.11 7.26 4.92
CA MET A 15 -4.79 6.19 3.97
C MET A 15 -5.99 5.38 3.51
N GLU A 16 -6.69 4.70 4.42
CA GLU A 16 -7.89 3.93 4.04
C GLU A 16 -8.90 4.77 3.24
N GLU A 17 -9.10 6.01 3.69
CA GLU A 17 -10.00 6.99 3.07
C GLU A 17 -9.58 7.29 1.63
N ALA A 18 -8.27 7.33 1.41
CA ALA A 18 -7.62 7.67 0.15
C ALA A 18 -6.79 6.49 -0.39
N GLU A 19 -7.32 5.25 -0.25
CA GLU A 19 -6.74 3.95 -0.64
C GLU A 19 -5.75 4.05 -1.83
N MET A 20 -4.54 4.48 -1.48
CA MET A 20 -3.50 4.84 -2.47
C MET A 20 -2.65 3.63 -2.77
N LEU A 21 -2.39 2.85 -1.73
CA LEU A 21 -1.60 1.65 -1.75
C LEU A 21 -2.42 0.39 -2.11
N ASN A 22 -3.66 0.62 -2.53
CA ASN A 22 -4.57 -0.39 -3.09
C ASN A 22 -4.32 -0.63 -4.57
N HIS A 23 -4.14 0.45 -5.33
CA HIS A 23 -3.90 0.42 -6.77
C HIS A 23 -2.58 -0.29 -7.03
N CYS A 24 -1.47 0.28 -6.58
CA CYS A 24 -0.18 -0.43 -6.66
C CYS A 24 -0.25 -1.82 -6.06
N GLY A 25 -1.05 -2.00 -5.01
CA GLY A 25 -1.30 -3.31 -4.40
C GLY A 25 -1.91 -4.30 -5.40
N MET A 26 -2.99 -3.97 -6.10
CA MET A 26 -3.67 -4.83 -7.10
C MET A 26 -2.74 -5.32 -8.21
N TYR A 27 -1.80 -4.47 -8.66
CA TYR A 27 -0.73 -4.85 -9.59
C TYR A 27 0.12 -6.01 -9.09
N LEU A 28 0.37 -6.06 -7.78
CA LEU A 28 1.13 -7.13 -7.10
C LEU A 28 0.18 -8.33 -6.84
N MET A 29 -1.08 -8.04 -6.52
CA MET A 29 -2.16 -9.04 -6.31
C MET A 29 -2.60 -9.71 -7.61
N LYS A 30 -1.98 -9.38 -8.73
CA LYS A 30 -2.28 -10.01 -10.04
C LYS A 30 -1.59 -11.35 -10.23
N ASN A 31 -0.55 -11.59 -9.45
CA ASN A 31 0.22 -12.85 -9.41
C ASN A 31 0.32 -13.47 -8.02
N LEU A 32 -0.30 -12.84 -7.03
CA LEU A 32 -0.32 -13.30 -5.64
C LEU A 32 -1.71 -13.90 -5.29
N GLY A 33 -2.70 -13.75 -6.17
CA GLY A 33 -4.10 -14.13 -5.93
C GLY A 33 -5.02 -13.71 -7.06
N GLU A 34 -5.21 -14.58 -8.04
CA GLU A 34 -6.05 -14.37 -9.22
C GLU A 34 -7.07 -15.50 -9.32
N ARG A 35 -7.86 -15.67 -8.24
CA ARG A 35 -8.92 -16.69 -8.27
C ARG A 35 -10.01 -16.29 -9.27
N SER A 36 -10.79 -17.28 -9.71
CA SER A 36 -12.00 -17.04 -10.51
C SER A 36 -12.91 -16.00 -9.87
N GLN A 37 -13.55 -15.21 -10.72
CA GLN A 37 -14.45 -14.13 -10.32
C GLN A 37 -15.73 -14.19 -11.15
N VAL A 38 -16.72 -13.42 -10.72
CA VAL A 38 -17.98 -13.25 -11.44
C VAL A 38 -17.79 -12.42 -12.72
N SER A 39 -18.84 -12.33 -13.54
CA SER A 39 -18.82 -11.51 -14.76
C SER A 39 -18.54 -10.02 -14.43
N PRO A 40 -17.38 -9.45 -14.80
CA PRO A 40 -17.07 -8.05 -14.54
C PRO A 40 -17.92 -7.22 -15.50
N ARG A 41 -19.10 -6.80 -15.04
CA ARG A 41 -20.05 -5.97 -15.80
C ARG A 41 -19.34 -4.88 -16.58
N MET A 42 -18.71 -3.97 -15.86
CA MET A 42 -17.97 -2.81 -16.37
C MET A 42 -16.95 -2.40 -15.31
N ARG A 43 -15.67 -2.46 -15.66
CA ARG A 43 -14.52 -2.07 -14.84
C ARG A 43 -13.21 -2.31 -15.60
N GLU A 44 -12.25 -1.43 -15.42
CA GLU A 44 -10.98 -1.47 -16.10
C GLU A 44 -10.18 -0.30 -15.55
N GLU A 45 -8.86 -0.43 -15.55
CA GLU A 45 -7.85 0.54 -15.08
C GLU A 45 -6.54 -0.16 -14.72
N ASP A 46 -5.46 0.60 -14.77
CA ASP A 46 -4.08 0.17 -14.46
C ASP A 46 -3.59 0.81 -13.18
N HIS A 47 -2.46 0.32 -12.66
CA HIS A 47 -1.91 0.85 -11.41
C HIS A 47 -0.41 0.99 -11.54
N LYS A 48 0.07 2.20 -11.26
CA LYS A 48 1.48 2.59 -11.32
C LYS A 48 1.74 3.98 -10.76
N GLN A 49 0.92 4.93 -11.22
CA GLN A 49 0.92 6.30 -10.73
C GLN A 49 -0.30 6.61 -9.88
N LEU A 50 -1.43 5.92 -10.04
CA LEU A 50 -2.59 6.11 -9.15
C LEU A 50 -2.32 5.74 -7.71
N CYS A 51 -1.29 4.93 -7.47
CA CYS A 51 -0.76 4.73 -6.13
C CYS A 51 0.14 5.88 -5.69
N CYS A 52 1.18 6.17 -6.47
CA CYS A 52 2.15 7.25 -6.21
C CYS A 52 1.51 8.65 -6.33
N MET A 53 0.23 8.72 -6.69
CA MET A 53 -0.58 9.92 -6.89
C MET A 53 -1.02 10.44 -5.53
N GLN A 54 -2.03 9.79 -4.97
CA GLN A 54 -2.54 10.17 -3.65
C GLN A 54 -1.57 9.82 -2.53
N LEU A 55 -0.54 9.03 -2.82
CA LEU A 55 0.56 8.84 -1.90
C LEU A 55 1.25 10.15 -1.51
N LYS A 56 1.32 11.13 -2.41
CA LYS A 56 1.84 12.48 -2.09
C LYS A 56 0.79 13.41 -1.45
N ASN A 57 -0.49 13.04 -1.49
CA ASN A 57 -1.57 13.70 -0.70
C ASN A 57 -1.49 13.37 0.79
N LEU A 58 -0.84 12.26 1.16
CA LEU A 58 -0.59 11.91 2.55
C LEU A 58 0.60 12.67 3.11
N ASP A 59 0.71 12.68 4.43
CA ASP A 59 1.83 13.36 5.09
C ASP A 59 3.10 12.52 4.95
N GLU A 60 4.28 13.14 4.78
CA GLU A 60 5.56 12.41 4.68
C GLU A 60 5.86 11.52 5.88
N LYS A 61 5.54 12.01 7.07
CA LYS A 61 5.61 11.19 8.28
C LYS A 61 4.63 10.02 8.29
N CYS A 62 3.49 10.10 7.60
CA CYS A 62 2.52 9.01 7.36
C CYS A 62 3.04 8.08 6.24
N MET A 63 4.01 8.48 5.41
CA MET A 63 4.59 7.66 4.34
C MET A 63 5.69 6.73 4.88
N CYS A 64 5.31 5.74 5.66
CA CYS A 64 6.17 4.76 6.38
C CYS A 64 5.36 4.02 7.44
N PRO A 65 4.87 4.73 8.48
CA PRO A 65 4.08 4.14 9.54
C PRO A 65 2.66 3.80 9.05
N ALA A 66 2.10 4.59 8.12
CA ALA A 66 0.81 4.25 7.51
C ALA A 66 0.96 3.01 6.62
N ILE A 67 1.92 2.99 5.69
CA ILE A 67 2.18 1.82 4.82
C ILE A 67 2.04 0.50 5.56
N MET A 68 2.75 0.34 6.69
CA MET A 68 2.57 -0.83 7.57
C MET A 68 1.11 -1.23 7.71
N MET A 69 0.28 -0.34 8.23
CA MET A 69 -1.14 -0.59 8.35
C MET A 69 -1.88 -0.81 7.03
N MET A 70 -1.53 -0.10 5.96
CA MET A 70 -2.10 -0.30 4.60
C MET A 70 -1.97 -1.76 4.19
N LEU A 71 -0.92 -2.46 4.64
CA LEU A 71 -0.73 -3.88 4.31
C LEU A 71 -1.24 -4.83 5.40
N ASN A 72 -2.10 -4.33 6.29
CA ASN A 72 -2.66 -5.01 7.47
C ASN A 72 -4.19 -4.86 7.54
N GLU A 73 -4.80 -4.31 6.50
CA GLU A 73 -6.24 -4.03 6.39
C GLU A 73 -7.00 -5.30 5.94
N PRO A 74 -8.34 -5.31 5.84
CA PRO A 74 -9.14 -6.43 5.32
C PRO A 74 -8.90 -6.77 3.84
N MET A 75 -7.78 -6.34 3.27
CA MET A 75 -7.36 -6.58 1.88
C MET A 75 -5.87 -6.87 1.75
N TRP A 76 -5.16 -7.13 2.86
CA TRP A 76 -3.73 -7.36 2.89
C TRP A 76 -3.42 -8.19 4.13
N ILE A 77 -3.64 -9.52 4.05
CA ILE A 77 -3.44 -10.44 5.23
C ILE A 77 -2.24 -11.36 5.06
N ARG A 78 -2.48 -12.48 4.34
CA ARG A 78 -1.43 -13.44 3.97
C ARG A 78 -0.92 -13.29 2.57
N MET A 79 -1.82 -13.06 1.65
CA MET A 79 -1.48 -12.59 0.31
C MET A 79 -0.60 -11.33 0.32
N ARG A 80 -0.70 -10.48 1.36
CA ARG A 80 0.22 -9.35 1.49
C ARG A 80 1.62 -9.69 1.93
N ASP A 81 1.86 -10.89 2.46
CA ASP A 81 3.22 -11.29 2.87
C ASP A 81 4.26 -11.12 1.75
N GLN A 82 3.75 -11.24 0.53
CA GLN A 82 4.50 -11.12 -0.69
C GLN A 82 4.45 -9.67 -1.22
N VAL A 83 3.28 -9.03 -1.11
CA VAL A 83 3.09 -7.62 -1.54
C VAL A 83 3.84 -6.67 -0.59
N MET A 84 4.21 -7.14 0.60
CA MET A 84 4.96 -6.44 1.64
C MET A 84 6.36 -6.14 1.16
N SER A 85 7.03 -7.15 0.58
CA SER A 85 8.33 -6.99 -0.10
C SER A 85 8.23 -6.40 -1.50
N MET A 86 7.04 -5.94 -1.90
CA MET A 86 6.80 -5.25 -3.17
C MET A 86 6.46 -3.77 -2.96
N ALA A 87 5.49 -3.50 -2.10
CA ALA A 87 5.12 -2.19 -1.61
C ALA A 87 6.09 -1.66 -0.53
N HIS A 88 7.32 -2.16 -0.50
CA HIS A 88 8.42 -1.60 0.30
C HIS A 88 9.42 -0.79 -0.52
N ASN A 89 9.50 -1.01 -1.83
CA ASN A 89 10.35 -0.31 -2.80
C ASN A 89 9.51 0.55 -3.71
N LEU A 90 8.27 0.19 -3.99
CA LEU A 90 7.33 1.07 -4.71
C LEU A 90 7.15 2.43 -4.02
N PRO A 91 6.86 2.50 -2.71
CA PRO A 91 6.78 3.78 -2.04
C PRO A 91 8.16 4.40 -1.80
N ILE A 92 9.19 3.60 -1.52
CA ILE A 92 10.56 4.14 -1.39
C ILE A 92 11.06 4.81 -2.66
N GLU A 93 10.82 4.21 -3.83
CA GLU A 93 11.18 4.72 -5.16
C GLU A 93 10.47 6.04 -5.50
N CYS A 94 9.35 6.31 -4.83
CA CYS A 94 8.69 7.61 -4.89
C CYS A 94 9.12 8.59 -3.77
N ASN A 95 9.96 8.14 -2.82
CA ASN A 95 10.48 8.87 -1.65
C ASN A 95 9.46 8.95 -0.51
N LEU A 96 8.49 8.04 -0.52
CA LEU A 96 7.41 8.06 0.47
C LEU A 96 8.03 7.62 1.80
N MET A 97 8.46 6.36 1.80
CA MET A 97 9.02 5.67 2.96
C MET A 97 10.52 5.39 2.89
N SER A 98 11.24 6.12 2.03
CA SER A 98 12.67 5.88 1.67
C SER A 98 13.52 5.44 2.85
N GLN A 99 13.65 6.37 3.78
CA GLN A 99 14.21 6.09 5.08
C GLN A 99 13.80 7.18 6.09
N PRO A 100 12.49 7.44 6.29
CA PRO A 100 12.02 8.47 7.20
C PRO A 100 12.14 7.98 8.65
N CYS A 101 11.31 7.00 9.01
CA CYS A 101 11.33 6.42 10.35
C CYS A 101 12.54 5.48 10.50
N GLN A 102 13.41 5.74 11.47
CA GLN A 102 14.62 4.97 11.74
C GLN A 102 14.53 4.42 13.17
N MET A 103 15.60 3.71 13.55
CA MET A 103 15.84 3.22 14.91
C MET A 103 15.77 4.30 15.98
N PRO A 1 8.03 -6.28 13.20
CA PRO A 1 8.83 -5.28 12.42
C PRO A 1 8.29 -3.86 12.49
N TYR A 2 8.16 -3.32 13.70
CA TYR A 2 7.55 -2.02 13.96
C TYR A 2 8.36 -1.23 14.98
N GLY A 3 9.68 -1.31 14.88
CA GLY A 3 10.61 -0.66 15.81
C GLY A 3 10.11 -0.80 17.25
N ARG A 4 10.05 0.33 17.96
CA ARG A 4 9.51 0.39 19.32
C ARG A 4 8.72 1.66 19.56
N GLY A 5 7.43 1.59 19.35
CA GLY A 5 6.56 2.74 19.55
C GLY A 5 5.14 2.43 19.11
N ARG A 6 4.24 3.38 19.32
CA ARG A 6 2.84 3.24 18.92
C ARG A 6 2.29 4.58 18.48
N THR A 7 1.26 4.52 17.65
CA THR A 7 0.66 5.71 17.07
C THR A 7 -0.85 5.53 17.05
N GLU A 8 -1.57 6.54 17.55
CA GLU A 8 -3.02 6.51 17.55
C GLU A 8 -3.58 6.70 16.15
N SER A 9 -4.91 6.74 16.06
CA SER A 9 -5.60 6.96 14.81
C SER A 9 -5.13 8.27 14.16
N GLY A 10 -5.34 8.39 12.86
CA GLY A 10 -4.94 9.59 12.14
C GLY A 10 -4.46 9.18 10.76
N CYS A 11 -3.17 8.87 10.60
CA CYS A 11 -2.59 8.48 9.30
C CYS A 11 -3.47 7.51 8.54
N TYR A 12 -3.44 6.24 8.93
CA TYR A 12 -4.35 5.23 8.42
C TYR A 12 -5.77 5.73 8.19
N GLN A 13 -6.31 6.47 9.15
CA GLN A 13 -7.65 7.06 9.02
C GLN A 13 -7.83 7.82 7.70
N GLN A 14 -6.87 8.70 7.37
CA GLN A 14 -6.91 9.40 6.09
C GLN A 14 -6.40 8.54 4.92
N MET A 15 -5.68 7.46 5.26
CA MET A 15 -5.11 6.53 4.31
C MET A 15 -6.18 5.64 3.72
N GLU A 16 -7.03 5.04 4.56
CA GLU A 16 -8.15 4.22 4.12
C GLU A 16 -9.03 4.98 3.15
N GLU A 17 -9.26 6.27 3.45
CA GLU A 17 -10.11 7.13 2.65
C GLU A 17 -9.45 7.42 1.30
N ALA A 18 -8.13 7.28 1.26
CA ALA A 18 -7.34 7.46 0.06
C ALA A 18 -6.52 6.21 -0.25
N GLU A 19 -7.11 5.01 -0.06
CA GLU A 19 -6.45 3.72 -0.18
C GLU A 19 -5.48 3.74 -1.37
N MET A 20 -4.26 4.14 -1.09
CA MET A 20 -3.29 4.36 -2.14
C MET A 20 -2.67 3.03 -2.53
N LEU A 21 -2.62 2.12 -1.57
CA LEU A 21 -2.16 0.77 -1.76
C LEU A 21 -3.28 -0.12 -2.26
N ASN A 22 -4.39 0.48 -2.71
CA ASN A 22 -5.47 -0.26 -3.32
C ASN A 22 -5.19 -0.52 -4.81
N HIS A 23 -4.33 0.31 -5.39
CA HIS A 23 -4.06 0.27 -6.81
C HIS A 23 -2.75 -0.43 -6.98
N CYS A 24 -1.69 0.10 -6.36
CA CYS A 24 -0.39 -0.55 -6.39
C CYS A 24 -0.47 -1.98 -5.86
N GLY A 25 -1.53 -2.31 -5.12
CA GLY A 25 -1.80 -3.64 -4.64
C GLY A 25 -2.03 -4.63 -5.75
N MET A 26 -3.08 -4.42 -6.57
CA MET A 26 -3.40 -5.30 -7.70
C MET A 26 -2.18 -5.71 -8.52
N TYR A 27 -1.35 -4.75 -8.91
CA TYR A 27 -0.09 -5.03 -9.59
C TYR A 27 0.73 -6.15 -8.94
N LEU A 28 0.73 -6.17 -7.62
CA LEU A 28 1.42 -7.16 -6.81
C LEU A 28 0.48 -8.32 -6.47
N MET A 29 -0.84 -8.08 -6.46
CA MET A 29 -1.91 -9.04 -6.24
C MET A 29 -2.35 -9.73 -7.52
N LYS A 30 -1.63 -9.48 -8.62
CA LYS A 30 -1.95 -10.03 -9.92
C LYS A 30 -1.31 -11.40 -10.08
N ASN A 31 -0.30 -11.67 -9.24
CA ASN A 31 0.38 -12.96 -9.16
C ASN A 31 0.07 -13.66 -7.85
N LEU A 32 -0.51 -12.94 -6.89
CA LEU A 32 -0.90 -13.52 -5.62
C LEU A 32 -2.16 -14.37 -5.76
N GLY A 33 -2.92 -14.15 -6.84
CA GLY A 33 -4.14 -14.88 -7.13
C GLY A 33 -5.34 -13.96 -7.08
N GLU A 34 -6.07 -13.89 -8.19
CA GLU A 34 -7.28 -13.06 -8.30
C GLU A 34 -8.27 -13.70 -9.27
N ARG A 35 -8.56 -14.98 -9.04
CA ARG A 35 -9.49 -15.72 -9.88
C ARG A 35 -10.80 -14.95 -10.00
N SER A 36 -11.21 -14.66 -11.23
CA SER A 36 -12.45 -13.95 -11.49
C SER A 36 -13.03 -14.42 -12.81
N GLN A 37 -14.32 -14.16 -13.01
CA GLN A 37 -15.02 -14.53 -14.23
C GLN A 37 -16.26 -13.67 -14.39
N VAL A 38 -16.13 -12.62 -15.18
CA VAL A 38 -17.24 -11.70 -15.45
C VAL A 38 -17.28 -11.41 -16.93
N SER A 39 -18.29 -10.62 -17.37
CA SER A 39 -18.37 -10.16 -18.76
C SER A 39 -17.01 -9.68 -19.29
N PRO A 40 -16.34 -8.74 -18.60
CA PRO A 40 -15.00 -8.30 -18.95
C PRO A 40 -13.93 -9.35 -18.67
N ARG A 41 -12.68 -8.90 -18.72
CA ARG A 41 -11.55 -9.76 -18.41
C ARG A 41 -10.36 -8.93 -18.02
N MET A 42 -9.86 -8.15 -18.98
CA MET A 42 -8.66 -7.36 -18.81
C MET A 42 -8.73 -6.13 -19.71
N ARG A 43 -8.81 -4.95 -19.10
CA ARG A 43 -8.85 -3.69 -19.84
C ARG A 43 -8.73 -2.50 -18.91
N GLU A 44 -7.51 -2.07 -18.67
CA GLU A 44 -7.23 -0.95 -17.76
C GLU A 44 -5.73 -0.68 -17.71
N GLU A 45 -5.37 0.40 -17.03
CA GLU A 45 -3.99 0.77 -16.86
C GLU A 45 -3.35 0.02 -15.69
N ASP A 46 -2.02 -0.04 -15.71
CA ASP A 46 -1.26 -0.65 -14.64
C ASP A 46 -1.42 0.16 -13.35
N HIS A 47 -0.71 -0.28 -12.31
CA HIS A 47 -0.81 0.34 -11.01
C HIS A 47 0.58 0.68 -10.54
N LYS A 48 0.83 1.97 -10.38
CA LYS A 48 2.12 2.51 -9.97
C LYS A 48 2.08 4.02 -9.86
N GLN A 49 1.35 4.65 -10.78
CA GLN A 49 1.13 6.10 -10.73
C GLN A 49 -0.08 6.45 -9.89
N LEU A 50 -1.06 5.54 -9.77
CA LEU A 50 -2.27 5.78 -8.98
C LEU A 50 -1.96 5.72 -7.48
N CYS A 51 -0.99 4.87 -7.11
CA CYS A 51 -0.52 4.81 -5.74
C CYS A 51 0.40 5.99 -5.48
N CYS A 52 1.51 6.13 -6.21
CA CYS A 52 2.42 7.28 -6.06
C CYS A 52 1.66 8.61 -6.10
N MET A 53 0.48 8.62 -6.75
CA MET A 53 -0.42 9.75 -6.77
C MET A 53 -1.01 10.02 -5.38
N GLN A 54 -1.78 9.06 -4.86
CA GLN A 54 -2.41 9.24 -3.55
C GLN A 54 -1.38 9.35 -2.44
N LEU A 55 -0.19 8.77 -2.64
CA LEU A 55 0.88 8.87 -1.70
C LEU A 55 1.21 10.34 -1.42
N LYS A 56 1.32 11.14 -2.47
CA LYS A 56 1.50 12.57 -2.25
C LYS A 56 0.29 13.22 -1.58
N ASN A 57 -0.93 12.77 -1.91
CA ASN A 57 -2.14 13.24 -1.22
C ASN A 57 -2.06 13.00 0.29
N LEU A 58 -1.31 11.97 0.69
CA LEU A 58 -1.12 11.64 2.07
C LEU A 58 -0.19 12.66 2.74
N ASP A 59 0.15 12.39 3.99
CA ASP A 59 0.98 13.31 4.75
C ASP A 59 2.40 12.79 4.69
N GLU A 60 3.39 13.68 4.54
CA GLU A 60 4.79 13.28 4.56
C GLU A 60 5.20 12.58 5.86
N LYS A 61 4.38 12.70 6.90
CA LYS A 61 4.55 12.02 8.18
C LYS A 61 3.71 10.74 8.30
N CYS A 62 2.95 10.43 7.26
CA CYS A 62 2.18 9.20 7.10
C CYS A 62 2.84 8.27 6.10
N MET A 63 3.99 8.65 5.55
CA MET A 63 4.67 7.87 4.51
C MET A 63 5.72 7.00 5.13
N CYS A 64 5.29 5.93 5.81
CA CYS A 64 6.17 5.04 6.59
C CYS A 64 5.33 4.31 7.61
N PRO A 65 4.67 5.05 8.54
CA PRO A 65 3.88 4.44 9.58
C PRO A 65 2.56 3.94 9.02
N ALA A 66 2.04 4.62 8.00
CA ALA A 66 0.81 4.22 7.35
C ALA A 66 1.04 2.94 6.58
N ILE A 67 2.08 2.88 5.74
CA ILE A 67 2.43 1.69 4.94
C ILE A 67 2.28 0.43 5.78
N MET A 68 2.68 0.48 7.05
CA MET A 68 2.44 -0.60 7.98
C MET A 68 0.97 -1.00 8.02
N MET A 69 0.11 -0.14 8.58
CA MET A 69 -1.32 -0.37 8.69
C MET A 69 -1.98 -0.69 7.36
N MET A 70 -1.41 -0.18 6.28
CA MET A 70 -1.88 -0.46 4.93
C MET A 70 -1.89 -1.95 4.67
N LEU A 71 -0.85 -2.65 5.11
CA LEU A 71 -0.76 -4.08 4.95
C LEU A 71 -1.38 -4.77 6.17
N ASN A 72 -2.20 -4.08 6.92
CA ASN A 72 -2.92 -4.65 8.06
C ASN A 72 -4.42 -4.48 7.90
N GLU A 73 -4.83 -3.89 6.77
CA GLU A 73 -6.22 -3.68 6.48
C GLU A 73 -6.94 -4.97 6.12
N PRO A 74 -8.29 -4.95 6.06
CA PRO A 74 -9.11 -6.09 5.68
C PRO A 74 -9.01 -6.39 4.18
N MET A 75 -7.81 -6.29 3.63
CA MET A 75 -7.56 -6.54 2.23
C MET A 75 -6.08 -6.73 1.97
N TRP A 76 -5.30 -7.12 2.98
CA TRP A 76 -3.87 -7.30 2.86
C TRP A 76 -3.42 -8.26 3.96
N ILE A 77 -3.51 -9.57 3.70
CA ILE A 77 -3.19 -10.60 4.70
C ILE A 77 -1.98 -11.37 4.23
N ARG A 78 -1.96 -12.68 4.41
CA ARG A 78 -0.88 -13.53 3.89
C ARG A 78 -0.54 -13.25 2.43
N MET A 79 -1.55 -12.96 1.62
CA MET A 79 -1.36 -12.54 0.23
C MET A 79 -0.51 -11.29 0.14
N ARG A 80 -0.76 -10.31 1.03
CA ARG A 80 0.08 -9.14 1.08
C ARG A 80 1.56 -9.45 1.24
N ASP A 81 1.93 -10.60 1.82
CA ASP A 81 3.34 -10.97 2.02
C ASP A 81 4.19 -10.56 0.80
N GLN A 82 3.64 -10.83 -0.38
CA GLN A 82 4.31 -10.43 -1.60
C GLN A 82 4.26 -8.93 -1.82
N VAL A 83 3.06 -8.34 -1.73
CA VAL A 83 2.87 -6.90 -1.84
C VAL A 83 3.64 -6.16 -0.73
N MET A 84 4.12 -6.86 0.28
CA MET A 84 4.81 -6.34 1.44
C MET A 84 6.22 -6.02 1.03
N SER A 85 6.94 -6.99 0.47
CA SER A 85 8.28 -6.78 -0.06
C SER A 85 8.27 -6.09 -1.43
N MET A 86 7.10 -5.61 -1.85
CA MET A 86 6.96 -4.91 -3.12
C MET A 86 6.54 -3.47 -2.86
N ALA A 87 5.57 -3.29 -1.98
CA ALA A 87 5.10 -1.99 -1.57
C ALA A 87 6.00 -1.38 -0.51
N HIS A 88 7.18 -1.97 -0.29
CA HIS A 88 8.20 -1.42 0.59
C HIS A 88 9.22 -0.61 -0.18
N ASN A 89 9.33 -0.81 -1.50
CA ASN A 89 10.23 -0.09 -2.38
C ASN A 89 9.47 0.74 -3.39
N LEU A 90 8.26 0.31 -3.74
CA LEU A 90 7.38 1.13 -4.59
C LEU A 90 7.22 2.54 -4.02
N PRO A 91 6.94 2.69 -2.72
CA PRO A 91 6.88 4.00 -2.10
C PRO A 91 8.24 4.63 -1.94
N ILE A 92 9.31 3.83 -1.94
CA ILE A 92 10.67 4.38 -1.89
C ILE A 92 11.09 4.99 -3.22
N GLU A 93 10.74 4.37 -4.35
CA GLU A 93 11.06 4.90 -5.67
C GLU A 93 10.48 6.30 -5.89
N CYS A 94 9.47 6.65 -5.10
CA CYS A 94 8.91 7.99 -5.10
C CYS A 94 9.45 8.83 -3.94
N ASN A 95 10.05 8.22 -2.91
CA ASN A 95 10.67 8.83 -1.74
C ASN A 95 9.63 9.05 -0.63
N LEU A 96 8.78 8.05 -0.45
CA LEU A 96 7.71 8.13 0.52
C LEU A 96 8.18 7.42 1.77
N MET A 97 8.98 6.35 1.63
CA MET A 97 9.49 5.64 2.80
C MET A 97 10.93 5.20 2.59
N SER A 98 11.70 5.93 1.78
CA SER A 98 13.08 5.58 1.41
C SER A 98 13.84 4.95 2.57
N GLN A 99 14.13 5.77 3.57
CA GLN A 99 14.69 5.29 4.81
C GLN A 99 14.41 6.27 5.95
N PRO A 100 13.14 6.67 6.15
CA PRO A 100 12.79 7.61 7.19
C PRO A 100 12.87 6.96 8.56
N CYS A 101 11.83 6.20 8.92
CA CYS A 101 11.78 5.54 10.20
C CYS A 101 12.69 4.32 10.14
N GLN A 102 13.70 4.28 11.01
CA GLN A 102 14.65 3.19 11.09
C GLN A 102 14.68 2.63 12.50
N MET A 103 15.55 1.64 12.71
CA MET A 103 15.77 0.99 13.99
C MET A 103 17.21 1.14 14.47
N PRO A 1 10.45 -0.19 7.23
CA PRO A 1 9.26 -0.98 7.61
C PRO A 1 8.76 -1.88 6.48
N TYR A 2 7.86 -2.80 6.83
CA TYR A 2 7.31 -3.72 5.87
C TYR A 2 5.82 -3.98 6.14
N GLY A 3 5.50 -4.20 7.41
CA GLY A 3 4.14 -4.49 7.80
C GLY A 3 4.06 -4.89 9.26
N ARG A 4 4.44 -3.96 10.15
CA ARG A 4 4.40 -4.20 11.58
C ARG A 4 2.96 -4.22 12.10
N GLY A 5 2.81 -4.31 13.42
CA GLY A 5 1.52 -4.28 14.06
C GLY A 5 0.79 -2.98 13.79
N ARG A 6 -0.46 -2.92 14.24
CA ARG A 6 -1.28 -1.74 14.09
C ARG A 6 -0.82 -0.64 15.04
N THR A 7 -1.42 0.53 14.88
CA THR A 7 -1.07 1.68 15.70
C THR A 7 -2.32 2.51 15.98
N GLU A 8 -2.12 3.77 16.34
CA GLU A 8 -3.22 4.67 16.63
C GLU A 8 -3.84 5.18 15.32
N SER A 9 -4.76 6.14 15.47
CA SER A 9 -5.42 6.74 14.33
C SER A 9 -4.61 7.92 13.79
N GLY A 10 -5.25 8.75 12.96
CA GLY A 10 -4.63 9.92 12.39
C GLY A 10 -4.25 9.65 10.95
N CYS A 11 -3.02 9.14 10.73
CA CYS A 11 -2.54 8.86 9.41
C CYS A 11 -3.43 7.82 8.79
N TYR A 12 -3.37 6.58 9.24
CA TYR A 12 -4.20 5.50 8.75
C TYR A 12 -5.63 5.96 8.47
N GLN A 13 -6.18 6.76 9.38
CA GLN A 13 -7.50 7.30 9.21
C GLN A 13 -7.64 7.99 7.85
N GLN A 14 -6.69 8.90 7.54
CA GLN A 14 -6.68 9.56 6.26
C GLN A 14 -6.26 8.62 5.13
N MET A 15 -5.58 7.52 5.47
CA MET A 15 -5.12 6.56 4.52
C MET A 15 -6.30 5.81 3.92
N GLU A 16 -7.10 5.15 4.76
CA GLU A 16 -8.25 4.40 4.29
C GLU A 16 -9.20 5.31 3.52
N GLU A 17 -9.20 6.62 3.86
CA GLU A 17 -10.04 7.58 3.22
C GLU A 17 -9.48 7.94 1.85
N ALA A 18 -8.17 7.73 1.66
CA ALA A 18 -7.51 7.99 0.43
C ALA A 18 -6.82 6.77 -0.03
N GLU A 19 -7.43 5.58 0.10
CA GLU A 19 -6.87 4.31 -0.29
C GLU A 19 -6.04 4.45 -1.57
N MET A 20 -4.73 4.69 -1.40
CA MET A 20 -3.86 5.02 -2.50
C MET A 20 -2.97 3.83 -2.68
N LEU A 21 -2.66 3.12 -1.59
CA LEU A 21 -1.84 1.94 -1.62
C LEU A 21 -2.72 0.73 -1.89
N ASN A 22 -3.96 0.96 -2.32
CA ASN A 22 -4.89 -0.09 -2.63
C ASN A 22 -4.72 -0.50 -4.09
N HIS A 23 -4.41 0.49 -4.95
CA HIS A 23 -4.24 0.25 -6.36
C HIS A 23 -2.90 -0.42 -6.60
N CYS A 24 -1.81 0.25 -6.19
CA CYS A 24 -0.48 -0.30 -6.32
C CYS A 24 -0.48 -1.72 -5.78
N GLY A 25 -1.36 -2.04 -4.83
CA GLY A 25 -1.50 -3.36 -4.30
C GLY A 25 -2.16 -4.29 -5.28
N MET A 26 -3.26 -3.88 -5.91
CA MET A 26 -3.97 -4.67 -6.88
C MET A 26 -3.03 -5.18 -7.93
N TYR A 27 -2.08 -4.38 -8.38
CA TYR A 27 -1.09 -4.78 -9.36
C TYR A 27 -0.26 -5.94 -8.84
N LEU A 28 0.13 -5.89 -7.57
CA LEU A 28 0.92 -6.93 -6.97
C LEU A 28 0.05 -8.14 -6.68
N MET A 29 -1.21 -7.91 -6.31
CA MET A 29 -2.18 -8.94 -6.01
C MET A 29 -2.96 -9.33 -7.25
N LYS A 30 -2.50 -8.90 -8.42
CA LYS A 30 -3.16 -9.18 -9.68
C LYS A 30 -2.56 -10.45 -10.27
N ASN A 31 -1.38 -10.83 -9.79
CA ASN A 31 -0.72 -12.05 -10.23
C ASN A 31 -0.61 -13.02 -9.06
N LEU A 32 -1.06 -12.60 -7.87
CA LEU A 32 -1.00 -13.43 -6.69
C LEU A 32 -2.16 -14.42 -6.72
N GLY A 33 -2.09 -15.39 -7.62
CA GLY A 33 -3.12 -16.40 -7.76
C GLY A 33 -2.50 -17.78 -7.79
N GLU A 34 -3.12 -18.71 -7.09
CA GLU A 34 -2.65 -20.09 -7.03
C GLU A 34 -3.33 -20.92 -8.12
N ARG A 35 -3.20 -20.47 -9.37
CA ARG A 35 -3.79 -21.17 -10.50
C ARG A 35 -2.80 -21.21 -11.65
N SER A 36 -2.32 -20.03 -12.05
CA SER A 36 -1.38 -19.93 -13.14
C SER A 36 0.00 -19.60 -12.60
N GLN A 37 1.02 -20.14 -13.26
CA GLN A 37 2.39 -19.91 -12.85
C GLN A 37 3.05 -18.91 -13.78
N VAL A 38 3.18 -17.67 -13.30
CA VAL A 38 3.79 -16.61 -14.07
C VAL A 38 4.38 -15.58 -13.12
N SER A 39 5.38 -14.83 -13.60
CA SER A 39 6.01 -13.80 -12.81
C SER A 39 6.21 -12.55 -13.65
N PRO A 40 5.11 -11.82 -13.90
CA PRO A 40 5.14 -10.60 -14.67
C PRO A 40 5.77 -9.46 -13.90
N ARG A 41 7.10 -9.35 -13.98
CA ARG A 41 7.83 -8.32 -13.26
C ARG A 41 7.17 -6.98 -13.50
N MET A 42 7.15 -6.56 -14.77
CA MET A 42 6.60 -5.28 -15.14
C MET A 42 5.95 -5.36 -16.48
N ARG A 43 4.72 -4.85 -16.58
CA ARG A 43 3.94 -4.88 -17.81
C ARG A 43 2.48 -4.60 -17.55
N GLU A 44 2.01 -4.97 -16.34
CA GLU A 44 0.64 -4.79 -15.94
C GLU A 44 0.16 -3.41 -16.40
N GLU A 45 -1.16 -3.26 -16.46
CA GLU A 45 -1.75 -2.00 -16.88
C GLU A 45 -1.11 -0.83 -16.14
N ASP A 46 -1.49 0.38 -16.52
CA ASP A 46 -1.02 1.59 -15.89
C ASP A 46 -1.63 1.74 -14.50
N HIS A 47 -1.09 1.03 -13.50
CA HIS A 47 -1.58 1.06 -12.15
C HIS A 47 -0.42 1.09 -11.21
N LYS A 48 0.12 2.28 -10.94
CA LYS A 48 1.25 2.46 -10.04
C LYS A 48 1.34 3.88 -9.56
N GLN A 49 1.61 4.81 -10.48
CA GLN A 49 1.70 6.22 -10.15
C GLN A 49 0.46 6.65 -9.41
N LEU A 50 -0.66 5.94 -9.55
CA LEU A 50 -1.88 6.21 -8.84
C LEU A 50 -1.62 6.18 -7.33
N CYS A 51 -1.02 5.11 -6.83
CA CYS A 51 -0.66 5.01 -5.44
C CYS A 51 0.33 6.09 -5.08
N CYS A 52 1.33 6.31 -5.96
CA CYS A 52 2.32 7.34 -5.76
C CYS A 52 1.67 8.72 -5.92
N MET A 53 0.40 8.75 -6.31
CA MET A 53 -0.33 9.95 -6.58
C MET A 53 -0.85 10.48 -5.26
N GLN A 54 -1.81 9.76 -4.66
CA GLN A 54 -2.40 10.18 -3.41
C GLN A 54 -1.36 10.14 -2.32
N LEU A 55 -0.35 9.30 -2.44
CA LEU A 55 0.72 9.22 -1.47
C LEU A 55 1.36 10.59 -1.31
N LYS A 56 1.35 11.41 -2.36
CA LYS A 56 1.86 12.76 -2.29
C LYS A 56 0.93 13.64 -1.45
N ASN A 57 -0.35 13.29 -1.38
CA ASN A 57 -1.31 13.97 -0.57
C ASN A 57 -1.17 13.59 0.90
N LEU A 58 -0.54 12.43 1.16
CA LEU A 58 -0.33 11.96 2.50
C LEU A 58 0.82 12.74 3.15
N ASP A 59 0.98 12.55 4.46
CA ASP A 59 2.00 13.23 5.21
C ASP A 59 3.28 12.45 5.07
N GLU A 60 4.41 13.11 4.84
CA GLU A 60 5.69 12.46 4.71
C GLU A 60 5.96 11.55 5.91
N LYS A 61 5.50 11.96 7.09
CA LYS A 61 5.63 11.17 8.28
C LYS A 61 4.69 10.00 8.21
N CYS A 62 3.50 10.14 7.63
CA CYS A 62 2.57 9.08 7.41
C CYS A 62 3.01 8.20 6.24
N MET A 63 3.98 8.65 5.45
CA MET A 63 4.48 7.94 4.32
C MET A 63 5.57 7.01 4.76
N CYS A 64 5.25 6.01 5.55
CA CYS A 64 6.21 5.05 6.08
C CYS A 64 5.51 4.20 7.13
N PRO A 65 4.99 4.86 8.18
CA PRO A 65 4.30 4.20 9.26
C PRO A 65 2.91 3.75 8.83
N ALA A 66 2.32 4.47 7.88
CA ALA A 66 1.01 4.15 7.38
C ALA A 66 1.13 2.99 6.43
N ILE A 67 2.12 3.00 5.54
CA ILE A 67 2.32 1.93 4.57
C ILE A 67 2.05 0.58 5.22
N MET A 68 2.52 0.39 6.46
CA MET A 68 2.26 -0.81 7.20
C MET A 68 0.77 -1.09 7.33
N MET A 69 0.04 -0.19 7.98
CA MET A 69 -1.38 -0.30 8.12
C MET A 69 -2.09 -0.41 6.79
N MET A 70 -1.47 0.10 5.73
CA MET A 70 -2.03 0.05 4.41
C MET A 70 -2.22 -1.40 4.01
N LEU A 71 -1.25 -2.24 4.36
CA LEU A 71 -1.24 -3.63 3.98
C LEU A 71 -1.68 -4.46 5.18
N ASN A 72 -2.52 -3.88 6.02
CA ASN A 72 -3.07 -4.55 7.18
C ASN A 72 -4.58 -4.40 7.23
N GLU A 73 -5.15 -3.86 6.17
CA GLU A 73 -6.55 -3.60 6.09
C GLU A 73 -7.29 -4.88 5.74
N PRO A 74 -8.61 -4.78 5.51
CA PRO A 74 -9.43 -5.90 5.11
C PRO A 74 -9.19 -6.33 3.68
N MET A 75 -7.92 -6.42 3.29
CA MET A 75 -7.54 -6.79 1.96
C MET A 75 -6.05 -6.91 1.85
N TRP A 76 -5.35 -7.23 2.94
CA TRP A 76 -3.91 -7.37 2.96
C TRP A 76 -3.49 -8.18 4.16
N ILE A 77 -3.42 -9.51 3.99
CA ILE A 77 -3.13 -10.42 5.09
C ILE A 77 -2.07 -11.39 4.61
N ARG A 78 -2.44 -12.60 4.25
CA ARG A 78 -1.52 -13.62 3.82
C ARG A 78 -1.03 -13.29 2.47
N MET A 79 -1.92 -13.04 1.52
CA MET A 79 -1.61 -12.71 0.14
C MET A 79 -0.56 -11.61 0.09
N ARG A 80 -0.66 -10.65 1.04
CA ARG A 80 0.30 -9.60 1.15
C ARG A 80 1.67 -10.18 1.11
N ASP A 81 1.93 -11.37 1.53
CA ASP A 81 3.20 -12.04 1.53
C ASP A 81 4.12 -11.48 0.43
N GLN A 82 3.68 -11.59 -0.83
CA GLN A 82 4.43 -11.09 -1.94
C GLN A 82 4.48 -9.60 -1.91
N VAL A 83 3.38 -8.95 -2.31
CA VAL A 83 3.22 -7.51 -2.28
C VAL A 83 4.05 -6.90 -1.15
N MET A 84 4.09 -7.51 0.02
CA MET A 84 4.89 -7.19 1.14
C MET A 84 6.25 -6.76 0.68
N SER A 85 7.12 -7.67 0.26
CA SER A 85 8.46 -7.37 -0.20
C SER A 85 8.40 -6.62 -1.52
N MET A 86 7.51 -5.64 -1.65
CA MET A 86 7.32 -4.84 -2.81
C MET A 86 6.67 -3.52 -2.49
N ALA A 87 5.71 -3.48 -1.57
CA ALA A 87 5.04 -2.29 -1.16
C ALA A 87 5.98 -1.49 -0.30
N HIS A 88 7.17 -2.01 0.03
CA HIS A 88 8.16 -1.33 0.81
C HIS A 88 9.18 -0.72 -0.11
N ASN A 89 9.21 -1.12 -1.37
CA ASN A 89 10.14 -0.63 -2.35
C ASN A 89 9.38 0.16 -3.40
N LEU A 90 8.08 -0.07 -3.50
CA LEU A 90 7.21 0.63 -4.42
C LEU A 90 7.11 2.10 -4.01
N PRO A 91 6.80 2.36 -2.74
CA PRO A 91 6.71 3.70 -2.21
C PRO A 91 8.06 4.32 -2.02
N ILE A 92 9.02 3.53 -1.56
CA ILE A 92 10.37 4.01 -1.35
C ILE A 92 10.95 4.51 -2.66
N GLU A 93 10.76 3.76 -3.74
CA GLU A 93 11.24 4.15 -5.05
C GLU A 93 10.61 5.48 -5.48
N CYS A 94 9.51 5.86 -4.83
CA CYS A 94 8.86 7.12 -5.07
C CYS A 94 9.34 8.16 -4.08
N ASN A 95 10.00 7.74 -2.99
CA ASN A 95 10.52 8.60 -1.96
C ASN A 95 9.41 8.82 -0.92
N LEU A 96 8.44 7.93 -0.86
CA LEU A 96 7.34 8.07 0.06
C LEU A 96 7.80 7.66 1.44
N MET A 97 8.33 6.45 1.56
CA MET A 97 8.83 5.92 2.81
C MET A 97 10.26 5.51 2.72
N SER A 98 11.00 6.08 1.76
CA SER A 98 12.39 5.77 1.53
C SER A 98 13.11 5.43 2.83
N GLN A 99 13.33 6.43 3.67
CA GLN A 99 13.87 6.23 4.99
C GLN A 99 13.55 7.42 5.90
N PRO A 100 12.25 7.75 6.02
CA PRO A 100 11.80 8.83 6.86
C PRO A 100 11.91 8.50 8.33
N CYS A 101 11.15 7.49 8.75
CA CYS A 101 11.16 7.04 10.12
C CYS A 101 12.48 6.31 10.37
N GLN A 102 12.58 5.72 11.57
CA GLN A 102 13.76 4.97 11.94
C GLN A 102 13.37 3.56 12.39
N MET A 103 14.37 2.79 12.81
CA MET A 103 14.18 1.43 13.30
C MET A 103 15.06 1.13 14.53
N PRO A 1 10.46 -0.19 7.25
CA PRO A 1 9.26 -0.99 7.62
C PRO A 1 8.76 -1.88 6.49
N TYR A 2 7.85 -2.79 6.83
CA TYR A 2 7.30 -3.73 5.88
C TYR A 2 5.82 -3.98 6.15
N GLY A 3 5.49 -4.20 7.41
CA GLY A 3 4.12 -4.50 7.82
C GLY A 3 4.05 -4.89 9.27
N ARG A 4 4.44 -3.96 10.15
CA ARG A 4 4.39 -4.20 11.59
C ARG A 4 2.95 -4.22 12.11
N GLY A 5 2.81 -4.32 13.43
CA GLY A 5 1.51 -4.28 14.07
C GLY A 5 0.78 -2.98 13.79
N ARG A 6 -0.47 -2.93 14.24
CA ARG A 6 -1.29 -1.74 14.09
C ARG A 6 -0.83 -0.63 15.04
N THR A 7 -1.43 0.53 14.88
CA THR A 7 -1.08 1.68 15.70
C THR A 7 -2.32 2.51 15.98
N GLU A 8 -2.12 3.77 16.34
CA GLU A 8 -3.22 4.67 16.63
C GLU A 8 -3.85 5.19 15.33
N SER A 9 -4.77 6.15 15.47
CA SER A 9 -5.43 6.74 14.33
C SER A 9 -4.61 7.92 13.78
N GLY A 10 -5.25 8.75 12.96
CA GLY A 10 -4.64 9.93 12.38
C GLY A 10 -4.24 9.66 10.95
N CYS A 11 -3.02 9.14 10.73
CA CYS A 11 -2.53 8.86 9.41
C CYS A 11 -3.41 7.82 8.78
N TYR A 12 -3.37 6.58 9.24
CA TYR A 12 -4.21 5.51 8.75
C TYR A 12 -5.64 5.94 8.49
N GLN A 13 -6.18 6.76 9.38
CA GLN A 13 -7.51 7.30 9.21
C GLN A 13 -7.64 7.99 7.85
N GLN A 14 -6.71 8.90 7.55
CA GLN A 14 -6.68 9.57 6.26
C GLN A 14 -6.26 8.62 5.13
N MET A 15 -5.58 7.52 5.46
CA MET A 15 -5.12 6.56 4.52
C MET A 15 -6.30 5.81 3.93
N GLU A 16 -7.10 5.15 4.76
CA GLU A 16 -8.25 4.40 4.29
C GLU A 16 -9.21 5.32 3.52
N GLU A 17 -9.20 6.62 3.86
CA GLU A 17 -10.05 7.59 3.22
C GLU A 17 -9.48 7.94 1.85
N ALA A 18 -8.18 7.74 1.65
CA ALA A 18 -7.50 8.00 0.42
C ALA A 18 -6.82 6.78 -0.04
N GLU A 19 -7.42 5.58 0.09
CA GLU A 19 -6.88 4.30 -0.30
C GLU A 19 -6.04 4.43 -1.58
N MET A 20 -4.73 4.67 -1.39
CA MET A 20 -3.86 5.02 -2.50
C MET A 20 -2.97 3.83 -2.68
N LEU A 21 -2.65 3.13 -1.59
CA LEU A 21 -1.83 1.94 -1.63
C LEU A 21 -2.72 0.73 -1.89
N ASN A 22 -3.96 0.96 -2.32
CA ASN A 22 -4.89 -0.09 -2.63
C ASN A 22 -4.72 -0.50 -4.09
N HIS A 23 -4.42 0.48 -4.95
CA HIS A 23 -4.25 0.25 -6.38
C HIS A 23 -2.90 -0.40 -6.61
N CYS A 24 -1.81 0.25 -6.19
CA CYS A 24 -0.47 -0.30 -6.32
C CYS A 24 -0.48 -1.72 -5.77
N GLY A 25 -1.35 -2.04 -4.82
CA GLY A 25 -1.51 -3.37 -4.29
C GLY A 25 -2.17 -4.29 -5.27
N MET A 26 -3.26 -3.89 -5.90
CA MET A 26 -3.98 -4.67 -6.88
C MET A 26 -3.03 -5.17 -7.92
N TYR A 27 -2.08 -4.38 -8.38
CA TYR A 27 -1.09 -4.78 -9.36
C TYR A 27 -0.27 -5.95 -8.85
N LEU A 28 0.13 -5.89 -7.58
CA LEU A 28 0.93 -6.94 -6.97
C LEU A 28 0.05 -8.13 -6.68
N MET A 29 -1.21 -7.91 -6.30
CA MET A 29 -2.19 -8.93 -6.01
C MET A 29 -2.96 -9.33 -7.25
N LYS A 30 -2.50 -8.90 -8.42
CA LYS A 30 -3.16 -9.18 -9.68
C LYS A 30 -2.56 -10.45 -10.27
N ASN A 31 -1.37 -10.83 -9.80
CA ASN A 31 -0.71 -12.05 -10.22
C ASN A 31 -0.62 -13.02 -9.05
N LEU A 32 -1.04 -12.60 -7.87
CA LEU A 32 -1.00 -13.43 -6.69
C LEU A 32 -2.16 -14.42 -6.72
N GLY A 33 -2.10 -15.38 -7.63
CA GLY A 33 -3.12 -16.40 -7.76
C GLY A 33 -2.50 -17.78 -7.79
N GLU A 34 -3.12 -18.71 -7.09
CA GLU A 34 -2.65 -20.09 -7.03
C GLU A 34 -3.33 -20.92 -8.12
N ARG A 35 -3.21 -20.46 -9.37
CA ARG A 35 -3.79 -21.16 -10.51
C ARG A 35 -2.80 -21.21 -11.65
N SER A 36 -2.33 -20.03 -12.07
CA SER A 36 -1.39 -19.93 -13.16
C SER A 36 -0.01 -19.60 -12.61
N GLN A 37 1.02 -20.14 -13.26
CA GLN A 37 2.40 -19.91 -12.86
C GLN A 37 3.04 -18.90 -13.78
N VAL A 38 3.18 -17.67 -13.30
CA VAL A 38 3.79 -16.61 -14.07
C VAL A 38 4.38 -15.58 -13.13
N SER A 39 5.38 -14.83 -13.60
CA SER A 39 6.01 -13.79 -12.81
C SER A 39 6.21 -12.54 -13.66
N PRO A 40 5.10 -11.82 -13.91
CA PRO A 40 5.13 -10.60 -14.67
C PRO A 40 5.76 -9.46 -13.90
N ARG A 41 7.10 -9.35 -13.98
CA ARG A 41 7.83 -8.32 -13.26
C ARG A 41 7.17 -6.98 -13.50
N MET A 42 7.15 -6.56 -14.77
CA MET A 42 6.60 -5.28 -15.14
C MET A 42 5.96 -5.35 -16.49
N ARG A 43 4.73 -4.83 -16.58
CA ARG A 43 3.94 -4.88 -17.82
C ARG A 43 2.48 -4.60 -17.55
N GLU A 44 2.02 -4.97 -16.34
CA GLU A 44 0.63 -4.78 -15.95
C GLU A 44 0.16 -3.41 -16.40
N GLU A 45 -1.17 -3.25 -16.46
CA GLU A 45 -1.75 -2.00 -16.88
C GLU A 45 -1.11 -0.82 -16.13
N ASP A 46 -1.49 0.38 -16.52
CA ASP A 46 -1.02 1.59 -15.89
C ASP A 46 -1.63 1.74 -14.50
N HIS A 47 -1.09 1.03 -13.50
CA HIS A 47 -1.58 1.06 -12.15
C HIS A 47 -0.42 1.09 -11.21
N LYS A 48 0.12 2.28 -10.94
CA LYS A 48 1.25 2.46 -10.04
C LYS A 48 1.35 3.87 -9.56
N GLN A 49 1.61 4.80 -10.48
CA GLN A 49 1.69 6.21 -10.16
C GLN A 49 0.45 6.65 -9.42
N LEU A 50 -0.66 5.95 -9.55
CA LEU A 50 -1.89 6.22 -8.84
C LEU A 50 -1.62 6.17 -7.34
N CYS A 51 -1.02 5.10 -6.83
CA CYS A 51 -0.66 5.01 -5.44
C CYS A 51 0.34 6.08 -5.08
N CYS A 52 1.33 6.30 -5.95
CA CYS A 52 2.32 7.33 -5.76
C CYS A 52 1.67 8.72 -5.92
N MET A 53 0.39 8.76 -6.30
CA MET A 53 -0.34 9.96 -6.58
C MET A 53 -0.86 10.48 -5.26
N GLN A 54 -1.81 9.76 -4.66
CA GLN A 54 -2.40 10.18 -3.41
C GLN A 54 -1.37 10.13 -2.32
N LEU A 55 -0.35 9.29 -2.43
CA LEU A 55 0.72 9.22 -1.47
C LEU A 55 1.36 10.59 -1.31
N LYS A 56 1.36 11.41 -2.36
CA LYS A 56 1.87 12.77 -2.29
C LYS A 56 0.93 13.64 -1.45
N ASN A 57 -0.35 13.30 -1.40
CA ASN A 57 -1.32 13.98 -0.57
C ASN A 57 -1.16 13.58 0.90
N LEU A 58 -0.55 12.42 1.17
CA LEU A 58 -0.33 11.96 2.50
C LEU A 58 0.82 12.74 3.15
N ASP A 59 0.98 12.55 4.46
CA ASP A 59 2.00 13.23 5.21
C ASP A 59 3.29 12.46 5.07
N GLU A 60 4.41 13.11 4.84
CA GLU A 60 5.69 12.46 4.71
C GLU A 60 5.98 11.55 5.91
N LYS A 61 5.50 11.97 7.10
CA LYS A 61 5.63 11.17 8.28
C LYS A 61 4.69 10.01 8.22
N CYS A 62 3.50 10.15 7.65
CA CYS A 62 2.56 9.07 7.42
C CYS A 62 3.00 8.21 6.24
N MET A 63 3.98 8.64 5.45
CA MET A 63 4.48 7.93 4.30
C MET A 63 5.57 7.01 4.76
N CYS A 64 5.25 6.00 5.54
CA CYS A 64 6.21 5.05 6.08
C CYS A 64 5.51 4.20 7.13
N PRO A 65 4.98 4.86 8.17
CA PRO A 65 4.30 4.20 9.26
C PRO A 65 2.91 3.75 8.83
N ALA A 66 2.32 4.47 7.89
CA ALA A 66 1.01 4.15 7.38
C ALA A 66 1.13 3.00 6.43
N ILE A 67 2.12 3.00 5.54
CA ILE A 67 2.32 1.93 4.57
C ILE A 67 2.07 0.57 5.22
N MET A 68 2.54 0.38 6.45
CA MET A 68 2.27 -0.82 7.21
C MET A 68 0.77 -1.09 7.33
N MET A 69 0.04 -0.19 7.99
CA MET A 69 -1.38 -0.30 8.12
C MET A 69 -2.09 -0.40 6.79
N MET A 70 -1.47 0.10 5.73
CA MET A 70 -2.03 0.05 4.41
C MET A 70 -2.23 -1.40 4.02
N LEU A 71 -1.25 -2.24 4.36
CA LEU A 71 -1.24 -3.63 3.98
C LEU A 71 -1.68 -4.46 5.18
N ASN A 72 -2.52 -3.88 6.04
CA ASN A 72 -3.07 -4.55 7.18
C ASN A 72 -4.58 -4.41 7.23
N GLU A 73 -5.15 -3.87 6.17
CA GLU A 73 -6.56 -3.60 6.10
C GLU A 73 -7.29 -4.88 5.74
N PRO A 74 -8.61 -4.78 5.52
CA PRO A 74 -9.43 -5.91 5.12
C PRO A 74 -9.20 -6.34 3.68
N MET A 75 -7.92 -6.43 3.30
CA MET A 75 -7.54 -6.79 1.96
C MET A 75 -6.05 -6.93 1.85
N TRP A 76 -5.35 -7.23 2.94
CA TRP A 76 -3.91 -7.37 2.96
C TRP A 76 -3.48 -8.18 4.15
N ILE A 77 -3.40 -9.51 3.98
CA ILE A 77 -3.13 -10.42 5.09
C ILE A 77 -2.07 -11.40 4.60
N ARG A 78 -2.44 -12.61 4.23
CA ARG A 78 -1.52 -13.63 3.83
C ARG A 78 -1.04 -13.30 2.47
N MET A 79 -1.91 -13.04 1.52
CA MET A 79 -1.60 -12.72 0.14
C MET A 79 -0.57 -11.61 0.08
N ARG A 80 -0.67 -10.64 1.03
CA ARG A 80 0.29 -9.59 1.16
C ARG A 80 1.65 -10.18 1.12
N ASP A 81 1.94 -11.38 1.54
CA ASP A 81 3.21 -12.04 1.53
C ASP A 81 4.13 -11.50 0.43
N GLN A 82 3.68 -11.59 -0.83
CA GLN A 82 4.43 -11.09 -1.94
C GLN A 82 4.48 -9.61 -1.92
N VAL A 83 3.39 -8.95 -2.32
CA VAL A 83 3.22 -7.51 -2.28
C VAL A 83 4.04 -6.90 -1.14
N MET A 84 4.07 -7.49 0.03
CA MET A 84 4.89 -7.19 1.15
C MET A 84 6.25 -6.77 0.69
N SER A 85 7.13 -7.68 0.27
CA SER A 85 8.46 -7.36 -0.20
C SER A 85 8.40 -6.62 -1.52
N MET A 86 7.53 -5.63 -1.67
CA MET A 86 7.32 -4.84 -2.82
C MET A 86 6.67 -3.53 -2.49
N ALA A 87 5.71 -3.48 -1.57
CA ALA A 87 5.04 -2.28 -1.17
C ALA A 87 5.99 -1.50 -0.29
N HIS A 88 7.16 -2.02 0.03
CA HIS A 88 8.15 -1.33 0.82
C HIS A 88 9.17 -0.73 -0.11
N ASN A 89 9.20 -1.12 -1.37
CA ASN A 89 10.14 -0.63 -2.35
C ASN A 89 9.38 0.16 -3.40
N LEU A 90 8.08 -0.07 -3.52
CA LEU A 90 7.21 0.63 -4.42
C LEU A 90 7.11 2.10 -4.01
N PRO A 91 6.80 2.36 -2.74
CA PRO A 91 6.70 3.70 -2.21
C PRO A 91 8.07 4.31 -2.01
N ILE A 92 9.03 3.53 -1.55
CA ILE A 92 10.38 4.00 -1.35
C ILE A 92 10.95 4.51 -2.66
N GLU A 93 10.77 3.75 -3.74
CA GLU A 93 11.24 4.15 -5.05
C GLU A 93 10.61 5.47 -5.48
N CYS A 94 9.51 5.86 -4.84
CA CYS A 94 8.86 7.12 -5.07
C CYS A 94 9.34 8.16 -4.08
N ASN A 95 10.00 7.74 -3.00
CA ASN A 95 10.52 8.60 -1.95
C ASN A 95 9.41 8.82 -0.92
N LEU A 96 8.44 7.93 -0.85
CA LEU A 96 7.33 8.07 0.06
C LEU A 96 7.80 7.66 1.43
N MET A 97 8.32 6.44 1.56
CA MET A 97 8.82 5.92 2.80
C MET A 97 10.26 5.53 2.73
N SER A 98 11.00 6.09 1.77
CA SER A 98 12.40 5.78 1.53
C SER A 98 13.12 5.43 2.84
N GLN A 99 13.35 6.43 3.67
CA GLN A 99 13.87 6.22 5.00
C GLN A 99 13.55 7.42 5.91
N PRO A 100 12.25 7.74 6.03
CA PRO A 100 11.80 8.84 6.85
C PRO A 100 11.91 8.50 8.33
N CYS A 101 11.14 7.50 8.75
CA CYS A 101 11.16 7.04 10.12
C CYS A 101 12.48 6.31 10.39
N GLN A 102 12.58 5.72 11.57
CA GLN A 102 13.76 4.97 11.94
C GLN A 102 13.37 3.56 12.39
N MET A 103 14.38 2.78 12.81
CA MET A 103 14.18 1.43 13.30
C MET A 103 15.06 1.13 14.53
N PRO A 1 -4.33 -14.53 18.27
CA PRO A 1 -4.16 -13.29 17.42
C PRO A 1 -5.50 -12.55 17.18
N TYR A 2 -5.89 -11.76 18.17
CA TYR A 2 -7.11 -10.95 18.11
C TYR A 2 -7.11 -10.03 16.88
N GLY A 3 -8.29 -9.70 16.38
CA GLY A 3 -8.41 -8.82 15.22
C GLY A 3 -9.72 -8.06 15.30
N ARG A 4 -9.71 -6.92 16.00
CA ARG A 4 -10.90 -6.07 16.13
C ARG A 4 -10.56 -4.64 15.73
N GLY A 5 -11.17 -4.15 14.65
CA GLY A 5 -10.96 -2.79 14.18
C GLY A 5 -11.63 -1.79 15.11
N ARG A 6 -10.89 -1.25 16.07
CA ARG A 6 -11.42 -0.26 17.01
C ARG A 6 -10.31 0.56 17.62
N THR A 7 -9.94 1.64 16.97
CA THR A 7 -8.80 2.46 17.39
C THR A 7 -9.05 3.91 17.02
N GLU A 8 -8.08 4.77 17.26
CA GLU A 8 -8.18 6.18 16.89
C GLU A 8 -7.90 6.41 15.39
N SER A 9 -8.04 7.67 14.96
CA SER A 9 -7.71 8.07 13.59
C SER A 9 -6.21 8.36 13.43
N GLY A 10 -5.81 8.82 12.26
CA GLY A 10 -4.45 9.25 11.98
C GLY A 10 -4.12 8.84 10.58
N CYS A 11 -2.86 8.54 10.30
CA CYS A 11 -2.40 8.19 8.96
C CYS A 11 -3.31 7.21 8.27
N TYR A 12 -3.59 6.07 8.91
CA TYR A 12 -4.57 5.09 8.49
C TYR A 12 -5.92 5.69 8.08
N GLN A 13 -6.42 6.64 8.88
CA GLN A 13 -7.60 7.39 8.52
C GLN A 13 -7.44 8.19 7.25
N GLN A 14 -6.34 8.90 7.05
CA GLN A 14 -6.06 9.59 5.78
C GLN A 14 -5.65 8.65 4.64
N MET A 15 -5.40 7.39 4.96
CA MET A 15 -4.98 6.37 4.01
C MET A 15 -6.19 5.63 3.49
N GLU A 16 -6.97 4.98 4.35
CA GLU A 16 -8.18 4.26 3.95
C GLU A 16 -9.16 5.22 3.25
N GLU A 17 -9.18 6.48 3.69
CA GLU A 17 -10.07 7.49 3.11
C GLU A 17 -9.61 7.84 1.71
N ALA A 18 -8.36 7.56 1.40
CA ALA A 18 -7.82 7.79 0.10
C ALA A 18 -7.13 6.55 -0.42
N GLU A 19 -7.73 5.36 -0.27
CA GLU A 19 -7.17 4.04 -0.61
C GLU A 19 -6.41 4.06 -1.94
N MET A 20 -5.13 4.36 -1.85
CA MET A 20 -4.34 4.66 -3.02
C MET A 20 -3.42 3.49 -3.28
N LEU A 21 -3.04 2.84 -2.20
CA LEU A 21 -2.25 1.66 -2.27
C LEU A 21 -3.11 0.44 -2.57
N ASN A 22 -4.41 0.66 -2.79
CA ASN A 22 -5.33 -0.39 -3.20
C ASN A 22 -5.03 -0.79 -4.66
N HIS A 23 -4.51 0.15 -5.43
CA HIS A 23 -4.31 -0.05 -6.85
C HIS A 23 -3.09 -0.91 -7.06
N CYS A 24 -1.91 -0.43 -6.62
CA CYS A 24 -0.70 -1.23 -6.63
C CYS A 24 -0.91 -2.59 -5.98
N GLY A 25 -1.85 -2.70 -5.05
CA GLY A 25 -2.27 -3.96 -4.50
C GLY A 25 -2.53 -4.99 -5.55
N MET A 26 -3.56 -4.85 -6.39
CA MET A 26 -3.83 -5.77 -7.47
C MET A 26 -2.62 -6.00 -8.35
N TYR A 27 -1.78 -5.01 -8.59
CA TYR A 27 -0.52 -5.17 -9.34
C TYR A 27 0.39 -6.25 -8.77
N LEU A 28 0.53 -6.26 -7.45
CA LEU A 28 1.37 -7.21 -6.75
C LEU A 28 0.56 -8.45 -6.39
N MET A 29 -0.76 -8.33 -6.29
CA MET A 29 -1.76 -9.36 -6.03
C MET A 29 -2.25 -10.02 -7.31
N LYS A 30 -1.70 -9.63 -8.45
CA LYS A 30 -2.16 -10.11 -9.74
C LYS A 30 -1.48 -11.43 -10.00
N ASN A 31 -0.22 -11.56 -9.54
CA ASN A 31 0.46 -12.85 -9.57
C ASN A 31 0.23 -13.68 -8.31
N LEU A 32 -0.41 -13.09 -7.31
CA LEU A 32 -0.74 -13.82 -6.09
C LEU A 32 -1.99 -14.65 -6.26
N GLY A 33 -2.81 -14.33 -7.27
CA GLY A 33 -4.09 -14.98 -7.54
C GLY A 33 -5.07 -14.85 -6.35
N GLU A 34 -6.33 -15.13 -6.61
CA GLU A 34 -7.34 -15.04 -5.55
C GLU A 34 -8.42 -16.07 -5.81
N ARG A 35 -8.26 -17.24 -5.21
CA ARG A 35 -9.24 -18.32 -5.39
C ARG A 35 -10.49 -18.01 -4.57
N SER A 36 -11.55 -17.57 -5.22
CA SER A 36 -12.82 -17.28 -4.54
C SER A 36 -13.85 -16.89 -5.58
N GLN A 37 -13.59 -15.80 -6.30
CA GLN A 37 -14.48 -15.32 -7.35
C GLN A 37 -13.80 -14.20 -8.15
N VAL A 38 -14.47 -13.74 -9.18
CA VAL A 38 -13.97 -12.65 -10.01
C VAL A 38 -15.12 -11.99 -10.72
N SER A 39 -14.99 -10.71 -11.02
CA SER A 39 -16.01 -9.98 -11.75
C SER A 39 -15.43 -8.67 -12.31
N PRO A 40 -16.07 -8.09 -13.33
CA PRO A 40 -15.62 -6.85 -13.93
C PRO A 40 -15.96 -5.68 -13.01
N ARG A 41 -15.03 -5.38 -12.08
CA ARG A 41 -15.21 -4.31 -11.11
C ARG A 41 -15.63 -3.06 -11.85
N MET A 42 -14.70 -2.52 -12.63
CA MET A 42 -14.93 -1.31 -13.38
C MET A 42 -14.07 -1.28 -14.62
N ARG A 43 -12.74 -1.46 -14.44
CA ARG A 43 -11.74 -1.45 -15.51
C ARG A 43 -10.34 -1.46 -14.93
N GLU A 44 -9.38 -1.84 -15.75
CA GLU A 44 -7.97 -1.80 -15.37
C GLU A 44 -7.08 -1.74 -16.59
N GLU A 45 -5.98 -0.98 -16.49
CA GLU A 45 -5.03 -0.86 -17.59
C GLU A 45 -3.62 -0.86 -17.05
N ASP A 46 -3.31 0.09 -16.16
CA ASP A 46 -1.99 0.21 -15.58
C ASP A 46 -2.08 0.95 -14.26
N HIS A 47 -1.45 0.42 -13.22
CA HIS A 47 -1.45 1.04 -11.90
C HIS A 47 -0.03 1.10 -11.37
N LYS A 48 0.45 2.32 -11.15
CA LYS A 48 1.79 2.54 -10.61
C LYS A 48 1.91 3.94 -10.04
N GLN A 49 1.48 4.94 -10.81
CA GLN A 49 1.43 6.31 -10.33
C GLN A 49 0.23 6.58 -9.43
N LEU A 50 -0.80 5.74 -9.49
CA LEU A 50 -1.93 5.82 -8.58
C LEU A 50 -1.60 5.20 -7.22
N CYS A 51 -0.37 4.71 -7.04
CA CYS A 51 0.14 4.26 -5.77
C CYS A 51 1.26 5.19 -5.28
N CYS A 52 1.53 6.32 -5.95
CA CYS A 52 2.39 7.39 -5.44
C CYS A 52 1.69 8.76 -5.42
N MET A 53 0.73 8.97 -6.33
CA MET A 53 -0.06 10.18 -6.45
C MET A 53 -0.66 10.54 -5.12
N GLN A 54 -1.65 9.78 -4.65
CA GLN A 54 -2.30 10.10 -3.39
C GLN A 54 -1.33 10.06 -2.21
N LEU A 55 -0.22 9.32 -2.33
CA LEU A 55 0.86 9.38 -1.37
C LEU A 55 1.49 10.79 -1.23
N LYS A 56 1.43 11.62 -2.28
CA LYS A 56 1.73 13.05 -2.24
C LYS A 56 0.62 13.91 -1.60
N ASN A 57 -0.52 13.33 -1.31
CA ASN A 57 -1.59 13.97 -0.55
C ASN A 57 -1.55 13.61 0.93
N LEU A 58 -0.96 12.45 1.29
CA LEU A 58 -0.81 12.05 2.68
C LEU A 58 0.25 12.91 3.38
N ASP A 59 0.53 12.57 4.63
CA ASP A 59 1.57 13.26 5.38
C ASP A 59 2.94 12.63 5.17
N GLU A 60 3.99 13.38 5.47
CA GLU A 60 5.36 12.88 5.32
C GLU A 60 5.72 11.91 6.44
N LYS A 61 5.21 12.20 7.64
CA LYS A 61 5.35 11.27 8.75
C LYS A 61 4.38 10.12 8.65
N CYS A 62 3.37 10.16 7.78
CA CYS A 62 2.49 9.04 7.48
C CYS A 62 2.99 8.27 6.23
N MET A 63 4.03 8.74 5.56
CA MET A 63 4.57 8.07 4.40
C MET A 63 5.63 7.05 4.81
N CYS A 64 5.25 6.00 5.51
CA CYS A 64 6.17 5.01 6.06
C CYS A 64 5.44 4.19 7.09
N PRO A 65 4.92 4.83 8.14
CA PRO A 65 4.23 4.13 9.20
C PRO A 65 2.83 3.76 8.74
N ALA A 66 2.21 4.60 7.91
CA ALA A 66 0.91 4.32 7.37
C ALA A 66 1.00 3.16 6.41
N ILE A 67 1.94 3.16 5.45
CA ILE A 67 2.11 2.07 4.49
C ILE A 67 1.96 0.67 5.13
N MET A 68 2.43 0.54 6.36
CA MET A 68 2.13 -0.62 7.18
C MET A 68 0.64 -0.92 7.29
N MET A 69 -0.11 -0.10 8.03
CA MET A 69 -1.54 -0.19 8.20
C MET A 69 -2.30 -0.33 6.90
N MET A 70 -1.74 0.20 5.83
CA MET A 70 -2.32 0.08 4.51
C MET A 70 -2.42 -1.38 4.10
N LEU A 71 -1.38 -2.15 4.38
CA LEU A 71 -1.31 -3.54 4.02
C LEU A 71 -1.62 -4.35 5.26
N ASN A 72 -2.42 -3.81 6.16
CA ASN A 72 -2.95 -4.51 7.31
C ASN A 72 -4.44 -4.62 7.29
N GLU A 73 -5.07 -3.96 6.32
CA GLU A 73 -6.52 -3.94 6.18
C GLU A 73 -7.07 -5.35 5.95
N PRO A 74 -8.38 -5.55 5.85
CA PRO A 74 -8.98 -6.85 5.54
C PRO A 74 -8.74 -7.29 4.09
N MET A 75 -7.59 -6.98 3.54
CA MET A 75 -7.22 -7.34 2.21
C MET A 75 -5.72 -7.45 2.09
N TRP A 76 -4.97 -7.56 3.18
CA TRP A 76 -3.52 -7.66 3.15
C TRP A 76 -3.04 -8.39 4.42
N ILE A 77 -2.99 -9.72 4.35
CA ILE A 77 -2.67 -10.55 5.51
C ILE A 77 -1.64 -11.56 5.10
N ARG A 78 -2.09 -12.67 4.50
CA ARG A 78 -1.20 -13.72 3.99
C ARG A 78 -0.95 -13.61 2.50
N MET A 79 -1.43 -12.54 1.91
CA MET A 79 -1.46 -12.34 0.48
C MET A 79 -0.65 -11.11 0.20
N ARG A 80 -0.39 -10.29 1.22
CA ARG A 80 0.51 -9.19 1.09
C ARG A 80 1.94 -9.58 1.24
N ASP A 81 2.28 -10.76 1.74
CA ASP A 81 3.68 -11.22 1.85
C ASP A 81 4.51 -10.96 0.57
N GLN A 82 3.82 -11.03 -0.57
CA GLN A 82 4.40 -10.62 -1.84
C GLN A 82 4.27 -9.15 -2.17
N VAL A 83 3.11 -8.56 -1.97
CA VAL A 83 2.89 -7.13 -2.10
C VAL A 83 3.69 -6.32 -1.09
N MET A 84 4.36 -6.95 -0.14
CA MET A 84 5.07 -6.36 0.97
C MET A 84 6.46 -6.07 0.49
N SER A 85 7.11 -7.06 -0.14
CA SER A 85 8.42 -6.86 -0.73
C SER A 85 8.34 -6.06 -2.03
N MET A 86 7.17 -5.54 -2.38
CA MET A 86 6.98 -4.73 -3.57
C MET A 86 6.48 -3.36 -3.21
N ALA A 87 5.57 -3.29 -2.22
CA ALA A 87 5.12 -2.03 -1.68
C ALA A 87 6.12 -1.48 -0.68
N HIS A 88 7.32 -2.03 -0.58
CA HIS A 88 8.38 -1.48 0.24
C HIS A 88 9.36 -0.69 -0.60
N ASN A 89 9.40 -0.93 -1.90
CA ASN A 89 10.25 -0.22 -2.83
C ASN A 89 9.39 0.67 -3.71
N LEU A 90 8.11 0.37 -3.93
CA LEU A 90 7.21 1.27 -4.64
C LEU A 90 7.12 2.66 -3.96
N PRO A 91 6.86 2.74 -2.64
CA PRO A 91 6.80 4.00 -1.94
C PRO A 91 8.19 4.55 -1.68
N ILE A 92 9.18 3.71 -1.46
CA ILE A 92 10.55 4.16 -1.29
C ILE A 92 11.13 4.74 -2.57
N GLU A 93 10.85 4.13 -3.72
CA GLU A 93 11.29 4.62 -5.02
C GLU A 93 10.68 5.97 -5.34
N CYS A 94 9.60 6.33 -4.65
CA CYS A 94 9.05 7.65 -4.71
C CYS A 94 9.61 8.60 -3.65
N ASN A 95 10.31 8.09 -2.63
CA ASN A 95 10.92 8.78 -1.49
C ASN A 95 9.86 9.00 -0.40
N LEU A 96 8.82 8.18 -0.38
CA LEU A 96 7.75 8.37 0.55
C LEU A 96 8.23 7.81 1.87
N MET A 97 8.59 6.53 1.86
CA MET A 97 9.06 5.82 3.03
C MET A 97 10.50 5.37 2.93
N SER A 98 11.27 6.00 2.04
CA SER A 98 12.67 5.67 1.77
C SER A 98 13.44 5.18 2.99
N GLN A 99 13.75 6.07 3.90
CA GLN A 99 14.21 5.73 5.23
C GLN A 99 13.87 6.85 6.24
N PRO A 100 12.59 7.24 6.34
CA PRO A 100 12.21 8.29 7.26
C PRO A 100 12.22 7.76 8.69
N CYS A 101 11.34 6.82 9.01
CA CYS A 101 11.26 6.24 10.35
C CYS A 101 12.47 5.34 10.55
N GLN A 102 13.28 5.65 11.55
CA GLN A 102 14.48 4.87 11.88
C GLN A 102 14.40 4.40 13.31
N MET A 103 15.45 3.70 13.76
CA MET A 103 15.58 3.28 15.15
C MET A 103 15.27 4.40 16.18
N PRO A 1 10.87 11.77 20.30
CA PRO A 1 9.87 11.40 19.27
C PRO A 1 10.42 10.44 18.21
N TYR A 2 10.26 9.13 18.47
CA TYR A 2 10.79 8.10 17.60
C TYR A 2 10.39 6.71 18.08
N GLY A 3 10.27 5.76 17.15
CA GLY A 3 9.93 4.39 17.46
C GLY A 3 8.44 4.17 17.36
N ARG A 4 8.01 2.94 17.61
CA ARG A 4 6.59 2.59 17.55
C ARG A 4 5.91 3.02 18.82
N GLY A 5 4.84 3.80 18.71
CA GLY A 5 4.06 4.24 19.85
C GLY A 5 2.57 4.09 19.59
N ARG A 6 1.79 4.19 20.66
CA ARG A 6 0.34 4.09 20.55
C ARG A 6 -0.28 5.40 20.15
N THR A 7 -0.96 5.42 19.02
CA THR A 7 -1.54 6.63 18.48
C THR A 7 -2.87 6.27 17.88
N GLU A 8 -3.92 6.93 18.34
CA GLU A 8 -5.26 6.77 17.81
C GLU A 8 -5.32 6.86 16.27
N SER A 9 -6.51 6.71 15.72
CA SER A 9 -6.69 6.81 14.29
C SER A 9 -6.07 8.08 13.73
N GLY A 10 -5.44 7.97 12.57
CA GLY A 10 -4.78 9.12 11.96
C GLY A 10 -4.37 8.81 10.56
N CYS A 11 -3.16 8.33 10.32
CA CYS A 11 -2.70 8.00 8.98
C CYS A 11 -3.67 7.07 8.28
N TYR A 12 -4.06 5.99 8.97
CA TYR A 12 -5.07 5.06 8.51
C TYR A 12 -6.36 5.74 8.05
N GLN A 13 -6.62 6.94 8.58
CA GLN A 13 -7.73 7.76 8.20
C GLN A 13 -7.55 8.37 6.80
N GLN A 14 -6.35 8.87 6.50
CA GLN A 14 -6.05 9.40 5.19
C GLN A 14 -5.91 8.29 4.16
N MET A 15 -5.54 7.10 4.60
CA MET A 15 -5.39 5.95 3.74
C MET A 15 -6.71 5.58 3.09
N GLU A 16 -7.74 5.35 3.89
CA GLU A 16 -9.05 5.02 3.36
C GLU A 16 -9.61 6.18 2.51
N GLU A 17 -9.26 7.40 2.89
CA GLU A 17 -9.72 8.59 2.18
C GLU A 17 -8.98 8.73 0.86
N ALA A 18 -7.80 8.11 0.77
CA ALA A 18 -7.00 8.16 -0.41
C ALA A 18 -6.51 6.77 -0.72
N GLU A 19 -7.41 5.79 -0.89
CA GLU A 19 -7.06 4.41 -1.13
C GLU A 19 -6.02 4.32 -2.24
N MET A 20 -4.75 4.29 -1.85
CA MET A 20 -3.66 4.33 -2.80
C MET A 20 -2.84 3.08 -2.63
N LEU A 21 -2.99 2.44 -1.47
CA LEU A 21 -2.30 1.24 -1.13
C LEU A 21 -3.03 0.05 -1.72
N ASN A 22 -4.06 0.34 -2.51
CA ASN A 22 -4.83 -0.65 -3.17
C ASN A 22 -4.45 -0.68 -4.63
N HIS A 23 -4.13 0.46 -5.25
CA HIS A 23 -3.74 0.49 -6.64
C HIS A 23 -2.37 -0.15 -6.80
N CYS A 24 -1.39 0.32 -6.04
CA CYS A 24 -0.08 -0.28 -6.08
C CYS A 24 -0.12 -1.67 -5.45
N GLY A 25 -1.11 -1.95 -4.61
CA GLY A 25 -1.28 -3.25 -3.98
C GLY A 25 -1.88 -4.26 -4.94
N MET A 26 -3.01 -3.94 -5.54
CA MET A 26 -3.74 -4.79 -6.46
C MET A 26 -2.84 -5.25 -7.58
N TYR A 27 -2.01 -4.34 -8.11
CA TYR A 27 -1.03 -4.66 -9.13
C TYR A 27 -0.17 -5.86 -8.75
N LEU A 28 0.11 -5.98 -7.45
CA LEU A 28 0.90 -7.06 -6.91
C LEU A 28 -0.01 -8.26 -6.70
N MET A 29 -1.25 -8.05 -6.29
CA MET A 29 -2.24 -9.09 -6.18
C MET A 29 -2.67 -9.66 -7.53
N LYS A 30 -2.09 -9.21 -8.64
CA LYS A 30 -2.42 -9.74 -9.94
C LYS A 30 -1.66 -11.05 -10.19
N ASN A 31 -0.57 -11.26 -9.45
CA ASN A 31 0.19 -12.50 -9.54
C ASN A 31 0.40 -13.11 -8.16
N LEU A 32 -0.20 -12.51 -7.13
CA LEU A 32 -0.11 -12.99 -5.77
C LEU A 32 -1.46 -13.53 -5.32
N GLY A 33 -2.51 -13.30 -6.09
CA GLY A 33 -3.84 -13.77 -5.79
C GLY A 33 -4.80 -13.56 -6.95
N GLU A 34 -5.19 -14.63 -7.60
CA GLU A 34 -6.10 -14.52 -8.73
C GLU A 34 -7.06 -15.70 -8.70
N ARG A 35 -8.36 -15.40 -8.67
CA ARG A 35 -9.41 -16.42 -8.70
C ARG A 35 -10.14 -16.44 -10.03
N SER A 36 -11.11 -17.35 -10.15
CA SER A 36 -11.96 -17.43 -11.33
C SER A 36 -13.36 -16.94 -11.02
N GLN A 37 -14.07 -16.49 -12.04
CA GLN A 37 -15.44 -16.05 -11.93
C GLN A 37 -16.00 -15.69 -13.29
N VAL A 38 -17.07 -14.90 -13.30
CA VAL A 38 -17.65 -14.38 -14.53
C VAL A 38 -16.63 -13.62 -15.38
N SER A 39 -17.08 -13.10 -16.52
CA SER A 39 -16.23 -12.32 -17.40
C SER A 39 -16.70 -10.87 -17.43
N PRO A 40 -16.15 -10.02 -16.54
CA PRO A 40 -16.49 -8.61 -16.50
C PRO A 40 -15.88 -7.86 -17.68
N ARG A 41 -15.88 -6.53 -17.59
CA ARG A 41 -15.30 -5.68 -18.61
C ARG A 41 -15.01 -4.32 -18.04
N MET A 42 -13.83 -4.16 -17.44
CA MET A 42 -13.41 -2.88 -16.89
C MET A 42 -13.78 -1.70 -17.79
N ARG A 43 -13.92 -0.52 -17.19
CA ARG A 43 -14.25 0.67 -17.94
C ARG A 43 -13.00 1.40 -18.39
N GLU A 44 -12.19 1.80 -17.41
CA GLU A 44 -10.98 2.56 -17.66
C GLU A 44 -10.11 2.59 -16.41
N GLU A 45 -9.47 1.47 -16.12
CA GLU A 45 -8.59 1.38 -14.97
C GLU A 45 -7.20 0.97 -15.40
N ASP A 46 -6.18 1.52 -14.72
CA ASP A 46 -4.79 1.25 -15.05
C ASP A 46 -3.87 1.97 -14.06
N HIS A 47 -3.51 1.27 -12.99
CA HIS A 47 -2.67 1.86 -11.96
C HIS A 47 -1.27 2.06 -12.52
N LYS A 48 -0.50 2.96 -11.91
CA LYS A 48 0.86 3.24 -12.31
C LYS A 48 1.50 4.25 -11.40
N GLN A 49 0.86 5.39 -11.24
CA GLN A 49 1.32 6.43 -10.37
C GLN A 49 0.18 6.87 -9.49
N LEU A 50 -0.99 6.23 -9.53
CA LEU A 50 -2.09 6.54 -8.67
C LEU A 50 -1.78 6.12 -7.23
N CYS A 51 -0.67 5.42 -7.00
CA CYS A 51 -0.23 5.06 -5.68
C CYS A 51 0.87 6.00 -5.23
N CYS A 52 1.78 6.40 -6.13
CA CYS A 52 2.83 7.34 -5.79
C CYS A 52 2.28 8.77 -5.76
N MET A 53 1.30 9.06 -6.60
CA MET A 53 0.65 10.34 -6.73
C MET A 53 -0.20 10.59 -5.50
N GLN A 54 -1.18 9.73 -5.24
CA GLN A 54 -2.07 9.92 -4.11
C GLN A 54 -1.27 10.07 -2.83
N LEU A 55 -0.29 9.18 -2.59
CA LEU A 55 0.55 9.27 -1.41
C LEU A 55 1.32 10.58 -1.38
N LYS A 56 1.52 11.20 -2.55
CA LYS A 56 2.06 12.54 -2.63
C LYS A 56 1.21 13.59 -1.90
N ASN A 57 -0.05 13.26 -1.62
CA ASN A 57 -0.94 14.06 -0.81
C ASN A 57 -0.96 13.62 0.65
N LEU A 58 -0.52 12.39 0.92
CA LEU A 58 -0.41 11.87 2.27
C LEU A 58 0.56 12.74 3.11
N ASP A 59 0.84 12.27 4.32
CA ASP A 59 1.73 12.98 5.20
C ASP A 59 3.10 12.33 5.18
N GLU A 60 4.17 13.10 5.16
CA GLU A 60 5.53 12.57 5.19
C GLU A 60 5.82 11.84 6.50
N LYS A 61 4.96 12.04 7.49
CA LYS A 61 5.02 11.34 8.76
C LYS A 61 4.09 10.16 8.79
N CYS A 62 3.19 10.02 7.83
CA CYS A 62 2.32 8.87 7.67
C CYS A 62 2.80 8.00 6.50
N MET A 63 3.71 8.48 5.69
CA MET A 63 4.19 7.77 4.54
C MET A 63 5.35 6.88 4.96
N CYS A 64 5.08 5.81 5.69
CA CYS A 64 6.09 4.92 6.23
C CYS A 64 5.49 4.14 7.37
N PRO A 65 5.02 4.84 8.42
CA PRO A 65 4.44 4.20 9.58
C PRO A 65 3.02 3.73 9.28
N ALA A 66 2.32 4.44 8.41
CA ALA A 66 1.00 4.07 8.01
C ALA A 66 1.05 2.96 7.00
N ILE A 67 1.88 3.11 5.95
CA ILE A 67 2.04 2.11 4.93
C ILE A 67 2.09 0.74 5.58
N MET A 68 2.89 0.53 6.62
CA MET A 68 2.96 -0.73 7.32
C MET A 68 1.58 -1.31 7.59
N MET A 69 0.73 -0.53 8.27
CA MET A 69 -0.65 -0.91 8.52
C MET A 69 -1.47 -1.14 7.27
N MET A 70 -1.13 -0.47 6.17
CA MET A 70 -1.76 -0.66 4.89
C MET A 70 -1.64 -2.11 4.43
N LEU A 71 -0.49 -2.74 4.68
CA LEU A 71 -0.21 -4.07 4.28
C LEU A 71 -0.63 -5.03 5.37
N ASN A 72 -1.50 -4.57 6.25
CA ASN A 72 -2.03 -5.33 7.35
C ASN A 72 -3.53 -5.14 7.47
N GLU A 73 -4.14 -4.53 6.46
CA GLU A 73 -5.55 -4.27 6.47
C GLU A 73 -6.34 -5.58 6.54
N PRO A 74 -7.67 -5.49 6.62
CA PRO A 74 -8.55 -6.64 6.62
C PRO A 74 -8.65 -7.29 5.25
N MET A 75 -7.86 -6.81 4.28
CA MET A 75 -7.81 -7.34 2.94
C MET A 75 -6.38 -7.63 2.51
N TRP A 76 -5.41 -7.48 3.41
CA TRP A 76 -4.02 -7.77 3.18
C TRP A 76 -3.46 -8.79 4.16
N ILE A 77 -3.68 -10.08 3.89
CA ILE A 77 -3.36 -11.14 4.85
C ILE A 77 -2.18 -11.89 4.32
N ARG A 78 -2.22 -13.21 4.34
CA ARG A 78 -1.20 -14.06 3.77
C ARG A 78 -0.82 -13.62 2.38
N MET A 79 -1.78 -13.33 1.52
CA MET A 79 -1.54 -12.80 0.19
C MET A 79 -0.51 -11.70 0.20
N ARG A 80 -0.64 -10.77 1.16
CA ARG A 80 0.31 -9.73 1.40
C ARG A 80 1.68 -10.28 1.65
N ASP A 81 1.88 -11.30 2.47
CA ASP A 81 3.17 -11.94 2.78
C ASP A 81 4.20 -11.73 1.67
N GLN A 82 3.86 -12.19 0.47
CA GLN A 82 4.70 -12.00 -0.69
C GLN A 82 4.79 -10.58 -1.12
N VAL A 83 3.74 -10.03 -1.72
CA VAL A 83 3.59 -8.62 -2.11
C VAL A 83 4.30 -7.69 -1.14
N MET A 84 4.26 -7.97 0.16
CA MET A 84 4.95 -7.29 1.21
C MET A 84 6.36 -6.88 0.81
N SER A 85 7.01 -7.67 -0.07
CA SER A 85 8.26 -7.36 -0.70
C SER A 85 8.08 -6.60 -2.02
N MET A 86 7.17 -5.63 -2.05
CA MET A 86 6.90 -4.85 -3.23
C MET A 86 6.33 -3.51 -2.87
N ALA A 87 5.36 -3.47 -1.96
CA ALA A 87 4.81 -2.22 -1.47
C ALA A 87 5.73 -1.60 -0.42
N HIS A 88 6.90 -2.18 -0.18
CA HIS A 88 7.87 -1.65 0.72
C HIS A 88 8.95 -0.90 -0.04
N ASN A 89 9.16 -1.25 -1.32
CA ASN A 89 10.10 -0.58 -2.19
C ASN A 89 9.39 0.23 -3.25
N LEU A 90 8.13 -0.04 -3.50
CA LEU A 90 7.30 0.72 -4.41
C LEU A 90 7.14 2.16 -3.92
N PRO A 91 6.75 2.36 -2.65
CA PRO A 91 6.62 3.69 -2.08
C PRO A 91 7.97 4.33 -1.80
N ILE A 92 9.01 3.51 -1.65
CA ILE A 92 10.35 4.01 -1.43
C ILE A 92 10.96 4.49 -2.72
N GLU A 93 10.87 3.70 -3.78
CA GLU A 93 11.40 4.05 -5.10
C GLU A 93 10.94 5.44 -5.52
N CYS A 94 9.81 5.90 -4.97
CA CYS A 94 9.38 7.25 -5.13
C CYS A 94 10.03 8.15 -4.08
N ASN A 95 9.35 8.32 -2.93
CA ASN A 95 9.79 9.17 -1.84
C ASN A 95 8.73 9.25 -0.74
N LEU A 96 7.98 8.16 -0.57
CA LEU A 96 6.90 8.14 0.38
C LEU A 96 7.46 7.66 1.70
N MET A 97 7.95 6.43 1.72
CA MET A 97 8.52 5.82 2.90
C MET A 97 9.98 5.49 2.74
N SER A 98 10.64 6.14 1.78
CA SER A 98 12.05 5.93 1.47
C SER A 98 12.89 5.70 2.73
N GLN A 99 13.05 6.73 3.51
CA GLN A 99 13.68 6.62 4.80
C GLN A 99 13.29 7.79 5.71
N PRO A 100 11.97 8.03 5.87
CA PRO A 100 11.49 9.12 6.70
C PRO A 100 11.67 8.80 8.18
N CYS A 101 11.00 7.74 8.66
CA CYS A 101 11.10 7.33 10.04
C CYS A 101 12.48 6.73 10.27
N GLN A 102 13.31 7.45 11.00
CA GLN A 102 14.66 6.98 11.33
C GLN A 102 14.83 6.93 12.81
N MET A 103 16.06 6.60 13.27
CA MET A 103 16.42 6.61 14.68
C MET A 103 15.77 7.78 15.48
#